data_7LKA
#
_entry.id   7LKA
#
_cell.length_a   79.421
_cell.length_b   74.797
_cell.length_c   172.676
_cell.angle_alpha   90.000
_cell.angle_beta   99.410
_cell.angle_gamma   90.000
#
_symmetry.space_group_name_H-M   'P 1 2 1'
#
loop_
_entity.id
_entity.type
_entity.pdbx_description
1 polymer 'COV107-23 heavy chain'
2 polymer 'COV107-23 light chain'
3 non-polymer 'ACETATE ION'
4 water water
#
loop_
_entity_poly.entity_id
_entity_poly.type
_entity_poly.pdbx_seq_one_letter_code
_entity_poly.pdbx_strand_id
1 'polypeptide(L)'
;EVQLVESGGGLIQPGGSLRLSCAASGFTVSSNYMSWVRQAPGKGLEWVSVIYSGGSTFYADSVKGRFTISRDNSKNTLYL
QMNSLRAEDTAVYYCARDLGTGLFDYWGQGTLVTVSSASTKGPSVFPLAPSSKSTSGGTAALGCLVKDYFPEPVTVSWNS
GALTSGVHTFPAVLQSSGLYSLSSVVTVPSSSLGTQTYICNVNHKPSNTKVDKKVEPKSC
;
H,A,C,E
2 'polypeptide(L)'
;DIQLTQSPSFLSASVGDRVTITCRASQGISSYLAWYQQKPGKAPKLLIYAASTLQSGVPSRFSGSGSGTEFTLTISSLQP
EDFATYYCQQLDSYPPGTFGPGTKVDIKRTVAAPSVFIFPPSDEQLKSGTASVVCLLNNFYPREAKVQWKVDNALQSGNS
QESVTEQDSKDSTYSLSSTLTLSKADYEKHKVYACEVTHQGLSSPVTKSFNRGECS
;
L,B,D,F
#
loop_
_chem_comp.id
_chem_comp.type
_chem_comp.name
_chem_comp.formula
ACT non-polymer 'ACETATE ION' 'C2 H3 O2 -1'
#
# COMPACT_ATOMS: atom_id res chain seq x y z
N VAL A 2 5.23 -35.12 19.47
CA VAL A 2 5.99 -35.58 18.31
C VAL A 2 6.81 -34.42 17.73
N GLN A 3 8.09 -34.67 17.42
CA GLN A 3 8.95 -33.64 16.83
C GLN A 3 9.97 -34.29 15.87
N LEU A 4 10.24 -33.64 14.76
CA LEU A 4 11.15 -34.15 13.74
C LEU A 4 12.12 -33.03 13.40
N VAL A 5 13.40 -33.20 13.73
CA VAL A 5 14.39 -32.14 13.50
C VAL A 5 15.42 -32.63 12.48
N GLU A 6 15.52 -31.94 11.36
CA GLU A 6 16.42 -32.34 10.31
C GLU A 6 17.73 -31.55 10.36
N SER A 7 18.78 -32.15 9.81
CA SER A 7 20.06 -31.48 9.62
C SER A 7 20.84 -32.13 8.47
N GLY A 8 21.97 -31.49 8.12
CA GLY A 8 22.92 -32.02 7.14
C GLY A 8 22.88 -31.40 5.77
N GLY A 9 21.86 -30.60 5.46
CA GLY A 9 21.84 -29.96 4.17
C GLY A 9 22.91 -28.90 4.03
N GLY A 10 23.19 -28.57 2.78
CA GLY A 10 24.10 -27.49 2.47
C GLY A 10 24.50 -27.55 1.02
N LEU A 11 25.60 -26.90 0.73
CA LEU A 11 26.11 -26.80 -0.63
C LEU A 11 26.97 -28.01 -0.94
N ILE A 12 26.87 -28.51 -2.17
CA ILE A 12 27.60 -29.71 -2.57
C ILE A 12 27.71 -29.70 -4.08
N GLN A 13 28.80 -30.26 -4.60
CA GLN A 13 29.07 -30.23 -6.03
C GLN A 13 28.34 -31.37 -6.74
N PRO A 14 27.92 -31.15 -7.99
CA PRO A 14 27.40 -32.25 -8.81
C PRO A 14 28.38 -33.42 -8.78
N GLY A 15 27.83 -34.64 -8.75
CA GLY A 15 28.64 -35.83 -8.56
C GLY A 15 29.02 -36.14 -7.13
N GLY A 16 28.72 -35.25 -6.18
CA GLY A 16 29.14 -35.42 -4.80
C GLY A 16 28.11 -36.20 -3.98
N SER A 17 28.40 -36.30 -2.68
CA SER A 17 27.63 -37.12 -1.75
C SER A 17 27.27 -36.28 -0.55
N LEU A 18 26.17 -36.63 0.10
CA LEU A 18 25.70 -35.84 1.23
C LEU A 18 24.75 -36.68 2.04
N ARG A 19 24.87 -36.63 3.36
CA ARG A 19 24.01 -37.45 4.23
C ARG A 19 23.18 -36.53 5.11
N LEU A 20 21.86 -36.70 5.03
CA LEU A 20 20.88 -36.02 5.85
C LEU A 20 20.46 -36.86 7.05
N SER A 21 20.13 -36.17 8.14
CA SER A 21 19.61 -36.80 9.35
C SER A 21 18.28 -36.15 9.77
N CYS A 22 17.45 -36.96 10.39
CA CYS A 22 16.18 -36.53 10.95
C CYS A 22 16.03 -37.18 12.33
N ALA A 23 16.12 -36.36 13.39
CA ALA A 23 16.13 -36.81 14.77
C ALA A 23 14.70 -36.71 15.33
N ALA A 24 14.13 -37.86 15.71
CA ALA A 24 12.70 -37.99 15.98
C ALA A 24 12.40 -38.12 17.48
N SER A 25 11.43 -37.34 17.95
CA SER A 25 10.94 -37.31 19.33
C SER A 25 9.46 -37.69 19.36
N GLY A 26 9.04 -38.30 20.46
CA GLY A 26 7.63 -38.52 20.71
C GLY A 26 7.06 -39.76 20.07
N PHE A 27 7.89 -40.52 19.37
CA PHE A 27 7.46 -41.79 18.79
C PHE A 27 8.73 -42.47 18.32
N THR A 28 8.61 -43.76 18.01
CA THR A 28 9.76 -44.57 17.68
C THR A 28 9.76 -44.91 16.20
N VAL A 29 10.86 -44.55 15.54
CA VAL A 29 10.97 -44.72 14.10
C VAL A 29 10.98 -46.20 13.71
N SER A 30 11.32 -47.11 14.64
CA SER A 30 11.32 -48.53 14.28
C SER A 30 9.93 -49.00 13.91
N SER A 31 8.90 -48.39 14.51
CA SER A 31 7.54 -48.89 14.45
C SER A 31 6.67 -48.16 13.40
N ASN A 32 7.27 -47.36 12.54
CA ASN A 32 6.50 -46.56 11.60
C ASN A 32 7.03 -46.74 10.18
N TYR A 33 6.17 -46.41 9.23
CA TYR A 33 6.66 -45.91 7.95
C TYR A 33 7.28 -44.52 8.14
N MET A 34 8.51 -44.35 7.63
CA MET A 34 9.18 -43.05 7.64
C MET A 34 9.58 -42.67 6.23
N SER A 35 9.51 -41.37 5.91
CA SER A 35 9.59 -40.98 4.52
C SER A 35 10.42 -39.71 4.35
N TRP A 36 11.08 -39.61 3.19
CA TRP A 36 11.67 -38.37 2.73
C TRP A 36 10.86 -37.82 1.54
N VAL A 37 10.56 -36.53 1.62
CA VAL A 37 9.80 -35.75 0.63
C VAL A 37 10.54 -34.43 0.34
N ARG A 38 10.83 -34.15 -0.92
CA ARG A 38 11.56 -32.92 -1.22
C ARG A 38 10.73 -31.97 -2.07
N GLN A 39 11.21 -30.72 -2.16
CA GLN A 39 10.49 -29.66 -2.85
C GLN A 39 11.52 -28.70 -3.45
N ALA A 40 11.73 -28.81 -4.76
CA ALA A 40 12.64 -27.90 -5.46
C ALA A 40 12.12 -26.47 -5.33
N PRO A 41 13.00 -25.47 -5.33
CA PRO A 41 12.54 -24.08 -5.23
C PRO A 41 11.48 -23.70 -6.28
N GLY A 42 10.38 -23.11 -5.80
CA GLY A 42 9.23 -22.77 -6.64
C GLY A 42 8.44 -23.93 -7.24
N LYS A 43 8.71 -25.17 -6.84
CA LYS A 43 8.00 -26.29 -7.46
C LYS A 43 7.20 -27.10 -6.44
N GLY A 44 6.65 -28.23 -6.88
CA GLY A 44 5.74 -29.02 -6.08
C GLY A 44 6.49 -30.04 -5.24
N LEU A 45 5.73 -30.84 -4.52
CA LEU A 45 6.28 -31.83 -3.61
C LEU A 45 6.57 -33.15 -4.33
N GLU A 46 7.63 -33.84 -3.90
CA GLU A 46 7.95 -35.16 -4.43
C GLU A 46 8.33 -36.11 -3.31
N TRP A 47 7.59 -37.20 -3.20
CA TRP A 47 7.91 -38.27 -2.27
C TRP A 47 9.03 -39.12 -2.89
N VAL A 48 10.21 -39.14 -2.26
CA VAL A 48 11.33 -39.81 -2.88
C VAL A 48 11.71 -41.11 -2.17
N SER A 49 11.39 -41.26 -0.88
CA SER A 49 11.84 -42.52 -0.25
C SER A 49 10.95 -42.91 0.92
N VAL A 50 10.83 -44.23 1.16
CA VAL A 50 10.06 -44.74 2.31
C VAL A 50 10.79 -45.95 2.93
N ILE A 51 10.82 -45.99 4.26
CA ILE A 51 11.31 -47.13 5.05
C ILE A 51 10.16 -47.67 5.91
N TYR A 52 9.80 -48.93 5.67
CA TYR A 52 8.71 -49.63 6.36
C TYR A 52 9.12 -50.05 7.78
N SER A 53 8.11 -50.40 8.59
CA SER A 53 8.31 -50.79 9.99
C SER A 53 9.38 -51.87 10.14
N GLY A 54 9.29 -52.91 9.32
CA GLY A 54 10.23 -54.00 9.41
C GLY A 54 11.33 -53.92 8.40
N GLY A 55 11.68 -52.69 8.00
CA GLY A 55 12.92 -52.37 7.32
C GLY A 55 12.93 -52.49 5.82
N SER A 56 11.77 -52.72 5.19
CA SER A 56 11.72 -52.69 3.75
C SER A 56 11.79 -51.24 3.31
N THR A 57 12.48 -51.03 2.20
CA THR A 57 12.74 -49.69 1.70
C THR A 57 12.35 -49.61 0.23
N PHE A 58 11.75 -48.49 -0.15
CA PHE A 58 11.38 -48.29 -1.55
C PHE A 58 11.68 -46.86 -1.94
N TYR A 59 12.03 -46.68 -3.21
CA TYR A 59 12.53 -45.42 -3.72
C TYR A 59 11.80 -45.01 -4.98
N ALA A 60 11.58 -43.71 -5.14
CA ALA A 60 11.17 -43.18 -6.42
C ALA A 60 12.28 -43.41 -7.45
N ASP A 61 11.88 -43.60 -8.70
CA ASP A 61 12.86 -43.97 -9.70
C ASP A 61 13.85 -42.85 -10.02
N SER A 62 13.51 -41.60 -9.72
CA SER A 62 14.45 -40.49 -9.91
C SER A 62 15.64 -40.55 -8.94
N VAL A 63 15.52 -41.25 -7.82
CA VAL A 63 16.61 -41.38 -6.86
C VAL A 63 17.07 -42.82 -6.69
N LYS A 64 16.43 -43.80 -7.34
CA LYS A 64 16.83 -45.19 -7.17
C LYS A 64 18.23 -45.42 -7.67
N GLY A 65 19.01 -46.17 -6.90
CA GLY A 65 20.40 -46.42 -7.20
C GLY A 65 21.36 -45.38 -6.64
N ARG A 66 20.86 -44.22 -6.20
CA ARG A 66 21.71 -43.13 -5.74
C ARG A 66 21.48 -42.73 -4.31
N PHE A 67 20.25 -42.84 -3.82
CA PHE A 67 19.85 -42.47 -2.47
C PHE A 67 19.55 -43.74 -1.66
N THR A 68 19.75 -43.65 -0.35
CA THR A 68 19.57 -44.80 0.55
C THR A 68 18.94 -44.29 1.83
N ILE A 69 17.80 -44.82 2.17
CA ILE A 69 17.10 -44.41 3.37
C ILE A 69 17.44 -45.44 4.44
N SER A 70 17.68 -44.97 5.65
CA SER A 70 17.97 -45.93 6.72
C SER A 70 17.63 -45.23 8.01
N ARG A 71 17.74 -45.97 9.12
CA ARG A 71 17.51 -45.35 10.40
C ARG A 71 18.43 -46.00 11.42
N ASP A 72 18.65 -45.27 12.51
CA ASP A 72 19.28 -45.79 13.72
C ASP A 72 18.19 -45.84 14.78
N ASN A 73 17.68 -47.06 15.05
CA ASN A 73 16.65 -47.23 16.07
C ASN A 73 17.13 -46.70 17.41
N SER A 74 18.36 -47.03 17.80
CA SER A 74 18.86 -46.63 19.11
C SER A 74 18.99 -45.11 19.22
N LYS A 75 19.37 -44.44 18.13
CA LYS A 75 19.35 -42.98 18.12
C LYS A 75 18.00 -42.42 17.73
N ASN A 76 17.06 -43.28 17.31
CA ASN A 76 15.74 -42.85 16.83
C ASN A 76 15.88 -41.79 15.74
N THR A 77 16.77 -42.04 14.77
CA THR A 77 17.07 -41.06 13.74
C THR A 77 16.88 -41.70 12.38
N LEU A 78 16.36 -40.92 11.44
CA LEU A 78 16.25 -41.29 10.04
C LEU A 78 17.41 -40.67 9.28
N TYR A 79 17.83 -41.34 8.22
CA TYR A 79 18.96 -40.88 7.43
C TYR A 79 18.59 -41.00 5.97
N LEU A 80 19.10 -40.05 5.19
CA LEU A 80 19.07 -40.13 3.73
C LEU A 80 20.51 -39.96 3.26
N GLN A 81 21.09 -41.02 2.71
CA GLN A 81 22.40 -40.94 2.09
C GLN A 81 22.22 -40.67 0.60
N MET A 82 22.80 -39.59 0.11
CA MET A 82 22.72 -39.22 -1.30
C MET A 82 24.08 -39.41 -1.93
N ASN A 83 24.11 -40.03 -3.10
CA ASN A 83 25.32 -40.08 -3.93
C ASN A 83 25.01 -39.59 -5.34
N SER A 84 26.06 -39.31 -6.10
CA SER A 84 25.98 -38.89 -7.50
C SER A 84 24.92 -37.80 -7.69
N LEU A 85 25.07 -36.73 -6.92
CA LEU A 85 24.05 -35.71 -6.93
C LEU A 85 24.09 -34.93 -8.25
N ARG A 86 22.92 -34.40 -8.62
CA ARG A 86 22.62 -33.65 -9.84
C ARG A 86 22.01 -32.32 -9.44
N ALA A 87 22.17 -31.32 -10.33
CA ALA A 87 21.56 -30.01 -10.10
C ALA A 87 20.08 -30.12 -9.76
N GLU A 88 19.35 -30.99 -10.48
CA GLU A 88 17.91 -31.22 -10.24
C GLU A 88 17.58 -31.75 -8.84
N ASP A 89 18.58 -32.21 -8.06
CA ASP A 89 18.35 -32.64 -6.68
C ASP A 89 18.32 -31.48 -5.71
N THR A 90 18.61 -30.25 -6.17
CA THR A 90 18.48 -29.10 -5.32
C THR A 90 17.04 -28.95 -4.83
N ALA A 91 16.85 -28.88 -3.51
CA ALA A 91 15.48 -28.86 -2.99
C ALA A 91 15.54 -28.71 -1.49
N VAL A 92 14.42 -28.32 -0.89
CA VAL A 92 14.24 -28.54 0.54
C VAL A 92 13.87 -29.99 0.75
N TYR A 93 14.56 -30.69 1.65
CA TYR A 93 14.27 -32.08 1.94
C TYR A 93 13.58 -32.15 3.29
N TYR A 94 12.51 -32.92 3.36
CA TYR A 94 11.69 -33.09 4.54
C TYR A 94 11.69 -34.56 4.91
N CYS A 95 11.81 -34.84 6.20
CA CYS A 95 11.40 -36.17 6.67
C CYS A 95 9.97 -36.07 7.20
N ALA A 96 9.27 -37.18 7.11
CA ALA A 96 7.87 -37.20 7.53
C ALA A 96 7.52 -38.57 8.11
N ARG A 97 6.65 -38.56 9.13
CA ARG A 97 5.97 -39.78 9.54
C ARG A 97 4.88 -40.08 8.54
N ASP A 98 4.95 -41.26 7.92
CA ASP A 98 4.01 -41.73 6.91
C ASP A 98 3.13 -42.81 7.56
N LEU A 99 1.81 -42.65 7.47
CA LEU A 99 0.86 -43.58 8.04
C LEU A 99 0.58 -44.74 7.13
N GLY A 100 1.49 -45.01 6.23
CA GLY A 100 1.30 -45.93 5.12
C GLY A 100 0.71 -45.21 3.93
N THR A 101 1.05 -45.72 2.75
CA THR A 101 0.56 -45.23 1.46
C THR A 101 0.95 -43.77 1.20
N GLY A 102 1.96 -43.28 1.91
CA GLY A 102 2.47 -41.94 1.66
C GLY A 102 1.60 -40.85 2.21
N LEU A 103 0.85 -41.13 3.29
CA LEU A 103 0.04 -40.14 3.99
C LEU A 103 0.88 -39.48 5.09
N PHE A 104 1.29 -38.23 4.87
CA PHE A 104 2.25 -37.55 5.74
C PHE A 104 1.52 -36.69 6.74
N ASP A 105 1.45 -37.14 8.00
CA ASP A 105 0.79 -36.32 9.02
C ASP A 105 1.75 -35.49 9.84
N TYR A 106 3.01 -35.90 9.94
CA TYR A 106 3.98 -35.19 10.76
C TYR A 106 5.23 -34.91 9.91
N TRP A 107 5.74 -33.68 9.94
CA TRP A 107 6.80 -33.25 9.04
C TRP A 107 7.93 -32.59 9.79
N GLY A 108 9.17 -32.85 9.37
CA GLY A 108 10.29 -32.03 9.77
C GLY A 108 10.18 -30.60 9.29
N GLN A 109 11.12 -29.76 9.70
CA GLN A 109 11.13 -28.36 9.27
C GLN A 109 11.81 -28.16 7.92
N GLY A 110 12.45 -29.19 7.36
CA GLY A 110 13.10 -29.08 6.07
C GLY A 110 14.57 -28.68 6.21
N THR A 111 15.43 -29.26 5.36
CA THR A 111 16.82 -28.81 5.23
C THR A 111 17.14 -28.64 3.75
N LEU A 112 17.67 -27.47 3.41
CA LEU A 112 17.99 -27.13 2.03
C LEU A 112 19.26 -27.82 1.54
N VAL A 113 19.17 -28.49 0.39
CA VAL A 113 20.32 -29.07 -0.28
C VAL A 113 20.49 -28.35 -1.60
N THR A 114 21.68 -27.75 -1.84
CA THR A 114 22.00 -27.06 -3.07
C THR A 114 23.12 -27.79 -3.80
N VAL A 115 22.83 -28.25 -5.02
CA VAL A 115 23.78 -29.00 -5.82
C VAL A 115 24.20 -28.08 -6.96
N SER A 116 25.44 -27.58 -6.91
CA SER A 116 25.87 -26.68 -7.97
C SER A 116 27.39 -26.74 -8.06
N SER A 117 27.90 -26.41 -9.26
CA SER A 117 29.34 -26.22 -9.52
C SER A 117 29.88 -24.84 -9.08
N ALA A 118 29.01 -23.86 -8.84
CA ALA A 118 29.47 -22.50 -8.55
C ALA A 118 30.26 -22.44 -7.25
N SER A 119 31.24 -21.54 -7.19
CA SER A 119 31.93 -21.36 -5.91
C SER A 119 31.17 -20.36 -5.06
N THR A 120 31.37 -20.43 -3.75
CA THR A 120 30.80 -19.44 -2.85
C THR A 120 31.39 -18.08 -3.15
N LYS A 121 30.51 -17.08 -3.35
CA LYS A 121 30.91 -15.78 -3.90
C LYS A 121 29.98 -14.70 -3.34
N GLY A 122 30.56 -13.66 -2.74
CA GLY A 122 29.80 -12.51 -2.33
C GLY A 122 29.31 -11.72 -3.52
N PRO A 123 28.26 -10.90 -3.32
CA PRO A 123 27.62 -10.14 -4.41
C PRO A 123 28.30 -8.81 -4.68
N SER A 124 28.19 -8.36 -5.93
CA SER A 124 28.36 -6.95 -6.24
C SER A 124 27.06 -6.20 -5.96
N VAL A 125 27.16 -5.04 -5.33
CA VAL A 125 25.97 -4.25 -5.01
C VAL A 125 26.02 -2.93 -5.78
N PHE A 126 25.03 -2.71 -6.63
CA PHE A 126 24.94 -1.52 -7.49
C PHE A 126 23.71 -0.69 -7.13
N PRO A 127 23.77 0.63 -7.30
CA PRO A 127 22.60 1.47 -6.98
C PRO A 127 21.57 1.41 -8.10
N LEU A 128 20.30 1.49 -7.70
CA LEU A 128 19.16 1.78 -8.57
C LEU A 128 18.76 3.19 -8.13
N ALA A 129 19.28 4.21 -8.82
CA ALA A 129 19.33 5.57 -8.30
C ALA A 129 18.02 6.30 -8.58
N PRO A 130 17.48 7.04 -7.61
CA PRO A 130 16.31 7.86 -7.92
C PRO A 130 16.65 8.87 -9.03
N SER A 131 15.75 9.01 -9.99
CA SER A 131 15.96 9.85 -11.17
C SER A 131 14.65 10.58 -11.46
N SER A 132 14.54 11.13 -12.66
CA SER A 132 13.23 11.63 -13.11
C SER A 132 12.33 10.50 -13.58
N LYS A 133 12.92 9.39 -14.08
CA LYS A 133 12.19 8.21 -14.54
C LYS A 133 11.87 7.23 -13.42
N SER A 134 12.27 7.54 -12.17
CA SER A 134 11.86 6.80 -10.98
C SER A 134 11.18 7.73 -9.96
N THR A 135 10.67 8.87 -10.41
CA THR A 135 9.94 9.82 -9.57
C THR A 135 8.66 10.24 -10.29
N SER A 136 7.53 10.09 -9.62
CA SER A 136 6.27 10.61 -10.13
C SER A 136 5.50 11.15 -8.93
N GLY A 137 5.18 12.45 -8.99
CA GLY A 137 4.56 13.13 -7.87
C GLY A 137 5.54 13.27 -6.70
N GLY A 138 4.99 13.19 -5.50
CA GLY A 138 5.79 13.16 -4.30
C GLY A 138 6.40 11.82 -3.94
N THR A 139 6.36 10.83 -4.85
CA THR A 139 6.91 9.50 -4.60
C THR A 139 8.10 9.23 -5.52
N ALA A 140 9.16 8.65 -4.95
CA ALA A 140 10.34 8.24 -5.69
C ALA A 140 10.69 6.79 -5.34
N ALA A 141 11.16 6.05 -6.32
CA ALA A 141 11.64 4.70 -6.15
C ALA A 141 13.17 4.70 -6.21
N LEU A 142 13.79 3.99 -5.27
CA LEU A 142 15.24 3.79 -5.32
C LEU A 142 15.51 2.38 -4.81
N GLY A 143 16.71 1.88 -5.09
CA GLY A 143 17.01 0.56 -4.57
C GLY A 143 18.43 0.13 -4.81
N CYS A 144 18.66 -1.16 -4.58
CA CYS A 144 19.95 -1.78 -4.77
C CYS A 144 19.76 -3.05 -5.57
N LEU A 145 20.65 -3.24 -6.54
CA LEU A 145 20.79 -4.48 -7.29
C LEU A 145 21.92 -5.29 -6.68
N VAL A 146 21.59 -6.48 -6.20
CA VAL A 146 22.50 -7.37 -5.50
C VAL A 146 22.80 -8.49 -6.48
N LYS A 147 23.96 -8.43 -7.15
CA LYS A 147 24.20 -9.22 -8.34
C LYS A 147 25.33 -10.24 -8.15
N ASP A 148 25.13 -11.47 -8.69
CA ASP A 148 26.17 -12.48 -8.87
C ASP A 148 26.74 -13.01 -7.55
N TYR A 149 25.86 -13.46 -6.65
CA TYR A 149 26.31 -14.10 -5.43
C TYR A 149 25.96 -15.57 -5.45
N PHE A 150 26.55 -16.31 -4.51
CA PHE A 150 26.24 -17.73 -4.39
C PHE A 150 26.80 -18.28 -3.09
N PRO A 151 26.03 -19.12 -2.36
CA PRO A 151 24.65 -19.47 -2.68
C PRO A 151 23.65 -18.54 -1.97
N GLU A 152 22.35 -18.86 -2.03
CA GLU A 152 21.39 -18.22 -1.13
C GLU A 152 21.78 -18.54 0.30
N PRO A 153 21.35 -17.72 1.29
CA PRO A 153 20.56 -16.48 1.13
C PRO A 153 21.41 -15.21 1.28
N VAL A 154 20.78 -14.09 0.98
CA VAL A 154 21.29 -12.77 1.26
C VAL A 154 20.19 -12.05 2.04
N THR A 155 20.56 -11.23 3.00
CA THR A 155 19.57 -10.35 3.56
C THR A 155 19.87 -8.90 3.20
N VAL A 156 18.82 -8.13 3.04
CA VAL A 156 18.93 -6.72 2.74
C VAL A 156 18.07 -5.99 3.75
N SER A 157 18.65 -4.99 4.41
CA SER A 157 17.83 -4.02 5.13
C SER A 157 18.13 -2.63 4.59
N TRP A 158 17.37 -1.65 5.09
CA TRP A 158 17.56 -0.27 4.68
C TRP A 158 17.75 0.58 5.93
N ASN A 159 18.79 1.40 5.91
CA ASN A 159 19.13 2.30 7.01
C ASN A 159 19.19 1.54 8.33
N SER A 160 19.88 0.39 8.29
CA SER A 160 20.08 -0.51 9.43
C SER A 160 18.76 -0.86 10.10
N GLY A 161 17.70 -1.00 9.32
CA GLY A 161 16.42 -1.43 9.84
C GLY A 161 15.49 -0.33 10.26
N ALA A 162 15.95 0.92 10.31
CA ALA A 162 15.08 2.03 10.63
C ALA A 162 14.06 2.30 9.52
N LEU A 163 14.29 1.79 8.32
CA LEU A 163 13.42 2.08 7.18
C LEU A 163 12.84 0.75 6.70
N THR A 164 11.54 0.54 6.91
CA THR A 164 10.92 -0.71 6.47
C THR A 164 9.62 -0.53 5.71
N SER A 165 8.90 0.58 5.87
CA SER A 165 7.71 0.79 5.07
C SER A 165 8.09 1.08 3.62
N GLY A 166 7.32 0.48 2.71
CA GLY A 166 7.55 0.63 1.28
C GLY A 166 8.71 -0.17 0.71
N VAL A 167 9.39 -0.99 1.49
CA VAL A 167 10.48 -1.84 0.98
C VAL A 167 9.89 -3.08 0.32
N HIS A 168 10.38 -3.42 -0.88
CA HIS A 168 10.15 -4.72 -1.50
C HIS A 168 11.51 -5.35 -1.81
N THR A 169 11.85 -6.42 -1.12
CA THR A 169 13.06 -7.17 -1.45
C THR A 169 12.57 -8.39 -2.23
N PHE A 170 12.93 -8.44 -3.49
CA PHE A 170 12.35 -9.43 -4.37
C PHE A 170 13.06 -10.76 -4.21
N PRO A 171 12.37 -11.87 -4.49
CA PRO A 171 13.06 -13.17 -4.52
C PRO A 171 14.17 -13.16 -5.54
N ALA A 172 15.26 -13.83 -5.21
CA ALA A 172 16.39 -13.93 -6.12
C ALA A 172 16.02 -14.77 -7.35
N VAL A 173 16.66 -14.45 -8.48
CA VAL A 173 16.61 -15.28 -9.67
C VAL A 173 17.96 -15.99 -9.80
N LEU A 174 17.94 -17.24 -10.26
CA LEU A 174 19.18 -17.94 -10.63
C LEU A 174 19.47 -17.64 -12.09
N GLN A 175 20.63 -17.04 -12.36
CA GLN A 175 20.99 -16.67 -13.73
C GLN A 175 21.60 -17.86 -14.46
N SER A 176 21.77 -17.73 -15.79
CA SER A 176 22.42 -18.81 -16.55
C SER A 176 23.80 -19.14 -15.99
N SER A 177 24.52 -18.11 -15.51
CA SER A 177 25.81 -18.28 -14.86
C SER A 177 25.79 -19.23 -13.66
N GLY A 178 24.62 -19.53 -13.09
CA GLY A 178 24.57 -20.28 -11.86
C GLY A 178 24.70 -19.45 -10.62
N LEU A 179 24.75 -18.12 -10.76
CA LEU A 179 24.80 -17.20 -9.64
C LEU A 179 23.45 -16.52 -9.52
N TYR A 180 23.16 -16.05 -8.32
CA TYR A 180 21.89 -15.41 -8.02
C TYR A 180 21.99 -13.89 -8.17
N SER A 181 20.88 -13.28 -8.52
CA SER A 181 20.73 -11.83 -8.54
C SER A 181 19.39 -11.48 -7.92
N LEU A 182 19.35 -10.39 -7.15
CA LEU A 182 18.07 -9.88 -6.67
C LEU A 182 18.09 -8.36 -6.55
N SER A 183 16.92 -7.76 -6.59
CA SER A 183 16.83 -6.34 -6.35
C SER A 183 16.02 -6.08 -5.10
N SER A 184 16.34 -4.99 -4.41
CA SER A 184 15.58 -4.53 -3.25
C SER A 184 15.26 -3.06 -3.49
N VAL A 185 13.98 -2.69 -3.43
CA VAL A 185 13.57 -1.33 -3.73
C VAL A 185 12.80 -0.78 -2.55
N VAL A 186 12.76 0.54 -2.47
CA VAL A 186 11.89 1.22 -1.52
C VAL A 186 11.35 2.46 -2.21
N THR A 187 10.10 2.82 -1.88
CA THR A 187 9.48 4.06 -2.35
C THR A 187 9.44 5.04 -1.18
N VAL A 188 9.88 6.28 -1.43
CA VAL A 188 10.07 7.28 -0.39
C VAL A 188 9.54 8.62 -0.89
N PRO A 189 9.28 9.55 0.03
CA PRO A 189 8.89 10.92 -0.39
C PRO A 189 9.96 11.56 -1.27
N SER A 190 9.56 12.02 -2.45
CA SER A 190 10.49 12.83 -3.25
C SER A 190 11.07 13.98 -2.45
N SER A 191 10.28 14.55 -1.52
CA SER A 191 10.76 15.61 -0.64
C SER A 191 12.02 15.20 0.11
N SER A 192 12.14 13.91 0.41
CA SER A 192 13.21 13.43 1.29
C SER A 192 14.53 13.28 0.56
N LEU A 193 14.50 13.07 -0.75
CA LEU A 193 15.74 12.94 -1.51
C LEU A 193 16.65 14.14 -1.26
N GLY A 194 17.96 13.91 -1.36
CA GLY A 194 18.91 14.99 -1.21
C GLY A 194 19.08 15.51 0.20
N THR A 195 18.16 15.21 1.11
CA THR A 195 18.37 15.48 2.52
C THR A 195 18.33 14.23 3.40
N GLN A 196 17.63 13.18 3.00
CA GLN A 196 17.65 11.90 3.71
C GLN A 196 18.59 10.94 3.00
N THR A 197 19.48 10.30 3.77
CA THR A 197 20.40 9.32 3.23
C THR A 197 19.74 7.94 3.22
N TYR A 198 19.91 7.23 2.12
CA TYR A 198 19.35 5.89 1.97
C TYR A 198 20.48 4.92 1.69
N ILE A 199 20.70 4.00 2.64
CA ILE A 199 21.74 3.00 2.58
C ILE A 199 21.06 1.64 2.57
N CYS A 200 21.42 0.79 1.62
CA CYS A 200 21.01 -0.60 1.70
C CYS A 200 22.14 -1.42 2.29
N ASN A 201 21.83 -2.15 3.34
CA ASN A 201 22.76 -3.02 4.04
C ASN A 201 22.53 -4.45 3.58
N VAL A 202 23.51 -4.95 2.85
CA VAL A 202 23.48 -6.29 2.26
C VAL A 202 24.38 -7.18 3.09
N ASN A 203 23.89 -8.35 3.46
CA ASN A 203 24.67 -9.30 4.23
C ASN A 203 24.54 -10.64 3.52
N HIS A 204 25.66 -11.19 3.07
CA HIS A 204 25.75 -12.50 2.44
C HIS A 204 26.60 -13.35 3.39
N LYS A 205 25.91 -14.03 4.30
CA LYS A 205 26.60 -14.80 5.34
C LYS A 205 27.52 -15.88 4.78
N PRO A 206 27.18 -16.61 3.71
CA PRO A 206 28.10 -17.67 3.23
C PRO A 206 29.49 -17.20 2.79
N SER A 207 29.68 -15.95 2.35
CA SER A 207 30.98 -15.45 1.91
C SER A 207 31.58 -14.45 2.89
N ASN A 208 30.99 -14.33 4.08
CA ASN A 208 31.27 -13.27 5.04
C ASN A 208 31.32 -11.89 4.37
N THR A 209 30.31 -11.60 3.53
CA THR A 209 30.28 -10.31 2.84
C THR A 209 29.21 -9.41 3.42
N LYS A 210 29.62 -8.22 3.88
CA LYS A 210 28.70 -7.16 4.25
C LYS A 210 28.96 -5.96 3.34
N VAL A 211 27.91 -5.42 2.73
CA VAL A 211 28.02 -4.18 1.97
C VAL A 211 27.03 -3.17 2.52
N ASP A 212 27.47 -1.91 2.62
CA ASP A 212 26.62 -0.76 2.90
C ASP A 212 26.70 0.20 1.72
N LYS A 213 25.62 0.27 0.91
CA LYS A 213 25.61 1.10 -0.30
C LYS A 213 24.68 2.30 -0.12
N LYS A 214 25.26 3.49 -0.03
CA LYS A 214 24.45 4.70 -0.09
C LYS A 214 23.93 4.87 -1.52
N VAL A 215 22.62 5.08 -1.65
CA VAL A 215 22.00 5.24 -2.95
C VAL A 215 21.49 6.67 -3.06
N GLU A 216 21.91 7.36 -4.11
CA GLU A 216 21.63 8.80 -4.20
C GLU A 216 21.32 9.19 -5.63
N PRO A 217 20.57 10.27 -5.84
CA PRO A 217 20.23 10.68 -7.20
C PRO A 217 21.44 11.04 -8.04
N ASP B 1 1.89 -44.08 -15.19
CA ASP B 1 1.40 -43.65 -13.88
C ASP B 1 0.12 -42.82 -13.99
N ILE B 2 -0.25 -42.20 -12.88
CA ILE B 2 -1.47 -41.43 -12.75
C ILE B 2 -1.10 -39.95 -12.74
N GLN B 3 -1.81 -39.14 -13.53
CA GLN B 3 -1.60 -37.70 -13.47
C GLN B 3 -2.79 -37.02 -12.79
N LEU B 4 -2.48 -36.02 -11.95
CA LEU B 4 -3.48 -35.22 -11.26
C LEU B 4 -3.41 -33.77 -11.73
N THR B 5 -4.58 -33.18 -11.99
CA THR B 5 -4.69 -31.76 -12.28
C THR B 5 -5.61 -31.11 -11.26
N GLN B 6 -5.39 -29.82 -11.00
CA GLN B 6 -6.18 -29.08 -10.04
C GLN B 6 -6.79 -27.86 -10.72
N SER B 7 -7.99 -27.47 -10.29
CA SER B 7 -8.60 -26.28 -10.82
C SER B 7 -9.29 -25.57 -9.67
N PRO B 8 -9.26 -24.24 -9.66
CA PRO B 8 -8.46 -23.38 -10.55
C PRO B 8 -7.01 -23.32 -10.08
N SER B 9 -6.05 -22.89 -10.91
CA SER B 9 -4.68 -22.79 -10.44
C SER B 9 -4.51 -21.62 -9.48
N PHE B 10 -5.34 -20.59 -9.65
CA PHE B 10 -5.29 -19.37 -8.87
C PHE B 10 -6.72 -19.02 -8.51
N LEU B 11 -6.91 -18.60 -7.27
CA LEU B 11 -8.23 -18.15 -6.87
C LEU B 11 -8.03 -16.92 -6.01
N SER B 12 -8.85 -15.90 -6.24
CA SER B 12 -8.85 -14.71 -5.42
C SER B 12 -10.18 -14.68 -4.67
N ALA B 13 -10.11 -14.65 -3.34
CA ALA B 13 -11.33 -14.80 -2.56
C ALA B 13 -11.25 -13.88 -1.35
N SER B 14 -12.39 -13.68 -0.72
CA SER B 14 -12.49 -12.78 0.42
C SER B 14 -12.71 -13.60 1.70
N VAL B 15 -12.38 -13.00 2.84
CA VAL B 15 -12.73 -13.62 4.12
C VAL B 15 -14.24 -13.82 4.19
N GLY B 16 -14.66 -15.04 4.47
CA GLY B 16 -16.07 -15.35 4.61
C GLY B 16 -16.70 -16.00 3.40
N ASP B 17 -15.97 -16.16 2.31
CA ASP B 17 -16.52 -16.83 1.15
C ASP B 17 -16.43 -18.32 1.33
N ARG B 18 -17.38 -19.02 0.72
CA ARG B 18 -17.27 -20.46 0.54
C ARG B 18 -16.44 -20.74 -0.69
N VAL B 19 -15.41 -21.57 -0.52
CA VAL B 19 -14.40 -21.81 -1.54
C VAL B 19 -14.42 -23.29 -1.87
N THR B 20 -14.37 -23.61 -3.16
CA THR B 20 -14.37 -24.98 -3.61
C THR B 20 -13.31 -25.13 -4.68
N ILE B 21 -12.35 -26.01 -4.44
CA ILE B 21 -11.33 -26.30 -5.43
C ILE B 21 -11.37 -27.78 -5.74
N THR B 22 -10.83 -28.14 -6.91
CA THR B 22 -11.09 -29.43 -7.50
C THR B 22 -9.80 -30.09 -7.93
N CYS B 23 -9.74 -31.41 -7.77
CA CYS B 23 -8.64 -32.24 -8.19
C CYS B 23 -9.22 -33.32 -9.08
N ARG B 24 -8.54 -33.65 -10.16
CA ARG B 24 -9.05 -34.71 -11.00
C ARG B 24 -7.91 -35.58 -11.52
N ALA B 25 -8.18 -36.89 -11.63
CA ALA B 25 -7.14 -37.88 -11.86
C ALA B 25 -7.28 -38.48 -13.25
N SER B 26 -6.15 -38.69 -13.90
CA SER B 26 -6.12 -39.26 -15.24
C SER B 26 -6.81 -40.62 -15.29
N GLN B 27 -6.94 -41.29 -14.15
CA GLN B 27 -7.64 -42.56 -14.12
C GLN B 27 -8.07 -42.83 -12.68
N GLY B 28 -9.10 -43.68 -12.54
CA GLY B 28 -9.67 -44.03 -11.27
C GLY B 28 -8.63 -44.41 -10.24
N ILE B 29 -8.73 -43.77 -9.08
CA ILE B 29 -7.93 -44.10 -7.91
C ILE B 29 -8.78 -44.19 -6.67
N SER B 30 -10.06 -43.89 -6.79
CA SER B 30 -11.24 -44.42 -6.11
C SER B 30 -11.48 -44.04 -4.64
N SER B 31 -10.47 -43.87 -3.81
CA SER B 31 -10.56 -43.02 -2.62
C SER B 31 -9.16 -42.67 -2.13
N TYR B 32 -8.14 -43.10 -2.88
CA TYR B 32 -6.74 -42.95 -2.48
C TYR B 32 -6.28 -41.52 -2.72
N LEU B 33 -6.82 -40.59 -1.93
CA LEU B 33 -6.46 -39.18 -2.11
C LEU B 33 -6.46 -38.44 -0.79
N ALA B 34 -5.46 -37.57 -0.64
CA ALA B 34 -5.30 -36.66 0.50
C ALA B 34 -5.17 -35.23 0.01
N TRP B 35 -5.54 -34.27 0.86
CA TRP B 35 -5.37 -32.84 0.63
C TRP B 35 -4.47 -32.25 1.70
N TYR B 36 -3.53 -31.40 1.27
CA TYR B 36 -2.60 -30.66 2.13
C TYR B 36 -2.63 -29.16 1.87
N GLN B 37 -2.31 -28.41 2.92
CA GLN B 37 -2.10 -26.97 2.87
C GLN B 37 -0.63 -26.64 3.02
N GLN B 38 -0.13 -25.67 2.25
CA GLN B 38 1.25 -25.18 2.41
C GLN B 38 1.30 -23.68 2.30
N LYS B 39 1.94 -23.06 3.27
CA LYS B 39 2.20 -21.65 3.27
C LYS B 39 3.70 -21.41 3.03
N PRO B 40 4.05 -20.27 2.44
CA PRO B 40 5.45 -20.01 2.03
C PRO B 40 6.46 -20.14 3.16
N GLY B 41 7.40 -21.07 2.99
CA GLY B 41 8.45 -21.32 3.97
C GLY B 41 8.15 -22.37 5.02
N LYS B 42 7.03 -23.09 4.90
CA LYS B 42 6.69 -24.07 5.91
C LYS B 42 6.45 -25.40 5.23
N ALA B 43 6.52 -26.44 6.05
CA ALA B 43 6.14 -27.74 5.58
C ALA B 43 4.65 -27.74 5.27
N PRO B 44 4.20 -28.64 4.42
CA PRO B 44 2.76 -28.83 4.21
C PRO B 44 2.08 -29.39 5.46
N LYS B 45 0.74 -29.25 5.52
CA LYS B 45 -0.10 -29.74 6.63
C LYS B 45 -1.19 -30.64 6.05
N LEU B 46 -1.28 -31.87 6.56
CA LEU B 46 -2.28 -32.80 6.05
C LEU B 46 -3.67 -32.33 6.46
N LEU B 47 -4.57 -32.20 5.47
CA LEU B 47 -5.95 -31.82 5.77
C LEU B 47 -6.92 -32.99 5.71
N ILE B 48 -6.83 -33.84 4.69
CA ILE B 48 -7.90 -34.80 4.42
C ILE B 48 -7.28 -36.03 3.82
N TYR B 49 -7.78 -37.22 4.20
CA TYR B 49 -7.30 -38.48 3.66
C TYR B 49 -8.49 -39.37 3.30
N ALA B 50 -8.21 -40.39 2.48
CA ALA B 50 -9.24 -41.30 1.98
C ALA B 50 -10.36 -40.52 1.30
N ALA B 51 -9.97 -39.40 0.70
CA ALA B 51 -10.80 -38.52 -0.10
C ALA B 51 -11.81 -37.72 0.73
N SER B 52 -12.14 -38.20 1.93
CA SER B 52 -13.21 -37.55 2.67
C SER B 52 -12.98 -37.47 4.17
N THR B 53 -12.04 -38.22 4.73
CA THR B 53 -11.81 -38.19 6.18
C THR B 53 -11.03 -36.95 6.57
N LEU B 54 -11.60 -36.15 7.47
CA LEU B 54 -10.88 -35.00 8.03
C LEU B 54 -9.74 -35.47 8.93
N GLN B 55 -8.55 -34.91 8.73
CA GLN B 55 -7.44 -35.27 9.59
C GLN B 55 -7.67 -34.67 10.98
N SER B 56 -7.34 -35.46 12.00
CA SER B 56 -7.51 -35.00 13.38
C SER B 56 -6.78 -33.68 13.58
N GLY B 57 -7.40 -32.76 14.34
CA GLY B 57 -6.91 -31.41 14.53
C GLY B 57 -7.34 -30.41 13.48
N VAL B 58 -7.86 -30.86 12.35
CA VAL B 58 -8.15 -29.92 11.25
C VAL B 58 -9.53 -29.29 11.47
N PRO B 59 -9.65 -27.95 11.41
CA PRO B 59 -10.99 -27.34 11.58
C PRO B 59 -12.03 -27.92 10.62
N SER B 60 -13.28 -27.93 11.08
CA SER B 60 -14.39 -28.58 10.36
C SER B 60 -14.87 -27.82 9.13
N ARG B 61 -14.48 -26.54 8.97
CA ARG B 61 -14.85 -25.83 7.76
C ARG B 61 -14.23 -26.47 6.52
N PHE B 62 -13.22 -27.32 6.71
CA PHE B 62 -12.60 -28.04 5.62
C PHE B 62 -13.37 -29.34 5.42
N SER B 63 -13.67 -29.67 4.17
CA SER B 63 -14.29 -30.95 3.86
C SER B 63 -13.83 -31.37 2.48
N GLY B 64 -13.78 -32.68 2.28
CA GLY B 64 -13.42 -33.23 0.99
C GLY B 64 -14.48 -34.20 0.54
N SER B 65 -14.65 -34.29 -0.76
CA SER B 65 -15.62 -35.20 -1.31
C SER B 65 -15.07 -35.74 -2.62
N GLY B 66 -15.66 -36.83 -3.08
CA GLY B 66 -15.45 -37.35 -4.41
C GLY B 66 -14.85 -38.72 -4.38
N SER B 67 -14.68 -39.28 -5.60
CA SER B 67 -13.96 -40.55 -5.73
C SER B 67 -13.69 -40.82 -7.20
N GLY B 68 -13.13 -42.00 -7.47
CA GLY B 68 -12.81 -42.36 -8.84
C GLY B 68 -11.80 -41.42 -9.45
N THR B 69 -12.24 -40.52 -10.31
CA THR B 69 -11.36 -39.54 -10.92
C THR B 69 -11.61 -38.11 -10.48
N GLU B 70 -12.64 -37.83 -9.68
CA GLU B 70 -12.94 -36.42 -9.44
C GLU B 70 -13.23 -36.15 -7.97
N PHE B 71 -12.53 -35.13 -7.43
CA PHE B 71 -12.46 -34.87 -6.00
C PHE B 71 -12.49 -33.37 -5.77
N THR B 72 -12.89 -33.00 -4.57
CA THR B 72 -13.23 -31.61 -4.32
C THR B 72 -12.92 -31.30 -2.87
N LEU B 73 -12.19 -30.22 -2.63
CA LEU B 73 -12.00 -29.72 -1.29
C LEU B 73 -12.79 -28.43 -1.15
N THR B 74 -13.45 -28.29 -0.01
CA THR B 74 -14.30 -27.15 0.23
C THR B 74 -13.90 -26.55 1.57
N ILE B 75 -13.94 -25.23 1.61
CA ILE B 75 -13.85 -24.45 2.83
C ILE B 75 -15.17 -23.71 2.88
N SER B 76 -16.05 -24.12 3.80
CA SER B 76 -17.39 -23.57 3.83
C SER B 76 -17.41 -22.08 4.16
N SER B 77 -16.40 -21.58 4.87
CA SER B 77 -16.25 -20.14 5.06
C SER B 77 -14.76 -19.87 5.27
N LEU B 78 -14.21 -18.90 4.52
CA LEU B 78 -12.76 -18.65 4.46
C LEU B 78 -12.32 -17.67 5.53
N GLN B 79 -11.24 -18.02 6.23
CA GLN B 79 -10.65 -17.20 7.28
C GLN B 79 -9.33 -16.64 6.82
N PRO B 80 -8.83 -15.61 7.50
CA PRO B 80 -7.50 -15.07 7.14
C PRO B 80 -6.41 -16.14 7.07
N GLU B 81 -6.38 -17.06 8.02
CA GLU B 81 -5.32 -18.05 8.09
C GLU B 81 -5.37 -19.05 6.94
N ASP B 82 -6.30 -18.91 6.00
CA ASP B 82 -6.52 -19.94 4.99
C ASP B 82 -5.89 -19.62 3.64
N PHE B 83 -5.37 -18.43 3.44
CA PHE B 83 -4.74 -18.09 2.18
C PHE B 83 -3.38 -18.77 2.07
N ALA B 84 -3.20 -19.55 1.01
CA ALA B 84 -2.21 -20.62 1.07
C ALA B 84 -2.29 -21.33 -0.27
N THR B 85 -1.37 -22.26 -0.49
CA THR B 85 -1.49 -23.17 -1.61
C THR B 85 -2.01 -24.51 -1.12
N TYR B 86 -2.83 -25.16 -1.95
CA TYR B 86 -3.47 -26.43 -1.61
C TYR B 86 -3.08 -27.46 -2.64
N TYR B 87 -2.65 -28.62 -2.18
CA TYR B 87 -2.22 -29.72 -3.03
C TYR B 87 -3.10 -30.93 -2.77
N CYS B 88 -3.39 -31.68 -3.81
CA CYS B 88 -3.97 -33.00 -3.66
C CYS B 88 -2.88 -34.03 -3.96
N GLN B 89 -3.06 -35.24 -3.40
CA GLN B 89 -2.06 -36.28 -3.46
C GLN B 89 -2.75 -37.62 -3.65
N GLN B 90 -2.30 -38.42 -4.62
CA GLN B 90 -2.78 -39.78 -4.74
C GLN B 90 -1.92 -40.68 -3.86
N LEU B 91 -2.59 -41.41 -2.99
CA LEU B 91 -1.88 -42.29 -2.06
C LEU B 91 -1.49 -43.58 -2.76
N ASP B 92 -0.30 -44.09 -2.44
CA ASP B 92 0.27 -45.23 -3.17
C ASP B 92 1.10 -46.10 -2.22
N SER B 93 1.16 -47.40 -2.56
CA SER B 93 1.96 -48.36 -1.79
C SER B 93 3.42 -47.92 -1.69
N TYR B 94 3.96 -47.41 -2.79
CA TYR B 94 5.37 -47.19 -3.03
C TYR B 94 5.61 -45.76 -3.45
N PRO B 95 6.83 -45.26 -3.30
CA PRO B 95 7.05 -43.84 -3.02
C PRO B 95 6.76 -42.90 -4.17
N PRO B 96 6.69 -43.33 -5.44
CA PRO B 96 6.39 -42.28 -6.43
C PRO B 96 5.06 -41.59 -6.13
N GLY B 97 3.92 -42.29 -6.23
CA GLY B 97 2.66 -41.59 -6.06
C GLY B 97 2.57 -40.29 -6.87
N THR B 98 1.72 -39.35 -6.48
CA THR B 98 1.54 -38.13 -7.25
C THR B 98 1.00 -37.00 -6.38
N PHE B 99 1.52 -35.79 -6.62
CA PHE B 99 0.94 -34.56 -6.11
C PHE B 99 0.37 -33.74 -7.27
N GLY B 100 -0.74 -33.05 -7.02
CA GLY B 100 -1.24 -32.09 -7.98
C GLY B 100 -0.35 -30.87 -8.05
N PRO B 101 -0.56 -30.02 -9.07
CA PRO B 101 0.27 -28.81 -9.22
C PRO B 101 -0.01 -27.75 -8.17
N GLY B 102 -1.19 -27.75 -7.58
CA GLY B 102 -1.55 -26.85 -6.51
C GLY B 102 -2.54 -25.79 -6.98
N THR B 103 -3.29 -25.27 -6.02
CA THR B 103 -4.21 -24.17 -6.19
C THR B 103 -3.83 -23.13 -5.16
N LYS B 104 -3.46 -21.94 -5.62
CA LYS B 104 -3.06 -20.88 -4.73
C LYS B 104 -4.24 -19.95 -4.48
N VAL B 105 -4.52 -19.68 -3.22
CA VAL B 105 -5.63 -18.82 -2.83
C VAL B 105 -5.03 -17.58 -2.18
N ASP B 106 -5.28 -16.42 -2.82
CA ASP B 106 -4.86 -15.08 -2.41
C ASP B 106 -6.07 -14.22 -2.07
N ILE B 107 -5.79 -13.04 -1.55
CA ILE B 107 -6.82 -12.16 -1.01
C ILE B 107 -7.33 -11.24 -2.11
N LYS B 108 -8.65 -11.26 -2.36
CA LYS B 108 -9.28 -10.35 -3.32
C LYS B 108 -9.29 -8.93 -2.77
N ARG B 109 -8.92 -7.96 -3.61
CA ARG B 109 -9.03 -6.52 -3.33
C ARG B 109 -9.37 -5.85 -4.65
N THR B 110 -9.43 -4.52 -4.68
CA THR B 110 -9.76 -3.85 -5.94
C THR B 110 -8.57 -3.88 -6.90
N VAL B 111 -8.88 -3.84 -8.20
CA VAL B 111 -7.86 -3.67 -9.21
C VAL B 111 -7.04 -2.41 -8.89
N ALA B 112 -5.71 -2.51 -9.00
CA ALA B 112 -4.78 -1.38 -8.90
C ALA B 112 -3.73 -1.52 -9.99
N ALA B 113 -3.59 -0.50 -10.86
CA ALA B 113 -2.56 -0.58 -11.89
C ALA B 113 -1.16 -0.41 -11.27
N PRO B 114 -0.12 -0.97 -11.90
CA PRO B 114 1.22 -0.82 -11.34
C PRO B 114 1.70 0.62 -11.43
N SER B 115 2.51 1.02 -10.46
CA SER B 115 3.32 2.23 -10.58
C SER B 115 4.67 1.82 -11.15
N VAL B 116 5.06 2.40 -12.28
CA VAL B 116 6.16 1.86 -13.07
C VAL B 116 7.37 2.79 -12.96
N PHE B 117 8.53 2.20 -12.68
CA PHE B 117 9.78 2.94 -12.60
C PHE B 117 10.85 2.19 -13.38
N ILE B 118 11.74 2.94 -14.03
CA ILE B 118 12.83 2.33 -14.77
C ILE B 118 14.16 2.91 -14.25
N PHE B 119 15.18 2.05 -14.24
CA PHE B 119 16.51 2.38 -13.72
C PHE B 119 17.56 2.00 -14.75
N PRO B 120 18.33 2.97 -15.26
CA PRO B 120 19.46 2.66 -16.14
C PRO B 120 20.56 1.96 -15.36
N PRO B 121 21.48 1.31 -16.03
CA PRO B 121 22.57 0.66 -15.28
C PRO B 121 23.51 1.71 -14.71
N SER B 122 24.13 1.36 -13.59
CA SER B 122 25.04 2.26 -12.92
C SER B 122 26.36 2.37 -13.69
N ASP B 123 27.06 3.50 -13.50
CA ASP B 123 28.39 3.65 -14.09
C ASP B 123 29.33 2.57 -13.58
N GLU B 124 29.20 2.21 -12.30
CA GLU B 124 30.03 1.16 -11.70
C GLU B 124 29.87 -0.18 -12.39
N GLN B 125 28.62 -0.60 -12.57
CA GLN B 125 28.40 -1.85 -13.30
C GLN B 125 28.97 -1.75 -14.72
N LEU B 126 28.70 -0.65 -15.43
CA LEU B 126 29.23 -0.54 -16.79
C LEU B 126 30.75 -0.69 -16.80
N LYS B 127 31.44 -0.09 -15.82
CA LYS B 127 32.89 -0.31 -15.67
C LYS B 127 33.21 -1.79 -15.59
N SER B 128 32.34 -2.58 -14.94
CA SER B 128 32.58 -4.02 -14.92
C SER B 128 32.40 -4.70 -16.28
N GLY B 129 31.73 -4.06 -17.24
CA GLY B 129 31.44 -4.68 -18.53
C GLY B 129 30.06 -5.28 -18.71
N THR B 130 29.12 -5.02 -17.79
CA THR B 130 27.75 -5.51 -17.89
C THR B 130 26.78 -4.39 -17.58
N ALA B 131 25.62 -4.41 -18.24
CA ALA B 131 24.55 -3.44 -18.06
C ALA B 131 23.27 -4.18 -17.67
N SER B 132 22.75 -3.92 -16.48
CA SER B 132 21.40 -4.32 -16.10
C SER B 132 20.51 -3.10 -16.08
N VAL B 133 19.39 -3.18 -16.82
CA VAL B 133 18.32 -2.19 -16.77
C VAL B 133 17.16 -2.79 -16.01
N VAL B 134 16.64 -2.04 -15.03
CA VAL B 134 15.64 -2.59 -14.13
C VAL B 134 14.33 -1.85 -14.30
N CYS B 135 13.26 -2.60 -14.49
CA CYS B 135 11.91 -2.09 -14.51
C CYS B 135 11.15 -2.63 -13.30
N LEU B 136 10.53 -1.73 -12.54
CA LEU B 136 9.78 -2.00 -11.33
C LEU B 136 8.29 -1.73 -11.57
N LEU B 137 7.46 -2.71 -11.26
CA LEU B 137 6.01 -2.58 -11.29
C LEU B 137 5.59 -2.66 -9.85
N ASN B 138 5.18 -1.55 -9.27
CA ASN B 138 4.96 -1.47 -7.85
C ASN B 138 3.47 -1.49 -7.51
N ASN B 139 3.09 -2.35 -6.56
CA ASN B 139 1.82 -2.27 -5.82
C ASN B 139 0.60 -2.36 -6.74
N PHE B 140 0.48 -3.50 -7.43
CA PHE B 140 -0.60 -3.69 -8.39
C PHE B 140 -1.43 -4.92 -8.02
N TYR B 141 -2.63 -4.98 -8.57
CA TYR B 141 -3.58 -6.08 -8.36
C TYR B 141 -4.52 -6.12 -9.55
N PRO B 142 -4.79 -7.29 -10.14
CA PRO B 142 -4.32 -8.63 -9.72
C PRO B 142 -2.88 -8.96 -10.14
N ARG B 143 -2.43 -10.16 -9.77
CA ARG B 143 -1.00 -10.47 -9.92
C ARG B 143 -0.55 -10.64 -11.38
N GLU B 144 -1.44 -10.90 -12.32
CA GLU B 144 -1.00 -11.02 -13.71
C GLU B 144 -0.57 -9.66 -14.27
N ALA B 145 0.62 -9.61 -14.85
CA ALA B 145 1.17 -8.38 -15.45
C ALA B 145 2.09 -8.81 -16.57
N LYS B 146 2.10 -8.04 -17.66
CA LYS B 146 2.97 -8.30 -18.79
C LYS B 146 4.02 -7.19 -18.88
N VAL B 147 5.28 -7.60 -18.98
CA VAL B 147 6.40 -6.67 -19.15
C VAL B 147 7.07 -6.97 -20.48
N GLN B 148 7.23 -5.93 -21.30
CA GLN B 148 7.90 -6.03 -22.59
C GLN B 148 9.06 -5.04 -22.67
N TRP B 149 10.28 -5.55 -22.84
CA TRP B 149 11.43 -4.69 -23.09
C TRP B 149 11.55 -4.34 -24.58
N LYS B 150 11.81 -3.05 -24.85
CA LYS B 150 12.10 -2.58 -26.21
C LYS B 150 13.38 -1.75 -26.23
N VAL B 151 14.25 -2.03 -27.20
CA VAL B 151 15.50 -1.27 -27.35
C VAL B 151 15.52 -0.65 -28.75
N ASP B 152 15.62 0.69 -28.81
CA ASP B 152 15.43 1.45 -30.05
C ASP B 152 14.11 1.04 -30.73
N ASN B 153 13.02 1.14 -29.96
CA ASN B 153 11.66 0.77 -30.43
C ASN B 153 11.59 -0.67 -30.96
N ALA B 154 12.54 -1.54 -30.60
CA ALA B 154 12.60 -2.92 -31.07
C ALA B 154 12.44 -3.91 -29.92
N LEU B 155 11.81 -5.05 -30.21
CA LEU B 155 11.34 -6.00 -29.20
C LEU B 155 12.42 -7.01 -28.79
N GLN B 156 12.59 -7.18 -27.49
CA GLN B 156 13.56 -8.12 -26.94
C GLN B 156 12.87 -9.40 -26.51
N SER B 157 13.61 -10.51 -26.56
CA SER B 157 13.19 -11.75 -25.93
C SER B 157 14.41 -12.50 -25.46
N GLY B 158 14.25 -13.27 -24.38
CA GLY B 158 15.30 -14.13 -23.89
C GLY B 158 16.41 -13.45 -23.10
N ASN B 159 16.41 -12.13 -22.99
CA ASN B 159 17.47 -11.43 -22.26
C ASN B 159 16.99 -10.78 -20.98
N SER B 160 15.80 -11.15 -20.48
CA SER B 160 15.30 -10.59 -19.24
C SER B 160 14.86 -11.71 -18.28
N GLN B 161 14.85 -11.36 -17.00
CA GLN B 161 14.28 -12.22 -15.98
C GLN B 161 13.39 -11.40 -15.04
N GLU B 162 12.42 -12.09 -14.42
CA GLU B 162 11.35 -11.48 -13.65
C GLU B 162 11.26 -12.11 -12.27
N SER B 163 10.95 -11.28 -11.29
CA SER B 163 10.67 -11.74 -9.94
C SER B 163 9.44 -11.02 -9.40
N VAL B 164 8.55 -11.73 -8.67
CA VAL B 164 7.32 -11.18 -8.12
C VAL B 164 7.28 -11.45 -6.62
N THR B 165 6.84 -10.45 -5.85
CA THR B 165 6.69 -10.60 -4.41
C THR B 165 5.46 -11.43 -4.07
N GLU B 166 5.45 -11.96 -2.84
CA GLU B 166 4.24 -12.47 -2.23
C GLU B 166 3.25 -11.33 -1.97
N GLN B 167 1.98 -11.66 -1.84
CA GLN B 167 0.97 -10.65 -1.67
C GLN B 167 1.25 -9.84 -0.41
N ASP B 168 1.14 -8.53 -0.52
CA ASP B 168 1.60 -7.68 0.58
C ASP B 168 0.62 -7.76 1.74
N SER B 169 1.16 -7.89 2.95
CA SER B 169 0.34 -8.14 4.13
C SER B 169 -0.51 -6.93 4.48
N LYS B 170 -0.05 -5.73 4.14
CA LYS B 170 -0.84 -4.55 4.49
C LYS B 170 -1.85 -4.17 3.39
N ASP B 171 -1.43 -4.01 2.12
CA ASP B 171 -2.36 -3.55 1.08
C ASP B 171 -2.76 -4.61 0.05
N SER B 172 -2.34 -5.87 0.24
CA SER B 172 -2.77 -6.99 -0.59
C SER B 172 -2.42 -6.84 -2.09
N THR B 173 -1.41 -6.06 -2.42
CA THR B 173 -0.94 -5.95 -3.80
C THR B 173 0.30 -6.81 -4.03
N TYR B 174 0.73 -6.82 -5.28
CA TYR B 174 1.95 -7.47 -5.72
C TYR B 174 2.91 -6.41 -6.28
N SER B 175 4.19 -6.73 -6.29
CA SER B 175 5.20 -5.93 -6.98
C SER B 175 6.04 -6.87 -7.81
N LEU B 176 6.58 -6.36 -8.91
CA LEU B 176 7.30 -7.17 -9.88
C LEU B 176 8.56 -6.41 -10.34
N SER B 177 9.69 -7.10 -10.39
CA SER B 177 10.94 -6.58 -10.92
C SER B 177 11.31 -7.35 -12.18
N SER B 178 11.68 -6.63 -13.23
CA SER B 178 12.19 -7.19 -14.47
C SER B 178 13.58 -6.61 -14.71
N THR B 179 14.53 -7.47 -15.03
CA THR B 179 15.91 -7.08 -15.30
C THR B 179 16.27 -7.48 -16.71
N LEU B 180 16.65 -6.49 -17.51
CA LEU B 180 17.21 -6.68 -18.84
C LEU B 180 18.73 -6.67 -18.72
N THR B 181 19.39 -7.77 -19.09
CA THR B 181 20.83 -7.87 -18.94
C THR B 181 21.51 -7.90 -20.31
N LEU B 182 22.47 -6.99 -20.52
CA LEU B 182 23.21 -6.91 -21.78
C LEU B 182 24.69 -6.70 -21.51
N SER B 183 25.51 -7.17 -22.45
CA SER B 183 26.91 -6.76 -22.46
C SER B 183 27.03 -5.25 -22.52
N LYS B 184 28.18 -4.74 -22.03
CA LYS B 184 28.45 -3.31 -22.15
C LYS B 184 28.39 -2.87 -23.62
N ALA B 185 29.02 -3.65 -24.51
CA ALA B 185 29.08 -3.33 -25.94
C ALA B 185 27.69 -3.21 -26.55
N ASP B 186 26.86 -4.23 -26.36
CA ASP B 186 25.48 -4.15 -26.84
C ASP B 186 24.79 -2.93 -26.26
N TYR B 187 24.93 -2.70 -24.95
CA TYR B 187 24.24 -1.58 -24.31
C TYR B 187 24.56 -0.27 -25.00
N GLU B 188 25.84 -0.03 -25.27
CA GLU B 188 26.13 1.27 -25.89
C GLU B 188 25.98 1.26 -27.41
N LYS B 189 25.66 0.11 -28.02
CA LYS B 189 25.22 0.08 -29.41
C LYS B 189 23.86 0.74 -29.66
N HIS B 190 23.11 1.12 -28.61
CA HIS B 190 21.69 1.47 -28.75
C HIS B 190 21.36 2.67 -27.87
N LYS B 191 20.30 3.42 -28.25
CA LYS B 191 19.94 4.65 -27.54
C LYS B 191 18.73 4.53 -26.62
N VAL B 192 17.58 4.06 -27.11
CA VAL B 192 16.33 4.20 -26.36
C VAL B 192 16.05 2.88 -25.65
N TYR B 193 15.93 2.92 -24.33
CA TYR B 193 15.57 1.73 -23.57
C TYR B 193 14.18 1.94 -22.98
N ALA B 194 13.31 0.95 -23.17
CA ALA B 194 11.91 1.15 -22.80
C ALA B 194 11.34 -0.11 -22.17
N CYS B 195 10.48 0.11 -21.18
CA CYS B 195 9.74 -0.92 -20.47
C CYS B 195 8.27 -0.67 -20.77
N GLU B 196 7.58 -1.62 -21.40
CA GLU B 196 6.17 -1.48 -21.75
C GLU B 196 5.33 -2.43 -20.89
N VAL B 197 4.37 -1.88 -20.16
CA VAL B 197 3.63 -2.62 -19.13
C VAL B 197 2.17 -2.76 -19.56
N THR B 198 1.66 -4.00 -19.47
CA THR B 198 0.26 -4.31 -19.75
C THR B 198 -0.36 -4.96 -18.51
N HIS B 199 -1.52 -4.47 -18.10
CA HIS B 199 -2.12 -4.93 -16.86
C HIS B 199 -3.56 -4.47 -16.88
N GLN B 200 -4.46 -5.30 -16.33
CA GLN B 200 -5.88 -4.98 -16.45
C GLN B 200 -6.24 -3.65 -15.77
N GLY B 201 -5.41 -3.17 -14.84
CA GLY B 201 -5.60 -1.85 -14.27
C GLY B 201 -5.34 -0.70 -15.23
N LEU B 202 -4.73 -0.95 -16.37
CA LEU B 202 -4.36 0.10 -17.30
C LEU B 202 -5.33 0.13 -18.48
N SER B 203 -5.72 1.33 -18.94
CA SER B 203 -6.61 1.36 -20.12
C SER B 203 -5.86 1.09 -21.42
N SER B 204 -4.55 1.29 -21.43
CA SER B 204 -3.70 0.91 -22.54
C SER B 204 -2.28 0.70 -22.01
N PRO B 205 -1.41 0.04 -22.77
CA PRO B 205 -0.03 -0.16 -22.29
C PRO B 205 0.65 1.16 -21.95
N VAL B 206 1.46 1.15 -20.89
CA VAL B 206 2.23 2.33 -20.50
C VAL B 206 3.70 1.99 -20.67
N THR B 207 4.44 2.92 -21.26
CA THR B 207 5.85 2.71 -21.56
C THR B 207 6.66 3.73 -20.78
N LYS B 208 7.63 3.25 -20.01
CA LYS B 208 8.64 4.11 -19.41
C LYS B 208 9.94 3.92 -20.19
N SER B 209 10.61 5.02 -20.52
CA SER B 209 11.81 4.92 -21.33
C SER B 209 12.83 5.95 -20.89
N PHE B 210 14.09 5.65 -21.19
CA PHE B 210 15.18 6.61 -21.09
C PHE B 210 16.11 6.51 -22.30
N ASN B 211 16.84 7.59 -22.53
CA ASN B 211 17.87 7.66 -23.57
C ASN B 211 19.23 7.52 -22.90
N ARG B 212 20.02 6.54 -23.33
CA ARG B 212 21.33 6.32 -22.74
C ARG B 212 22.16 7.61 -22.74
N GLY B 213 22.39 8.17 -21.54
CA GLY B 213 23.09 9.45 -21.40
C GLY B 213 22.25 10.70 -21.58
N VAL C 2 -10.12 40.40 -14.09
CA VAL C 2 -9.41 39.19 -14.46
C VAL C 2 -10.09 37.96 -13.86
N GLN C 3 -10.41 36.96 -14.69
CA GLN C 3 -11.06 35.72 -14.23
C GLN C 3 -10.53 34.51 -14.99
N LEU C 4 -10.28 33.40 -14.27
CA LEU C 4 -9.75 32.17 -14.82
C LEU C 4 -10.70 31.04 -14.44
N VAL C 5 -11.29 30.36 -15.43
CA VAL C 5 -12.29 29.32 -15.18
C VAL C 5 -11.82 28.02 -15.82
N GLU C 6 -11.63 27.00 -15.01
CA GLU C 6 -11.10 25.76 -15.56
C GLU C 6 -12.17 24.68 -15.65
N SER C 7 -11.91 23.73 -16.54
CA SER C 7 -12.85 22.65 -16.80
C SER C 7 -12.10 21.45 -17.37
N GLY C 8 -12.79 20.31 -17.35
CA GLY C 8 -12.33 19.10 -17.99
C GLY C 8 -11.95 17.97 -17.06
N GLY C 9 -11.92 18.19 -15.75
CA GLY C 9 -11.52 17.12 -14.85
C GLY C 9 -12.61 16.07 -14.62
N GLY C 10 -12.18 14.95 -14.06
CA GLY C 10 -13.06 13.83 -13.83
C GLY C 10 -12.26 12.62 -13.38
N LEU C 11 -12.94 11.48 -13.34
CA LEU C 11 -12.29 10.23 -13.00
C LEU C 11 -11.81 9.61 -14.30
N ILE C 12 -10.63 9.02 -14.26
CA ILE C 12 -10.03 8.46 -15.47
C ILE C 12 -9.11 7.35 -15.03
N GLN C 13 -9.06 6.29 -15.84
CA GLN C 13 -8.26 5.11 -15.52
C GLN C 13 -6.76 5.43 -15.69
N PRO C 14 -5.89 4.84 -14.87
CA PRO C 14 -4.45 4.88 -15.14
C PRO C 14 -4.19 4.40 -16.56
N GLY C 15 -3.17 4.99 -17.19
CA GLY C 15 -2.91 4.75 -18.60
C GLY C 15 -3.64 5.68 -19.56
N GLY C 16 -4.66 6.40 -19.09
CA GLY C 16 -5.51 7.18 -19.96
C GLY C 16 -5.00 8.61 -20.20
N SER C 17 -5.82 9.35 -20.91
CA SER C 17 -5.52 10.68 -21.43
C SER C 17 -6.64 11.60 -21.01
N LEU C 18 -6.32 12.87 -20.82
CA LEU C 18 -7.32 13.86 -20.47
C LEU C 18 -6.82 15.24 -20.84
N ARG C 19 -7.71 16.10 -21.33
CA ARG C 19 -7.32 17.46 -21.66
C ARG C 19 -8.10 18.44 -20.81
N LEU C 20 -7.39 19.26 -20.04
CA LEU C 20 -7.96 20.34 -19.26
C LEU C 20 -7.95 21.66 -20.05
N SER C 21 -8.92 22.52 -19.75
CA SER C 21 -8.95 23.87 -20.28
C SER C 21 -9.08 24.89 -19.16
N CYS C 22 -8.63 26.10 -19.47
CA CYS C 22 -8.69 27.27 -18.61
C CYS C 22 -9.06 28.48 -19.47
N ALA C 23 -10.30 28.97 -19.31
CA ALA C 23 -10.80 30.11 -20.08
C ALA C 23 -10.57 31.39 -19.30
N ALA C 24 -9.84 32.34 -19.90
CA ALA C 24 -9.40 33.56 -19.23
C ALA C 24 -10.17 34.79 -19.71
N SER C 25 -10.37 35.73 -18.79
CA SER C 25 -11.03 37.01 -19.03
C SER C 25 -10.22 38.12 -18.37
N GLY C 26 -10.22 39.30 -18.99
CA GLY C 26 -9.63 40.48 -18.39
C GLY C 26 -8.18 40.70 -18.72
N PHE C 27 -7.54 39.75 -19.39
CA PHE C 27 -6.19 39.91 -19.89
C PHE C 27 -6.00 38.90 -21.01
N THR C 28 -4.92 39.04 -21.75
CA THR C 28 -4.66 38.16 -22.89
C THR C 28 -3.57 37.14 -22.53
N VAL C 29 -3.93 35.86 -22.62
CA VAL C 29 -2.97 34.79 -22.39
C VAL C 29 -1.81 34.87 -23.39
N SER C 30 -2.04 35.43 -24.59
CA SER C 30 -0.94 35.54 -25.54
C SER C 30 0.20 36.42 -25.00
N SER C 31 -0.06 37.27 -24.01
CA SER C 31 0.95 38.22 -23.57
C SER C 31 1.43 37.98 -22.13
N ASN C 32 1.10 36.84 -21.53
CA ASN C 32 1.55 36.54 -20.17
C ASN C 32 2.19 35.16 -20.14
N TYR C 33 3.13 34.94 -19.22
CA TYR C 33 3.40 33.59 -18.75
C TYR C 33 2.14 32.97 -18.16
N MET C 34 1.88 31.69 -18.50
CA MET C 34 0.76 30.97 -17.91
C MET C 34 1.23 29.61 -17.39
N SER C 35 0.62 29.15 -16.31
CA SER C 35 1.17 27.99 -15.62
C SER C 35 0.06 27.05 -15.19
N TRP C 36 0.38 25.77 -15.12
CA TRP C 36 -0.45 24.81 -14.41
C TRP C 36 0.26 24.42 -13.11
N VAL C 37 -0.54 24.38 -12.03
CA VAL C 37 -0.08 24.01 -10.69
C VAL C 37 -1.07 23.03 -10.09
N ARG C 38 -0.59 21.93 -9.53
CA ARG C 38 -1.53 20.96 -8.97
C ARG C 38 -1.28 20.74 -7.47
N GLN C 39 -2.32 20.21 -6.82
CA GLN C 39 -2.32 19.92 -5.37
C GLN C 39 -3.09 18.62 -5.14
N ALA C 40 -2.38 17.54 -4.88
CA ALA C 40 -2.99 16.29 -4.47
C ALA C 40 -3.78 16.47 -3.17
N PRO C 41 -4.88 15.71 -2.97
CA PRO C 41 -5.70 15.86 -1.76
C PRO C 41 -4.89 15.80 -0.47
N GLY C 42 -5.09 16.81 0.39
CA GLY C 42 -4.35 16.90 1.65
C GLY C 42 -2.84 17.17 1.56
N LYS C 43 -2.33 17.61 0.40
CA LYS C 43 -0.89 17.73 0.24
C LYS C 43 -0.50 19.11 -0.29
N GLY C 44 0.76 19.30 -0.65
CA GLY C 44 1.27 20.61 -1.01
C GLY C 44 1.07 20.93 -2.48
N LEU C 45 1.63 22.05 -2.89
CA LEU C 45 1.46 22.52 -4.24
C LEU C 45 2.65 22.11 -5.09
N GLU C 46 2.40 21.88 -6.40
CA GLU C 46 3.45 21.52 -7.35
C GLU C 46 3.20 22.21 -8.69
N TRP C 47 4.18 23.00 -9.10
CA TRP C 47 4.18 23.73 -10.37
C TRP C 47 4.58 22.76 -11.48
N VAL C 48 3.66 22.45 -12.39
CA VAL C 48 3.93 21.34 -13.30
C VAL C 48 4.30 21.86 -14.67
N SER C 49 3.80 23.03 -15.07
CA SER C 49 4.30 23.55 -16.34
C SER C 49 4.02 25.03 -16.50
N VAL C 50 4.74 25.61 -17.47
CA VAL C 50 4.61 27.03 -17.80
C VAL C 50 4.79 27.19 -19.30
N ILE C 51 4.01 28.11 -19.87
CA ILE C 51 4.16 28.52 -21.26
C ILE C 51 4.47 30.02 -21.26
N TYR C 52 5.60 30.36 -21.86
CA TYR C 52 6.02 31.76 -21.86
C TYR C 52 5.16 32.58 -22.82
N SER C 53 5.16 33.90 -22.60
CA SER C 53 4.37 34.82 -23.40
C SER C 53 4.64 34.68 -24.90
N GLY C 54 5.86 34.38 -25.27
CA GLY C 54 6.23 34.10 -26.63
C GLY C 54 6.20 32.65 -27.05
N GLY C 55 5.79 31.73 -26.16
CA GLY C 55 5.43 30.38 -26.55
C GLY C 55 6.38 29.28 -26.15
N SER C 56 7.52 29.59 -25.54
CA SER C 56 8.38 28.55 -25.01
C SER C 56 7.67 27.84 -23.87
N THR C 57 7.87 26.54 -23.77
CA THR C 57 7.17 25.75 -22.76
C THR C 57 8.17 24.95 -21.94
N PHE C 58 7.89 24.82 -20.65
CA PHE C 58 8.75 24.09 -19.72
C PHE C 58 7.88 23.26 -18.78
N TYR C 59 8.42 22.09 -18.42
CA TYR C 59 7.70 21.07 -17.66
C TYR C 59 8.53 20.62 -16.48
N ALA C 60 7.84 20.29 -15.40
CA ALA C 60 8.48 19.56 -14.30
C ALA C 60 8.81 18.15 -14.75
N ASP C 61 9.87 17.59 -14.18
CA ASP C 61 10.30 16.26 -14.61
C ASP C 61 9.25 15.20 -14.37
N SER C 62 8.40 15.36 -13.35
CA SER C 62 7.36 14.38 -13.07
C SER C 62 6.31 14.28 -14.19
N VAL C 63 6.19 15.29 -15.06
CA VAL C 63 5.19 15.31 -16.13
C VAL C 63 5.81 15.41 -17.52
N LYS C 64 7.14 15.59 -17.61
CA LYS C 64 7.77 15.82 -18.90
C LYS C 64 7.58 14.62 -19.82
N GLY C 65 7.28 14.88 -21.10
CA GLY C 65 7.03 13.81 -22.06
C GLY C 65 5.62 13.26 -22.06
N ARG C 66 4.87 13.48 -20.97
CA ARG C 66 3.51 13.02 -20.80
C ARG C 66 2.49 14.13 -20.95
N PHE C 67 2.81 15.33 -20.45
CA PHE C 67 1.88 16.46 -20.48
C PHE C 67 2.35 17.50 -21.51
N THR C 68 1.39 18.27 -22.03
CA THR C 68 1.64 19.32 -23.01
C THR C 68 0.85 20.55 -22.59
N ILE C 69 1.49 21.67 -22.50
CA ILE C 69 0.76 22.88 -22.18
C ILE C 69 0.62 23.65 -23.48
N SER C 70 -0.54 24.24 -23.69
CA SER C 70 -0.70 24.99 -24.93
C SER C 70 -1.75 26.05 -24.69
N ARG C 71 -1.98 26.88 -25.70
CA ARG C 71 -3.02 27.86 -25.58
C ARG C 71 -3.61 28.14 -26.96
N ASP C 72 -4.84 28.62 -26.94
CA ASP C 72 -5.53 29.17 -28.12
C ASP C 72 -5.69 30.68 -27.89
N ASN C 73 -4.87 31.47 -28.58
CA ASN C 73 -4.89 32.92 -28.43
C ASN C 73 -6.27 33.49 -28.73
N SER C 74 -6.93 33.00 -29.79
CA SER C 74 -8.23 33.50 -30.21
C SER C 74 -9.32 33.16 -29.21
N LYS C 75 -9.28 31.97 -28.61
CA LYS C 75 -10.23 31.62 -27.57
C LYS C 75 -9.79 32.13 -26.21
N ASN C 76 -8.62 32.77 -26.13
CA ASN C 76 -8.02 33.19 -24.86
C ASN C 76 -8.04 32.06 -23.83
N THR C 77 -7.61 30.86 -24.25
CA THR C 77 -7.79 29.68 -23.42
C THR C 77 -6.46 28.94 -23.31
N LEU C 78 -6.18 28.43 -22.10
CA LEU C 78 -5.04 27.58 -21.81
C LEU C 78 -5.48 26.12 -21.75
N TYR C 79 -4.61 25.22 -22.17
CA TYR C 79 -4.91 23.81 -22.17
C TYR C 79 -3.80 23.06 -21.47
N LEU C 80 -4.14 21.90 -20.93
CA LEU C 80 -3.13 20.93 -20.50
C LEU C 80 -3.57 19.58 -21.03
N GLN C 81 -2.82 19.04 -21.97
CA GLN C 81 -3.05 17.69 -22.45
C GLN C 81 -2.25 16.72 -21.58
N MET C 82 -2.91 15.70 -21.06
CA MET C 82 -2.27 14.72 -20.19
C MET C 82 -2.36 13.37 -20.86
N ASN C 83 -1.26 12.62 -20.82
CA ASN C 83 -1.21 11.26 -21.35
C ASN C 83 -0.59 10.34 -20.32
N SER C 84 -0.88 9.04 -20.46
CA SER C 84 -0.28 8.01 -19.66
C SER C 84 -0.43 8.36 -18.18
N LEU C 85 -1.67 8.64 -17.78
CA LEU C 85 -1.91 9.14 -16.44
C LEU C 85 -1.66 8.04 -15.41
N ARG C 86 -1.24 8.47 -14.23
CA ARG C 86 -0.80 7.65 -13.10
C ARG C 86 -1.62 8.06 -11.88
N ALA C 87 -1.71 7.15 -10.89
CA ALA C 87 -2.44 7.47 -9.65
C ALA C 87 -1.88 8.71 -8.97
N GLU C 88 -0.55 8.86 -8.96
CA GLU C 88 0.14 10.03 -8.40
C GLU C 88 -0.23 11.33 -9.08
N ASP C 89 -0.93 11.28 -10.24
CA ASP C 89 -1.41 12.48 -10.92
C ASP C 89 -2.71 13.00 -10.34
N THR C 90 -3.41 12.19 -9.54
CA THR C 90 -4.62 12.67 -8.89
C THR C 90 -4.35 13.97 -8.12
N ALA C 91 -5.16 14.99 -8.38
CA ALA C 91 -4.94 16.31 -7.78
C ALA C 91 -6.00 17.29 -8.27
N VAL C 92 -6.14 18.38 -7.54
CA VAL C 92 -6.78 19.56 -8.10
C VAL C 92 -5.76 20.26 -8.98
N TYR C 93 -6.15 20.60 -10.21
CA TYR C 93 -5.28 21.32 -11.14
C TYR C 93 -5.77 22.75 -11.25
N TYR C 94 -4.88 23.71 -11.02
CA TYR C 94 -5.15 25.13 -11.16
C TYR C 94 -4.41 25.65 -12.39
N CYS C 95 -5.04 26.55 -13.14
CA CYS C 95 -4.25 27.37 -14.04
C CYS C 95 -3.97 28.70 -13.34
N ALA C 96 -2.79 29.26 -13.62
CA ALA C 96 -2.46 30.52 -12.98
C ALA C 96 -1.74 31.45 -13.94
N ARG C 97 -2.03 32.74 -13.81
CA ARG C 97 -1.22 33.77 -14.44
C ARG C 97 0.07 33.89 -13.64
N ASP C 98 1.20 33.81 -14.32
CA ASP C 98 2.53 33.73 -13.73
C ASP C 98 3.26 35.03 -14.08
N LEU C 99 3.74 35.76 -13.07
CA LEU C 99 4.40 37.03 -13.37
C LEU C 99 5.82 36.84 -13.80
N GLY C 100 6.23 35.61 -14.04
CA GLY C 100 7.61 35.28 -14.28
C GLY C 100 8.09 34.57 -13.02
N THR C 101 8.90 33.54 -13.20
CA THR C 101 9.61 32.81 -12.14
C THR C 101 8.66 32.03 -11.23
N GLY C 102 7.46 31.69 -11.71
CA GLY C 102 6.54 30.92 -10.90
C GLY C 102 5.85 31.76 -9.84
N LEU C 103 5.63 33.03 -10.11
CA LEU C 103 4.95 33.92 -9.18
C LEU C 103 3.49 34.05 -9.60
N PHE C 104 2.61 33.38 -8.86
CA PHE C 104 1.22 33.20 -9.28
C PHE C 104 0.33 34.22 -8.56
N ASP C 105 -0.11 35.26 -9.29
CA ASP C 105 -0.96 36.28 -8.68
C ASP C 105 -2.43 36.10 -8.97
N TYR C 106 -2.79 35.35 -10.00
CA TYR C 106 -4.17 35.07 -10.29
C TYR C 106 -4.35 33.57 -10.53
N TRP C 107 -5.42 33.00 -9.98
CA TRP C 107 -5.69 31.56 -10.01
C TRP C 107 -7.11 31.27 -10.46
N GLY C 108 -7.26 30.15 -11.19
CA GLY C 108 -8.56 29.54 -11.40
C GLY C 108 -9.07 28.86 -10.14
N GLN C 109 -10.29 28.30 -10.24
CA GLN C 109 -10.93 27.69 -9.08
C GLN C 109 -10.46 26.26 -8.87
N GLY C 110 -9.77 25.71 -9.84
CA GLY C 110 -9.26 24.34 -9.84
C GLY C 110 -10.27 23.35 -10.37
N THR C 111 -9.76 22.26 -10.91
CA THR C 111 -10.61 21.15 -11.36
C THR C 111 -9.99 19.82 -10.92
N LEU C 112 -10.80 18.94 -10.33
CA LEU C 112 -10.26 17.71 -9.76
C LEU C 112 -10.08 16.64 -10.84
N VAL C 113 -8.90 16.06 -10.87
CA VAL C 113 -8.56 14.95 -11.74
C VAL C 113 -8.29 13.76 -10.84
N THR C 114 -9.12 12.71 -10.94
CA THR C 114 -8.90 11.48 -10.17
C THR C 114 -8.49 10.33 -11.09
N VAL C 115 -7.37 9.70 -10.77
CA VAL C 115 -6.81 8.64 -11.61
C VAL C 115 -6.80 7.36 -10.77
N SER C 116 -7.71 6.42 -11.08
CA SER C 116 -7.72 5.13 -10.39
C SER C 116 -8.26 4.01 -11.27
N SER C 117 -7.74 2.79 -11.02
CA SER C 117 -8.15 1.54 -11.66
C SER C 117 -9.36 0.91 -11.00
N ALA C 118 -9.59 1.23 -9.73
CA ALA C 118 -10.77 0.73 -9.03
C ALA C 118 -12.03 1.23 -9.74
N SER C 119 -13.00 0.34 -9.91
CA SER C 119 -14.24 0.75 -10.53
C SER C 119 -15.21 1.29 -9.48
N THR C 120 -16.09 2.17 -9.96
CA THR C 120 -17.11 2.78 -9.13
C THR C 120 -17.95 1.72 -8.42
N LYS C 121 -18.08 1.83 -7.08
CA LYS C 121 -18.82 0.91 -6.21
C LYS C 121 -19.55 1.70 -5.13
N GLY C 122 -20.85 1.45 -4.99
CA GLY C 122 -21.72 2.24 -4.14
C GLY C 122 -21.57 1.92 -2.66
N PRO C 123 -21.87 2.93 -1.84
CA PRO C 123 -21.66 2.79 -0.40
C PRO C 123 -22.75 1.94 0.23
N SER C 124 -22.35 1.10 1.17
CA SER C 124 -23.30 0.47 2.08
C SER C 124 -23.42 1.34 3.33
N VAL C 125 -24.64 1.81 3.64
CA VAL C 125 -24.89 2.71 4.75
C VAL C 125 -25.38 1.90 5.96
N PHE C 126 -24.66 1.99 7.08
CA PHE C 126 -24.92 1.25 8.32
C PHE C 126 -25.18 2.20 9.49
N PRO C 127 -26.06 1.83 10.42
CA PRO C 127 -26.33 2.72 11.56
C PRO C 127 -25.23 2.63 12.61
N LEU C 128 -24.96 3.77 13.26
CA LEU C 128 -24.16 3.83 14.50
C LEU C 128 -25.16 4.21 15.60
N ALA C 129 -25.67 3.19 16.29
CA ALA C 129 -26.91 3.30 17.05
C ALA C 129 -26.63 3.77 18.46
N PRO C 130 -27.38 4.78 18.93
CA PRO C 130 -27.26 5.18 20.34
C PRO C 130 -27.52 3.98 21.25
N SER C 131 -26.61 3.73 22.17
CA SER C 131 -26.76 2.58 23.06
C SER C 131 -27.25 2.98 24.45
N GLY C 137 -25.30 9.33 28.77
CA GLY C 137 -26.28 10.02 29.62
C GLY C 137 -26.28 11.54 29.54
N GLY C 138 -27.50 12.11 29.47
CA GLY C 138 -27.70 13.51 29.20
C GLY C 138 -27.63 13.80 27.70
N THR C 139 -26.47 13.50 27.12
CA THR C 139 -26.24 13.60 25.68
C THR C 139 -26.08 12.22 25.07
N ALA C 140 -26.68 12.01 23.91
CA ALA C 140 -26.50 10.79 23.14
C ALA C 140 -25.83 11.10 21.81
N ALA C 141 -25.01 10.17 21.35
CA ALA C 141 -24.38 10.21 20.05
C ALA C 141 -25.00 9.13 19.16
N LEU C 142 -25.33 9.49 17.92
CA LEU C 142 -25.77 8.50 16.95
C LEU C 142 -25.22 8.92 15.59
N GLY C 143 -25.12 7.96 14.67
CA GLY C 143 -24.58 8.29 13.38
C GLY C 143 -24.85 7.28 12.29
N CYS C 144 -24.15 7.49 11.16
CA CYS C 144 -24.15 6.59 10.01
C CYS C 144 -22.72 6.35 9.56
N LEU C 145 -22.39 5.07 9.33
CA LEU C 145 -21.16 4.61 8.70
C LEU C 145 -21.43 4.30 7.23
N VAL C 146 -20.70 4.96 6.34
CA VAL C 146 -20.83 4.81 4.89
C VAL C 146 -19.59 4.04 4.42
N LYS C 147 -19.71 2.72 4.25
CA LYS C 147 -18.57 1.83 4.10
C LYS C 147 -18.42 1.30 2.67
N ASP C 148 -17.16 0.97 2.32
CA ASP C 148 -16.77 0.20 1.13
C ASP C 148 -17.38 0.79 -0.14
N TYR C 149 -17.00 2.03 -0.45
CA TYR C 149 -17.39 2.69 -1.70
C TYR C 149 -16.14 3.18 -2.45
N PHE C 150 -16.33 3.70 -3.68
CA PHE C 150 -15.30 4.31 -4.53
C PHE C 150 -15.92 4.99 -5.76
N PRO C 151 -15.44 6.16 -6.19
CA PRO C 151 -14.42 7.06 -5.62
C PRO C 151 -15.07 8.01 -4.60
N GLU C 152 -14.34 9.02 -4.04
CA GLU C 152 -14.97 10.19 -3.38
C GLU C 152 -15.82 10.97 -4.39
N PRO C 153 -16.64 11.97 -3.96
CA PRO C 153 -17.11 12.34 -2.62
C PRO C 153 -18.33 11.51 -2.17
N VAL C 154 -18.81 11.69 -0.94
CA VAL C 154 -20.19 11.41 -0.58
C VAL C 154 -20.73 12.60 0.19
N THR C 155 -22.02 12.86 0.03
CA THR C 155 -22.72 13.91 0.75
C THR C 155 -23.54 13.25 1.86
N VAL C 156 -23.68 13.93 3.01
CA VAL C 156 -24.52 13.44 4.11
C VAL C 156 -25.28 14.62 4.72
N SER C 157 -26.58 14.44 4.93
CA SER C 157 -27.46 15.34 5.67
C SER C 157 -28.17 14.59 6.79
N TRP C 158 -28.90 15.32 7.63
CA TRP C 158 -29.64 14.72 8.74
C TRP C 158 -31.05 15.29 8.78
N ASN C 159 -32.04 14.41 8.79
CA ASN C 159 -33.44 14.80 8.85
C ASN C 159 -33.78 15.77 7.72
N SER C 160 -33.21 15.50 6.53
CA SER C 160 -33.37 16.32 5.34
C SER C 160 -32.90 17.76 5.55
N GLY C 161 -31.83 17.92 6.32
CA GLY C 161 -31.31 19.24 6.58
C GLY C 161 -31.97 20.01 7.70
N ALA C 162 -33.11 19.54 8.22
CA ALA C 162 -33.71 20.18 9.40
C ALA C 162 -32.84 20.07 10.66
N LEU C 163 -31.82 19.22 10.67
CA LEU C 163 -30.98 19.03 11.85
C LEU C 163 -29.52 19.17 11.44
N THR C 164 -28.87 20.22 11.94
CA THR C 164 -27.49 20.52 11.59
C THR C 164 -26.65 20.81 12.82
N SER C 165 -27.30 21.28 13.88
CA SER C 165 -26.64 21.49 15.17
C SER C 165 -26.00 20.19 15.65
N GLY C 166 -24.71 20.24 15.99
CA GLY C 166 -24.03 19.08 16.55
C GLY C 166 -23.62 17.99 15.58
N VAL C 167 -23.76 18.23 14.28
CA VAL C 167 -23.40 17.25 13.27
C VAL C 167 -21.90 17.34 12.95
N HIS C 168 -21.23 16.19 12.90
CA HIS C 168 -19.86 16.10 12.38
C HIS C 168 -19.80 15.06 11.27
N THR C 169 -19.63 15.51 10.02
CA THR C 169 -19.35 14.62 8.91
C THR C 169 -17.83 14.61 8.69
N PHE C 170 -17.23 13.47 9.00
CA PHE C 170 -15.80 13.30 8.99
C PHE C 170 -15.28 13.18 7.56
N PRO C 171 -13.96 13.14 7.41
CA PRO C 171 -13.35 12.77 6.13
C PRO C 171 -13.13 11.28 5.94
N ALA C 172 -13.05 10.88 4.66
CA ALA C 172 -12.96 9.48 4.27
C ALA C 172 -11.56 8.91 4.45
N VAL C 173 -11.48 7.67 4.95
CA VAL C 173 -10.23 6.94 5.08
C VAL C 173 -10.18 5.82 4.03
N LEU C 174 -9.04 5.71 3.34
CA LEU C 174 -8.83 4.65 2.36
C LEU C 174 -8.40 3.35 3.07
N GLN C 175 -9.12 2.26 2.80
CA GLN C 175 -8.76 1.01 3.46
C GLN C 175 -7.87 0.16 2.58
N SER C 176 -7.46 -0.98 3.18
CA SER C 176 -6.51 -1.92 2.60
C SER C 176 -7.08 -2.63 1.37
N SER C 177 -8.40 -2.75 1.30
CA SER C 177 -9.04 -3.12 0.05
C SER C 177 -8.90 -2.06 -1.04
N GLY C 178 -8.50 -0.84 -0.70
CA GLY C 178 -8.57 0.22 -1.68
C GLY C 178 -9.94 0.83 -1.82
N LEU C 179 -10.93 0.34 -1.06
CA LEU C 179 -12.19 1.03 -0.90
C LEU C 179 -12.16 2.04 0.28
N TYR C 180 -12.98 3.10 0.16
CA TYR C 180 -13.10 4.18 1.15
C TYR C 180 -14.16 3.82 2.21
N SER C 181 -14.24 4.63 3.29
CA SER C 181 -15.21 4.44 4.37
C SER C 181 -15.22 5.70 5.25
N LEU C 182 -16.43 6.11 5.67
CA LEU C 182 -16.68 7.45 6.18
C LEU C 182 -17.73 7.40 7.30
N SER C 183 -17.79 8.46 8.10
CA SER C 183 -18.72 8.52 9.23
C SER C 183 -19.36 9.91 9.35
N SER C 184 -20.64 9.92 9.66
CA SER C 184 -21.37 11.12 10.02
C SER C 184 -22.03 10.88 11.37
N VAL C 185 -21.89 11.83 12.29
CA VAL C 185 -22.43 11.65 13.64
C VAL C 185 -23.13 12.92 14.09
N VAL C 186 -24.08 12.75 15.02
CA VAL C 186 -24.75 13.89 15.65
C VAL C 186 -24.93 13.56 17.13
N THR C 187 -24.83 14.58 17.97
CA THR C 187 -25.14 14.45 19.39
C THR C 187 -26.46 15.17 19.64
N VAL C 188 -27.33 14.53 20.41
CA VAL C 188 -28.70 14.98 20.62
C VAL C 188 -29.04 14.80 22.10
N PRO C 189 -30.12 15.40 22.60
CA PRO C 189 -30.56 15.10 23.96
C PRO C 189 -30.96 13.64 24.09
N SER C 190 -30.46 12.97 25.15
CA SER C 190 -30.91 11.61 25.43
C SER C 190 -32.43 11.53 25.52
N SER C 191 -33.03 12.57 26.10
CA SER C 191 -34.49 12.63 26.25
C SER C 191 -35.21 12.63 24.90
N SER C 192 -34.58 13.14 23.86
CA SER C 192 -35.22 13.16 22.55
C SER C 192 -35.27 11.78 21.88
N LEU C 193 -34.45 10.84 22.32
CA LEU C 193 -34.49 9.51 21.72
C LEU C 193 -35.87 8.91 21.92
N GLY C 194 -36.34 8.16 20.93
CA GLY C 194 -37.62 7.49 21.04
C GLY C 194 -38.84 8.31 20.66
N THR C 195 -38.74 9.65 20.63
CA THR C 195 -39.82 10.50 20.13
C THR C 195 -39.41 11.38 18.96
N GLN C 196 -38.12 11.67 18.82
CA GLN C 196 -37.58 12.33 17.65
C GLN C 196 -36.91 11.26 16.78
N THR C 197 -37.40 11.09 15.55
CA THR C 197 -36.77 10.18 14.62
C THR C 197 -35.50 10.83 14.04
N TYR C 198 -34.48 10.02 13.81
CA TYR C 198 -33.23 10.51 13.25
C TYR C 198 -32.90 9.74 11.98
N ILE C 199 -32.82 10.46 10.87
CA ILE C 199 -32.57 9.88 9.55
C ILE C 199 -31.35 10.58 8.96
N CYS C 200 -30.38 9.80 8.52
CA CYS C 200 -29.28 10.36 7.75
C CYS C 200 -29.56 10.13 6.26
N ASN C 201 -29.36 11.18 5.47
CA ASN C 201 -29.55 11.15 4.01
C ASN C 201 -28.19 11.21 3.32
N VAL C 202 -27.84 10.10 2.65
CA VAL C 202 -26.53 9.84 2.07
C VAL C 202 -26.64 9.85 0.55
N ASN C 203 -25.62 10.43 -0.13
CA ASN C 203 -25.52 10.49 -1.61
C ASN C 203 -24.13 10.07 -2.05
N HIS C 204 -24.07 9.13 -3.01
CA HIS C 204 -22.86 8.77 -3.76
C HIS C 204 -23.22 9.02 -5.21
N LYS C 205 -22.93 10.24 -5.67
CA LYS C 205 -23.15 10.71 -7.03
C LYS C 205 -22.23 10.09 -8.07
N PRO C 206 -21.01 9.61 -7.72
CA PRO C 206 -20.30 8.67 -8.62
C PRO C 206 -21.05 7.35 -8.87
N SER C 207 -21.76 6.84 -7.86
CA SER C 207 -22.92 5.96 -8.05
C SER C 207 -24.06 6.85 -8.56
N ASN C 208 -25.26 6.31 -8.63
CA ASN C 208 -26.41 7.19 -8.49
C ASN C 208 -27.12 6.63 -7.26
N THR C 209 -26.67 7.04 -6.07
CA THR C 209 -27.14 6.45 -4.82
C THR C 209 -27.66 7.52 -3.88
N LYS C 210 -28.94 7.44 -3.53
CA LYS C 210 -29.53 8.15 -2.39
C LYS C 210 -30.02 7.11 -1.39
N VAL C 211 -29.52 7.19 -0.15
CA VAL C 211 -29.96 6.34 0.94
C VAL C 211 -30.51 7.21 2.06
N ASP C 212 -31.66 6.81 2.63
CA ASP C 212 -32.19 7.38 3.86
C ASP C 212 -32.19 6.28 4.92
N LYS C 213 -31.37 6.44 5.97
CA LYS C 213 -31.26 5.45 7.05
C LYS C 213 -31.83 6.06 8.32
N LYS C 214 -32.94 5.49 8.79
CA LYS C 214 -33.37 5.78 10.16
C LYS C 214 -32.40 5.10 11.12
N VAL C 215 -31.89 5.85 12.08
CA VAL C 215 -31.02 5.32 13.14
C VAL C 215 -31.78 5.36 14.43
N GLU C 216 -31.86 4.22 15.11
CA GLU C 216 -32.63 4.16 16.35
C GLU C 216 -31.91 3.32 17.38
N PRO C 217 -32.18 3.53 18.67
CA PRO C 217 -31.50 2.76 19.71
C PRO C 217 -31.74 1.25 19.62
N ASP D 1 18.83 20.29 -6.38
CA ASP D 1 17.48 20.57 -5.92
C ASP D 1 17.50 21.28 -4.57
N ILE D 2 16.58 22.21 -4.40
CA ILE D 2 16.46 22.96 -3.16
C ILE D 2 15.31 22.37 -2.36
N GLN D 3 15.51 22.22 -1.06
CA GLN D 3 14.45 21.85 -0.13
C GLN D 3 14.15 23.02 0.79
N LEU D 4 12.85 23.25 1.00
CA LEU D 4 12.37 24.25 1.95
C LEU D 4 11.72 23.53 3.11
N THR D 5 11.97 24.02 4.31
CA THR D 5 11.29 23.56 5.51
C THR D 5 10.61 24.77 6.13
N GLN D 6 9.51 24.51 6.83
CA GLN D 6 8.72 25.57 7.45
C GLN D 6 8.50 25.23 8.92
N SER D 7 8.48 26.27 9.75
CA SER D 7 8.30 26.02 11.16
C SER D 7 7.59 27.24 11.72
N PRO D 8 6.64 27.05 12.65
CA PRO D 8 6.18 25.70 13.07
C PRO D 8 5.30 25.02 11.98
N SER D 9 5.19 23.70 11.97
CA SER D 9 4.19 23.07 11.10
C SER D 9 2.78 23.46 11.50
N PHE D 10 2.57 23.73 12.78
CA PHE D 10 1.25 23.96 13.33
C PHE D 10 1.32 25.02 14.43
N LEU D 11 0.32 25.90 14.45
CA LEU D 11 0.34 27.04 15.35
C LEU D 11 -1.09 27.33 15.76
N SER D 12 -1.33 27.41 17.07
CA SER D 12 -2.61 27.90 17.58
C SER D 12 -2.38 29.28 18.15
N ALA D 13 -3.18 30.26 17.73
CA ALA D 13 -2.92 31.64 18.10
C ALA D 13 -4.25 32.36 18.26
N SER D 14 -4.19 33.56 18.79
CA SER D 14 -5.40 34.31 19.08
C SER D 14 -5.50 35.55 18.20
N VAL D 15 -6.73 35.98 17.95
CA VAL D 15 -6.92 37.25 17.25
C VAL D 15 -6.15 38.34 17.99
N GLY D 16 -5.34 39.10 17.24
CA GLY D 16 -4.60 40.19 17.82
C GLY D 16 -3.15 39.89 18.09
N ASP D 17 -2.74 38.61 18.13
CA ASP D 17 -1.35 38.26 18.34
C ASP D 17 -0.47 38.73 17.18
N ARG D 18 0.81 38.92 17.48
CA ARG D 18 1.86 38.99 16.48
C ARG D 18 2.32 37.57 16.18
N VAL D 19 2.39 37.22 14.90
CA VAL D 19 2.64 35.85 14.45
C VAL D 19 3.85 35.83 13.52
N THR D 20 4.79 34.91 13.76
CA THR D 20 5.98 34.78 12.93
C THR D 20 6.19 33.33 12.58
N ILE D 21 6.27 33.03 11.28
CA ILE D 21 6.62 31.70 10.83
C ILE D 21 7.81 31.83 9.89
N THR D 22 8.57 30.75 9.79
CA THR D 22 9.86 30.81 9.13
C THR D 22 9.99 29.72 8.10
N CYS D 23 10.74 30.06 7.06
CA CYS D 23 11.07 29.20 5.94
C CYS D 23 12.59 29.08 5.88
N ARG D 24 13.11 27.87 5.73
CA ARG D 24 14.55 27.68 5.63
C ARG D 24 14.87 26.86 4.37
N ALA D 25 15.78 27.37 3.54
CA ALA D 25 16.20 26.69 2.32
C ALA D 25 17.51 25.93 2.56
N SER D 26 17.60 24.75 1.94
CA SER D 26 18.84 23.96 2.00
C SER D 26 20.05 24.76 1.52
N GLN D 27 19.91 25.50 0.43
CA GLN D 27 21.00 26.34 -0.06
C GLN D 27 20.48 27.75 -0.25
N GLY D 28 21.40 28.71 -0.29
CA GLY D 28 21.06 30.10 -0.52
C GLY D 28 20.25 30.26 -1.80
N ILE D 29 19.15 31.02 -1.76
CA ILE D 29 18.32 31.34 -2.92
C ILE D 29 18.03 32.83 -2.87
N SER D 30 18.69 33.50 -1.94
CA SER D 30 19.04 34.91 -1.93
C SER D 30 17.98 36.03 -1.86
N SER D 31 16.90 36.01 -2.63
CA SER D 31 15.66 36.75 -2.36
C SER D 31 14.54 36.14 -3.18
N TYR D 32 14.84 35.01 -3.82
CA TYR D 32 13.92 34.30 -4.71
C TYR D 32 12.91 33.48 -3.91
N LEU D 33 12.00 34.20 -3.24
CA LEU D 33 11.03 33.54 -2.37
C LEU D 33 9.74 34.33 -2.30
N ALA D 34 8.62 33.60 -2.31
CA ALA D 34 7.28 34.15 -2.22
C ALA D 34 6.54 33.48 -1.05
N TRP D 35 5.52 34.17 -0.53
CA TRP D 35 4.58 33.61 0.45
C TRP D 35 3.15 33.69 -0.05
N TYR D 36 2.40 32.60 0.22
CA TYR D 36 0.99 32.45 -0.14
C TYR D 36 0.15 32.02 1.07
N GLN D 37 -1.11 32.46 1.05
CA GLN D 37 -2.15 31.97 1.96
C GLN D 37 -3.08 31.00 1.23
N GLN D 38 -3.51 29.94 1.92
CA GLN D 38 -4.52 29.05 1.39
C GLN D 38 -5.50 28.61 2.46
N LYS D 39 -6.73 28.84 2.22
CA LYS D 39 -7.83 28.34 3.04
C LYS D 39 -8.49 27.13 2.37
N PRO D 40 -9.04 26.19 3.15
CA PRO D 40 -9.53 24.92 2.58
C PRO D 40 -10.59 25.12 1.48
N GLY D 41 -10.43 24.38 0.38
CA GLY D 41 -11.30 24.51 -0.77
C GLY D 41 -11.09 25.71 -1.69
N LYS D 42 -10.08 26.55 -1.45
CA LYS D 42 -9.84 27.68 -2.33
C LYS D 42 -8.42 27.62 -2.90
N ALA D 43 -8.23 28.39 -3.96
CA ALA D 43 -6.91 28.58 -4.52
C ALA D 43 -6.03 29.35 -3.53
N PRO D 44 -4.72 29.16 -3.59
CA PRO D 44 -3.83 30.00 -2.78
C PRO D 44 -3.87 31.44 -3.29
N LYS D 45 -3.43 32.37 -2.42
CA LYS D 45 -3.41 33.80 -2.73
C LYS D 45 -2.03 34.35 -2.39
N LEU D 46 -1.45 35.08 -3.33
CA LEU D 46 -0.10 35.61 -3.17
C LEU D 46 -0.08 36.71 -2.12
N LEU D 47 0.78 36.56 -1.11
CA LEU D 47 0.99 37.59 -0.10
C LEU D 47 2.26 38.39 -0.33
N ILE D 48 3.41 37.72 -0.50
CA ILE D 48 4.70 38.40 -0.59
C ILE D 48 5.55 37.77 -1.70
N TYR D 49 6.33 38.61 -2.38
CA TYR D 49 7.27 38.13 -3.39
C TYR D 49 8.60 38.87 -3.22
N ALA D 50 9.67 38.28 -3.77
CA ALA D 50 11.01 38.87 -3.66
C ALA D 50 11.43 38.98 -2.20
N ALA D 51 10.90 38.04 -1.42
CA ALA D 51 11.11 37.85 0.01
C ALA D 51 10.50 38.92 0.92
N SER D 52 10.29 40.13 0.41
CA SER D 52 9.87 41.20 1.28
C SER D 52 8.91 42.18 0.64
N THR D 53 8.57 42.03 -0.63
CA THR D 53 7.67 42.95 -1.27
C THR D 53 6.23 42.51 -1.08
N LEU D 54 5.40 43.44 -0.60
CA LEU D 54 4.00 43.15 -0.33
C LEU D 54 3.23 43.12 -1.64
N GLN D 55 2.49 42.05 -1.88
CA GLN D 55 1.67 42.00 -3.08
C GLN D 55 0.56 43.06 -2.98
N SER D 56 0.30 43.72 -4.12
CA SER D 56 -0.66 44.82 -4.13
C SER D 56 -2.06 44.32 -3.74
N GLY D 57 -2.77 45.13 -2.96
CA GLY D 57 -4.06 44.75 -2.41
C GLY D 57 -4.01 43.88 -1.16
N VAL D 58 -2.84 43.43 -0.73
CA VAL D 58 -2.70 42.61 0.48
C VAL D 58 -2.56 43.52 1.71
N PRO D 59 -3.24 43.24 2.82
CA PRO D 59 -3.16 44.13 3.99
C PRO D 59 -1.75 44.25 4.53
N SER D 60 -1.41 45.46 4.99
CA SER D 60 -0.07 45.78 5.50
C SER D 60 0.31 45.05 6.78
N ARG D 61 -0.61 44.36 7.45
CA ARG D 61 -0.17 43.57 8.59
C ARG D 61 0.75 42.42 8.18
N PHE D 62 0.80 42.08 6.89
CA PHE D 62 1.67 41.01 6.41
C PHE D 62 3.00 41.61 5.99
N SER D 63 4.09 41.02 6.45
CA SER D 63 5.41 41.50 6.02
C SER D 63 6.39 40.35 5.97
N GLY D 64 7.26 40.38 4.98
CA GLY D 64 8.29 39.36 4.78
C GLY D 64 9.68 39.91 5.03
N SER D 65 10.53 39.07 5.59
CA SER D 65 11.91 39.42 5.88
C SER D 65 12.81 38.25 5.48
N GLY D 66 14.09 38.57 5.31
CA GLY D 66 15.13 37.57 5.25
C GLY D 66 15.75 37.48 3.86
N SER D 67 16.76 36.62 3.76
CA SER D 67 17.42 36.36 2.48
C SER D 67 18.35 35.15 2.64
N GLY D 68 18.96 34.76 1.52
CA GLY D 68 19.83 33.60 1.53
C GLY D 68 19.10 32.33 1.87
N THR D 69 19.28 31.83 3.10
CA THR D 69 18.62 30.61 3.54
C THR D 69 17.56 30.82 4.61
N GLU D 70 17.33 32.04 5.11
CA GLU D 70 16.40 32.18 6.23
C GLU D 70 15.39 33.27 5.95
N PHE D 71 14.11 32.93 6.06
CA PHE D 71 13.05 33.86 5.71
C PHE D 71 11.92 33.79 6.73
N THR D 72 11.19 34.89 6.82
CA THR D 72 10.26 35.06 7.91
C THR D 72 9.05 35.77 7.35
N LEU D 73 7.89 35.23 7.66
CA LEU D 73 6.62 35.88 7.38
C LEU D 73 6.05 36.28 8.72
N THR D 74 5.61 37.53 8.83
CA THR D 74 5.10 38.09 10.06
C THR D 74 3.74 38.72 9.79
N ILE D 75 2.80 38.47 10.69
CA ILE D 75 1.52 39.15 10.74
C ILE D 75 1.52 39.98 12.02
N SER D 76 1.54 41.31 11.85
CA SER D 76 1.77 42.21 12.98
C SER D 76 0.67 42.11 14.04
N SER D 77 -0.59 41.93 13.61
CA SER D 77 -1.72 41.77 14.53
C SER D 77 -2.76 40.88 13.84
N LEU D 78 -2.85 39.62 14.28
CA LEU D 78 -3.67 38.62 13.60
C LEU D 78 -5.15 38.99 13.59
N GLN D 79 -5.77 38.86 12.43
CA GLN D 79 -7.19 39.13 12.25
C GLN D 79 -7.97 37.82 12.19
N PRO D 80 -9.29 37.90 12.39
CA PRO D 80 -10.11 36.68 12.28
C PRO D 80 -10.05 36.00 10.92
N GLU D 81 -9.93 36.76 9.84
CA GLU D 81 -9.88 36.13 8.53
C GLU D 81 -8.54 35.47 8.24
N ASP D 82 -7.59 35.49 9.17
CA ASP D 82 -6.21 35.10 8.86
C ASP D 82 -5.90 33.66 9.20
N PHE D 83 -6.84 32.88 9.76
CA PHE D 83 -6.52 31.50 10.09
C PHE D 83 -6.54 30.66 8.82
N ALA D 84 -5.46 29.91 8.59
CA ALA D 84 -5.20 29.47 7.21
C ALA D 84 -3.93 28.64 7.16
N THR D 85 -3.58 28.10 6.01
CA THR D 85 -2.24 27.56 5.86
C THR D 85 -1.40 28.51 5.02
N TYR D 86 -0.12 28.64 5.39
CA TYR D 86 0.81 29.55 4.73
C TYR D 86 1.94 28.72 4.14
N TYR D 87 2.22 28.97 2.87
CA TYR D 87 3.29 28.29 2.13
C TYR D 87 4.32 29.30 1.68
N CYS D 88 5.57 28.88 1.70
CA CYS D 88 6.63 29.61 1.03
C CYS D 88 7.05 28.86 -0.22
N GLN D 89 7.57 29.61 -1.18
CA GLN D 89 7.90 29.06 -2.48
C GLN D 89 9.22 29.65 -2.97
N GLN D 90 10.10 28.76 -3.41
CA GLN D 90 11.33 29.17 -4.06
C GLN D 90 11.03 29.52 -5.53
N LEU D 91 11.31 30.76 -5.92
CA LEU D 91 11.05 31.20 -7.28
C LEU D 91 12.15 30.70 -8.22
N ASP D 92 11.75 30.37 -9.45
CA ASP D 92 12.65 29.81 -10.46
C ASP D 92 12.09 30.05 -11.86
N SER D 93 12.99 30.23 -12.84
CA SER D 93 12.55 30.53 -14.19
C SER D 93 11.84 29.36 -14.86
N TYR D 94 12.05 28.14 -14.36
CA TYR D 94 11.62 26.87 -14.92
C TYR D 94 10.87 26.09 -13.85
N PRO D 95 9.88 25.30 -14.27
CA PRO D 95 8.69 25.03 -13.45
C PRO D 95 8.93 24.30 -12.15
N PRO D 96 9.92 23.43 -12.01
CA PRO D 96 9.92 22.67 -10.76
C PRO D 96 9.80 23.61 -9.56
N GLY D 97 10.76 24.50 -9.37
CA GLY D 97 10.74 25.35 -8.18
C GLY D 97 10.57 24.51 -6.92
N THR D 98 10.11 25.13 -5.85
CA THR D 98 9.81 24.37 -4.64
C THR D 98 8.80 25.14 -3.81
N PHE D 99 7.84 24.42 -3.28
CA PHE D 99 6.94 24.90 -2.25
C PHE D 99 7.34 24.24 -0.92
N GLY D 100 7.33 25.03 0.16
CA GLY D 100 7.46 24.46 1.47
C GLY D 100 6.28 23.56 1.82
N PRO D 101 6.39 22.85 2.95
CA PRO D 101 5.31 21.95 3.37
C PRO D 101 4.12 22.66 4.03
N GLY D 102 4.23 23.93 4.35
CA GLY D 102 3.13 24.73 4.86
C GLY D 102 3.15 24.83 6.38
N THR D 103 2.64 25.95 6.87
CA THR D 103 2.43 26.19 8.29
C THR D 103 0.95 26.45 8.46
N LYS D 104 0.29 25.66 9.32
CA LYS D 104 -1.15 25.80 9.50
C LYS D 104 -1.43 26.53 10.80
N VAL D 105 -2.19 27.60 10.71
CA VAL D 105 -2.50 28.47 11.83
C VAL D 105 -3.98 28.33 12.13
N ASP D 106 -4.28 27.76 13.29
CA ASP D 106 -5.62 27.52 13.83
C ASP D 106 -5.88 28.44 15.02
N ILE D 107 -7.11 28.39 15.53
CA ILE D 107 -7.57 29.30 16.57
C ILE D 107 -7.23 28.70 17.93
N LYS D 108 -6.65 29.50 18.84
CA LYS D 108 -6.38 29.03 20.21
C LYS D 108 -7.63 29.16 21.08
N ARG D 109 -7.83 28.17 21.95
CA ARG D 109 -8.87 28.25 22.97
C ARG D 109 -8.40 27.43 24.17
N THR D 110 -9.25 27.37 25.20
CA THR D 110 -8.92 26.60 26.39
C THR D 110 -9.03 25.10 26.11
N VAL D 111 -8.35 24.32 26.96
CA VAL D 111 -8.38 22.87 26.84
C VAL D 111 -9.81 22.35 27.03
N ALA D 112 -10.18 21.33 26.26
CA ALA D 112 -11.49 20.67 26.40
C ALA D 112 -11.31 19.18 26.22
N ALA D 113 -11.67 18.41 27.24
CA ALA D 113 -11.57 16.97 27.11
C ALA D 113 -12.63 16.50 26.12
N PRO D 114 -12.34 15.44 25.36
CA PRO D 114 -13.36 14.89 24.44
C PRO D 114 -14.45 14.14 25.20
N SER D 115 -15.63 14.12 24.59
CA SER D 115 -16.67 13.15 24.97
C SER D 115 -16.49 11.90 24.11
N VAL D 116 -16.40 10.75 24.74
CA VAL D 116 -16.02 9.52 24.05
C VAL D 116 -17.25 8.64 23.91
N PHE D 117 -17.50 8.17 22.68
CA PHE D 117 -18.59 7.21 22.43
C PHE D 117 -18.06 6.03 21.63
N ILE D 118 -18.53 4.81 21.96
CA ILE D 118 -18.16 3.62 21.21
C ILE D 118 -19.43 3.00 20.62
N PHE D 119 -19.32 2.50 19.38
CA PHE D 119 -20.41 1.90 18.60
C PHE D 119 -20.02 0.50 18.16
N PRO D 120 -20.74 -0.55 18.55
CA PRO D 120 -20.45 -1.89 18.04
C PRO D 120 -20.85 -2.00 16.58
N PRO D 121 -20.46 -3.07 15.89
CA PRO D 121 -20.88 -3.21 14.49
C PRO D 121 -22.36 -3.57 14.42
N SER D 122 -23.05 -2.96 13.47
CA SER D 122 -24.47 -3.19 13.26
C SER D 122 -24.73 -4.59 12.74
N ASP D 123 -25.81 -5.21 13.23
CA ASP D 123 -26.22 -6.53 12.75
C ASP D 123 -26.25 -6.60 11.23
N GLU D 124 -26.81 -5.57 10.58
CA GLU D 124 -26.78 -5.50 9.12
C GLU D 124 -25.35 -5.66 8.56
N GLN D 125 -24.36 -5.10 9.26
CA GLN D 125 -22.97 -5.27 8.83
C GLN D 125 -22.49 -6.69 9.09
N LEU D 126 -22.84 -7.28 10.24
CA LEU D 126 -22.41 -8.65 10.47
C LEU D 126 -23.03 -9.60 9.44
N LYS D 127 -24.19 -9.24 8.86
CA LYS D 127 -24.66 -9.92 7.65
C LYS D 127 -23.78 -9.60 6.44
N SER D 128 -23.24 -8.37 6.39
CA SER D 128 -22.36 -7.96 5.29
C SER D 128 -21.17 -8.91 5.09
N GLY D 129 -20.67 -9.50 6.17
CA GLY D 129 -19.37 -10.17 6.15
C GLY D 129 -18.26 -9.37 6.80
N THR D 130 -18.58 -8.40 7.63
CA THR D 130 -17.64 -7.40 8.12
C THR D 130 -17.71 -7.37 9.64
N ALA D 131 -16.90 -6.51 10.25
CA ALA D 131 -17.22 -5.96 11.58
C ALA D 131 -16.42 -4.67 11.80
N SER D 132 -17.11 -3.53 11.78
CA SER D 132 -16.54 -2.22 12.07
C SER D 132 -16.96 -1.75 13.46
N VAL D 133 -15.99 -1.53 14.36
CA VAL D 133 -16.22 -0.93 15.68
C VAL D 133 -15.78 0.53 15.61
N VAL D 134 -16.65 1.46 16.01
CA VAL D 134 -16.36 2.88 15.81
C VAL D 134 -16.22 3.57 17.15
N CYS D 135 -15.31 4.54 17.22
CA CYS D 135 -15.05 5.34 18.42
C CYS D 135 -15.05 6.80 18.01
N LEU D 136 -15.84 7.59 18.70
CA LEU D 136 -15.99 9.01 18.45
C LEU D 136 -15.37 9.77 19.60
N LEU D 137 -14.51 10.73 19.29
CA LEU D 137 -13.96 11.68 20.25
C LEU D 137 -14.57 13.01 19.86
N ASN D 138 -15.51 13.50 20.65
CA ASN D 138 -16.28 14.68 20.27
C ASN D 138 -15.85 15.92 21.03
N ASN D 139 -15.54 16.98 20.25
CA ASN D 139 -15.47 18.38 20.66
C ASN D 139 -14.38 18.62 21.71
N PHE D 140 -13.15 18.42 21.26
CA PHE D 140 -12.02 18.48 22.17
C PHE D 140 -11.00 19.49 21.65
N TYR D 141 -10.08 19.88 22.54
CA TYR D 141 -9.04 20.83 22.20
C TYR D 141 -7.91 20.60 23.19
N PRO D 142 -6.65 20.56 22.73
CA PRO D 142 -6.12 20.82 21.38
C PRO D 142 -6.34 19.63 20.42
N ARG D 143 -5.99 19.79 19.14
CA ARG D 143 -6.36 18.78 18.14
C ARG D 143 -5.62 17.46 18.32
N GLU D 144 -4.48 17.44 19.00
CA GLU D 144 -3.76 16.20 19.13
C GLU D 144 -4.43 15.26 20.12
N ALA D 145 -4.52 13.98 19.76
CA ALA D 145 -5.27 13.01 20.56
C ALA D 145 -4.78 11.61 20.25
N LYS D 146 -4.65 10.76 21.28
CA LYS D 146 -4.23 9.37 21.11
C LYS D 146 -5.43 8.43 21.33
N VAL D 147 -5.75 7.61 20.33
CA VAL D 147 -6.74 6.56 20.48
C VAL D 147 -6.05 5.21 20.30
N GLN D 148 -6.28 4.29 21.21
CA GLN D 148 -5.81 2.92 21.07
C GLN D 148 -6.94 1.92 21.29
N TRP D 149 -6.96 0.85 20.50
CA TRP D 149 -7.99 -0.19 20.62
C TRP D 149 -7.46 -1.38 21.39
N LYS D 150 -8.35 -2.01 22.18
CA LYS D 150 -8.04 -3.26 22.87
C LYS D 150 -9.17 -4.25 22.68
N VAL D 151 -8.84 -5.54 22.77
CA VAL D 151 -9.78 -6.64 22.59
C VAL D 151 -9.48 -7.69 23.65
N ASP D 152 -10.41 -7.89 24.58
CA ASP D 152 -10.26 -8.84 25.68
C ASP D 152 -9.03 -8.54 26.53
N ASN D 153 -8.87 -7.26 26.91
CA ASN D 153 -7.74 -6.74 27.66
C ASN D 153 -6.48 -6.68 26.81
N ALA D 154 -6.55 -7.07 25.54
CA ALA D 154 -5.36 -7.28 24.72
C ALA D 154 -5.24 -6.17 23.69
N LEU D 155 -4.05 -5.59 23.60
CA LEU D 155 -3.84 -4.40 22.77
C LEU D 155 -3.83 -4.77 21.29
N GLN D 156 -4.44 -3.91 20.48
CA GLN D 156 -4.54 -4.10 19.03
C GLN D 156 -3.55 -3.21 18.30
N SER D 157 -3.03 -3.72 17.18
CA SER D 157 -2.11 -2.95 16.33
C SER D 157 -2.38 -3.29 14.88
N GLY D 158 -2.37 -2.26 14.01
CA GLY D 158 -2.48 -2.45 12.58
C GLY D 158 -3.91 -2.51 12.04
N ASN D 159 -4.86 -3.00 12.86
CA ASN D 159 -6.24 -3.21 12.43
C ASN D 159 -7.16 -2.02 12.72
N SER D 160 -6.62 -0.78 12.85
CA SER D 160 -7.39 0.44 13.10
C SER D 160 -7.14 1.44 11.98
N GLN D 161 -8.07 2.39 11.81
CA GLN D 161 -7.84 3.65 11.07
C GLN D 161 -8.58 4.80 11.76
N GLU D 162 -8.32 6.05 11.32
CA GLU D 162 -8.70 7.28 12.05
C GLU D 162 -8.92 8.46 11.12
N SER D 163 -9.76 9.43 11.54
CA SER D 163 -10.08 10.64 10.76
C SER D 163 -10.44 11.83 11.67
N VAL D 164 -10.25 13.10 11.17
CA VAL D 164 -10.41 14.34 11.98
C VAL D 164 -11.03 15.49 11.19
N THR D 165 -11.82 16.33 11.88
CA THR D 165 -12.50 17.48 11.28
C THR D 165 -11.66 18.76 11.31
N GLU D 166 -11.95 19.66 10.36
CA GLU D 166 -11.49 21.04 10.48
C GLU D 166 -12.00 21.63 11.80
N GLN D 167 -11.26 22.61 12.32
CA GLN D 167 -11.61 23.17 13.61
C GLN D 167 -13.00 23.77 13.56
N ASP D 168 -13.77 23.51 14.61
CA ASP D 168 -15.20 23.79 14.54
C ASP D 168 -15.46 25.27 14.50
N SER D 169 -16.51 25.62 13.75
CA SER D 169 -16.90 26.99 13.46
C SER D 169 -17.32 27.75 14.72
N LYS D 170 -18.02 27.07 15.64
CA LYS D 170 -18.66 27.78 16.75
C LYS D 170 -17.88 27.71 18.07
N ASP D 171 -17.26 26.57 18.40
CA ASP D 171 -16.57 26.42 19.68
C ASP D 171 -15.07 26.15 19.52
N SER D 172 -14.54 26.19 18.30
CA SER D 172 -13.12 26.02 18.01
C SER D 172 -12.55 24.71 18.53
N THR D 173 -13.38 23.66 18.65
CA THR D 173 -12.90 22.32 18.97
C THR D 173 -12.72 21.48 17.70
N TYR D 174 -12.17 20.30 17.91
CA TYR D 174 -11.94 19.25 16.95
C TYR D 174 -12.74 18.02 17.36
N SER D 175 -13.05 17.17 16.37
CA SER D 175 -13.59 15.84 16.64
C SER D 175 -12.86 14.83 15.79
N LEU D 176 -12.79 13.60 16.28
CA LEU D 176 -12.02 12.50 15.72
C LEU D 176 -12.88 11.25 15.71
N SER D 177 -12.88 10.52 14.59
CA SER D 177 -13.49 9.19 14.54
C SER D 177 -12.46 8.14 14.16
N SER D 178 -12.29 7.13 15.01
CA SER D 178 -11.48 5.94 14.74
C SER D 178 -12.38 4.72 14.52
N THR D 179 -11.85 3.72 13.79
CA THR D 179 -12.58 2.54 13.31
C THR D 179 -11.68 1.32 13.32
N LEU D 180 -12.05 0.30 14.11
CA LEU D 180 -11.36 -0.98 14.19
C LEU D 180 -12.08 -2.01 13.33
N THR D 181 -11.34 -2.69 12.46
CA THR D 181 -11.91 -3.66 11.54
C THR D 181 -11.51 -5.09 11.90
N LEU D 182 -12.50 -5.99 11.89
CA LEU D 182 -12.26 -7.39 12.17
C LEU D 182 -13.19 -8.25 11.31
N SER D 183 -12.77 -9.51 11.11
CA SER D 183 -13.65 -10.47 10.48
C SER D 183 -14.74 -10.84 11.46
N LYS D 184 -15.89 -11.24 10.92
CA LYS D 184 -16.99 -11.60 11.79
C LYS D 184 -16.56 -12.69 12.77
N ALA D 185 -15.77 -13.65 12.26
CA ALA D 185 -15.21 -14.66 13.16
C ALA D 185 -14.30 -14.02 14.19
N ASP D 186 -13.47 -13.06 13.76
CA ASP D 186 -12.70 -12.27 14.73
C ASP D 186 -13.62 -11.67 15.78
N TYR D 187 -14.68 -11.00 15.34
CA TYR D 187 -15.63 -10.37 16.24
C TYR D 187 -16.23 -11.36 17.23
N GLU D 188 -16.45 -12.61 16.84
CA GLU D 188 -17.13 -13.55 17.72
C GLU D 188 -16.19 -14.54 18.41
N LYS D 189 -14.87 -14.39 18.23
CA LYS D 189 -13.94 -15.06 19.16
C LYS D 189 -13.84 -14.32 20.49
N HIS D 190 -14.10 -13.01 20.48
CA HIS D 190 -13.68 -12.12 21.55
C HIS D 190 -14.88 -11.43 22.18
N LYS D 191 -14.83 -11.21 23.50
CA LYS D 191 -15.95 -10.62 24.22
C LYS D 191 -15.82 -9.09 24.35
N VAL D 192 -14.78 -8.62 25.03
CA VAL D 192 -14.68 -7.21 25.41
C VAL D 192 -13.95 -6.44 24.31
N TYR D 193 -14.57 -5.35 23.84
CA TYR D 193 -13.99 -4.43 22.87
C TYR D 193 -13.89 -3.04 23.47
N ALA D 194 -12.73 -2.38 23.32
CA ALA D 194 -12.46 -1.16 24.07
C ALA D 194 -11.73 -0.12 23.26
N CYS D 195 -12.08 1.13 23.55
CA CYS D 195 -11.49 2.33 23.00
C CYS D 195 -10.84 3.10 24.14
N GLU D 196 -9.51 3.28 24.10
CA GLU D 196 -8.73 3.95 25.15
C GLU D 196 -8.22 5.29 24.63
N VAL D 197 -8.65 6.38 25.27
CA VAL D 197 -8.38 7.72 24.78
C VAL D 197 -7.42 8.39 25.76
N THR D 198 -6.43 9.07 25.19
CA THR D 198 -5.46 9.85 25.94
C THR D 198 -5.41 11.22 25.31
N HIS D 199 -5.57 12.25 26.15
CA HIS D 199 -5.72 13.61 25.68
C HIS D 199 -5.37 14.57 26.82
N GLN D 200 -4.78 15.71 26.49
CA GLN D 200 -4.32 16.56 27.57
C GLN D 200 -5.47 17.07 28.45
N GLY D 201 -6.71 17.11 27.94
CA GLY D 201 -7.88 17.46 28.72
C GLY D 201 -8.32 16.44 29.78
N LEU D 202 -7.86 15.20 29.70
CA LEU D 202 -8.20 14.20 30.70
C LEU D 202 -7.04 13.99 31.68
N SER D 203 -7.38 13.65 32.94
CA SER D 203 -6.34 13.44 33.95
C SER D 203 -5.76 12.04 33.88
N SER D 204 -6.58 11.05 33.54
CA SER D 204 -6.18 9.68 33.27
C SER D 204 -6.71 9.27 31.90
N PRO D 205 -6.12 8.25 31.27
CA PRO D 205 -6.72 7.71 30.04
C PRO D 205 -8.08 7.10 30.32
N VAL D 206 -9.03 7.31 29.39
CA VAL D 206 -10.43 6.91 29.57
C VAL D 206 -10.74 5.77 28.62
N THR D 207 -11.34 4.70 29.14
CA THR D 207 -11.72 3.56 28.32
C THR D 207 -13.23 3.50 28.19
N LYS D 208 -13.74 3.49 26.96
CA LYS D 208 -15.11 3.04 26.71
C LYS D 208 -15.06 1.62 26.16
N SER D 209 -15.80 0.71 26.79
CA SER D 209 -15.83 -0.66 26.29
C SER D 209 -17.27 -1.17 26.16
N PHE D 210 -17.42 -2.27 25.41
CA PHE D 210 -18.65 -3.06 25.41
C PHE D 210 -18.33 -4.54 25.31
N ASN D 211 -19.26 -5.35 25.78
CA ASN D 211 -19.21 -6.80 25.64
C ASN D 211 -20.12 -7.23 24.49
N ARG D 212 -19.52 -7.80 23.45
CA ARG D 212 -20.23 -8.25 22.27
C ARG D 212 -21.40 -9.18 22.63
N GLY D 213 -22.63 -8.73 22.32
CA GLY D 213 -23.83 -9.46 22.68
C GLY D 213 -24.54 -9.04 23.95
N VAL E 2 -3.48 0.70 -42.38
CA VAL E 2 -3.02 2.00 -41.85
C VAL E 2 -3.69 3.16 -42.55
N GLN E 3 -4.36 4.00 -41.76
CA GLN E 3 -5.04 5.17 -42.30
C GLN E 3 -4.83 6.35 -41.38
N LEU E 4 -4.63 7.53 -41.96
CA LEU E 4 -4.47 8.81 -41.27
C LEU E 4 -5.52 9.78 -41.80
N VAL E 5 -6.41 10.29 -40.94
CA VAL E 5 -7.48 11.18 -41.41
C VAL E 5 -7.37 12.50 -40.70
N GLU E 6 -7.04 13.55 -41.44
CA GLU E 6 -6.89 14.89 -40.85
C GLU E 6 -8.17 15.70 -40.93
N SER E 7 -8.30 16.62 -39.99
CA SER E 7 -9.43 17.54 -39.99
C SER E 7 -9.01 18.84 -39.31
N GLY E 8 -9.77 19.88 -39.61
CA GLY E 8 -9.62 21.16 -38.94
C GLY E 8 -9.08 22.27 -39.79
N GLY E 9 -8.75 22.02 -41.07
CA GLY E 9 -8.31 23.11 -41.93
C GLY E 9 -9.42 24.12 -42.19
N GLY E 10 -9.00 25.32 -42.58
CA GLY E 10 -9.97 26.34 -42.91
C GLY E 10 -9.29 27.66 -43.24
N LEU E 11 -10.10 28.71 -43.29
CA LEU E 11 -9.67 30.04 -43.69
C LEU E 11 -9.55 30.91 -42.44
N ILE E 12 -8.37 31.50 -42.23
CA ILE E 12 -8.05 32.16 -40.97
C ILE E 12 -7.45 33.52 -41.28
N GLN E 13 -7.78 34.55 -40.43
CA GLN E 13 -7.16 35.84 -40.70
C GLN E 13 -5.80 35.91 -40.02
N PRO E 14 -4.86 36.72 -40.54
CA PRO E 14 -3.54 36.81 -39.90
C PRO E 14 -3.66 37.12 -38.41
N GLY E 15 -2.78 36.51 -37.63
CA GLY E 15 -2.83 36.56 -36.18
C GLY E 15 -3.80 35.61 -35.54
N GLY E 16 -4.52 34.79 -36.32
CA GLY E 16 -5.52 33.92 -35.77
C GLY E 16 -4.94 32.60 -35.27
N SER E 17 -5.84 31.75 -34.78
CA SER E 17 -5.47 30.46 -34.20
C SER E 17 -6.25 29.35 -34.89
N LEU E 18 -5.66 28.14 -34.92
CA LEU E 18 -6.30 26.96 -35.51
C LEU E 18 -5.71 25.66 -34.95
N ARG E 19 -6.54 24.66 -34.72
CA ARG E 19 -6.03 23.38 -34.26
C ARG E 19 -6.37 22.30 -35.27
N LEU E 20 -5.33 21.60 -35.76
CA LEU E 20 -5.50 20.48 -36.69
C LEU E 20 -5.47 19.17 -35.92
N SER E 21 -6.22 18.18 -36.41
CA SER E 21 -6.26 16.83 -35.84
C SER E 21 -5.95 15.81 -36.90
N CYS E 22 -5.51 14.63 -36.43
CA CYS E 22 -5.18 13.52 -37.31
C CYS E 22 -5.52 12.24 -36.55
N ALA E 23 -6.62 11.60 -36.90
CA ALA E 23 -7.04 10.35 -36.28
C ALA E 23 -6.36 9.20 -37.03
N ALA E 24 -5.64 8.36 -36.30
CA ALA E 24 -4.91 7.25 -36.86
C ALA E 24 -5.63 5.91 -36.61
N SER E 25 -5.50 5.03 -37.59
CA SER E 25 -6.06 3.70 -37.47
C SER E 25 -5.02 2.74 -38.04
N GLY E 26 -4.90 1.54 -37.47
CA GLY E 26 -3.96 0.56 -38.00
C GLY E 26 -2.58 0.53 -37.34
N PHE E 27 -2.33 1.40 -36.37
CA PHE E 27 -1.11 1.40 -35.59
C PHE E 27 -1.36 2.27 -34.36
N THR E 28 -0.37 2.32 -33.47
CA THR E 28 -0.46 3.04 -32.19
C THR E 28 0.37 4.31 -32.26
N VAL E 29 -0.30 5.46 -32.20
CA VAL E 29 0.40 6.75 -32.38
C VAL E 29 1.48 6.93 -31.32
N SER E 30 1.15 6.59 -30.07
CA SER E 30 2.08 6.76 -28.95
C SER E 30 3.36 5.97 -29.13
N SER E 31 3.33 4.91 -29.94
CA SER E 31 4.50 4.04 -30.12
C SER E 31 5.39 4.47 -31.28
N ASN E 32 5.12 5.61 -31.92
CA ASN E 32 5.77 5.96 -33.18
C ASN E 32 6.27 7.39 -33.13
N TYR E 33 7.15 7.71 -34.07
CA TYR E 33 7.41 9.10 -34.43
C TYR E 33 6.25 9.56 -35.31
N MET E 34 5.69 10.71 -34.99
CA MET E 34 4.62 11.31 -35.78
C MET E 34 5.05 12.71 -36.16
N SER E 35 4.68 13.17 -37.36
CA SER E 35 5.15 14.43 -37.89
C SER E 35 4.02 15.20 -38.56
N TRP E 36 4.19 16.52 -38.61
CA TRP E 36 3.41 17.41 -39.47
C TRP E 36 4.36 17.95 -40.55
N VAL E 37 3.92 17.80 -41.80
CA VAL E 37 4.62 18.26 -43.01
C VAL E 37 3.67 19.17 -43.80
N ARG E 38 4.14 20.32 -44.25
CA ARG E 38 3.23 21.17 -44.99
C ARG E 38 3.78 21.52 -46.36
N GLN E 39 2.86 22.00 -47.22
CA GLN E 39 3.21 22.26 -48.62
C GLN E 39 2.42 23.47 -49.11
N ALA E 40 3.13 24.56 -49.34
CA ALA E 40 2.50 25.78 -49.79
C ALA E 40 2.05 25.59 -51.24
N PRO E 41 0.99 26.29 -51.66
CA PRO E 41 0.45 26.08 -53.02
C PRO E 41 1.53 26.34 -54.06
N GLY E 42 1.77 25.35 -54.91
CA GLY E 42 2.79 25.42 -55.92
C GLY E 42 4.21 25.14 -55.46
N LYS E 43 4.42 24.82 -54.18
CA LYS E 43 5.76 24.76 -53.63
C LYS E 43 6.07 23.34 -53.15
N GLY E 44 7.24 23.19 -52.52
CA GLY E 44 7.68 21.90 -52.04
C GLY E 44 7.29 21.66 -50.58
N LEU E 45 7.78 20.54 -50.05
CA LEU E 45 7.48 20.11 -48.70
C LEU E 45 8.34 20.79 -47.64
N GLU E 46 7.72 21.10 -46.51
CA GLU E 46 8.40 21.64 -45.33
C GLU E 46 7.96 20.85 -44.09
N TRP E 47 8.90 20.15 -43.50
CA TRP E 47 8.62 19.41 -42.28
C TRP E 47 8.41 20.42 -41.14
N VAL E 48 7.24 20.38 -40.51
CA VAL E 48 6.88 21.39 -39.52
C VAL E 48 7.32 20.99 -38.13
N SER E 49 7.09 19.72 -37.80
CA SER E 49 7.28 19.33 -36.42
C SER E 49 7.23 17.83 -36.31
N VAL E 50 7.77 17.33 -35.20
CA VAL E 50 7.79 15.90 -34.93
C VAL E 50 7.65 15.69 -33.42
N ILE E 51 6.94 14.61 -33.05
CA ILE E 51 6.85 14.14 -31.67
C ILE E 51 7.32 12.68 -31.64
N TYR E 52 8.28 12.41 -30.76
CA TYR E 52 8.86 11.09 -30.59
C TYR E 52 7.96 10.23 -29.72
N SER E 53 8.15 8.91 -29.82
CA SER E 53 7.37 8.00 -29.00
C SER E 53 7.55 8.27 -27.51
N GLY E 54 8.75 8.70 -27.11
CA GLY E 54 9.02 9.15 -25.75
C GLY E 54 8.39 10.49 -25.37
N GLY E 55 7.83 11.21 -26.34
CA GLY E 55 7.20 12.49 -26.06
C GLY E 55 8.04 13.73 -26.31
N SER E 56 9.33 13.59 -26.66
CA SER E 56 10.13 14.74 -27.10
C SER E 56 9.50 15.34 -28.37
N THR E 57 9.66 16.65 -28.53
CA THR E 57 9.12 17.37 -29.69
C THR E 57 10.18 18.29 -30.28
N PHE E 58 10.13 18.45 -31.60
CA PHE E 58 11.04 19.36 -32.28
C PHE E 58 10.26 20.12 -33.35
N TYR E 59 10.67 21.37 -33.55
CA TYR E 59 9.95 22.28 -34.42
C TYR E 59 10.90 22.93 -35.42
N ALA E 60 10.36 23.29 -36.57
CA ALA E 60 11.13 24.10 -37.52
C ALA E 60 11.17 25.54 -37.03
N ASP E 61 12.31 26.20 -37.28
CA ASP E 61 12.48 27.58 -36.82
C ASP E 61 11.33 28.47 -37.24
N SER E 62 10.81 28.28 -38.47
CA SER E 62 9.71 29.11 -38.97
C SER E 62 8.46 29.09 -38.09
N VAL E 63 8.29 28.07 -37.24
CA VAL E 63 7.07 27.96 -36.47
C VAL E 63 7.31 27.89 -34.96
N LYS E 64 8.58 27.82 -34.51
CA LYS E 64 8.89 27.79 -33.07
C LYS E 64 8.14 28.89 -32.34
N GLY E 65 7.70 28.58 -31.13
CA GLY E 65 6.93 29.51 -30.35
C GLY E 65 5.50 29.73 -30.82
N ARG E 66 5.14 29.33 -32.05
CA ARG E 66 3.80 29.54 -32.54
C ARG E 66 2.98 28.26 -32.65
N PHE E 67 3.62 27.13 -32.98
CA PHE E 67 2.95 25.86 -33.19
C PHE E 67 3.30 24.87 -32.07
N THR E 68 2.38 23.97 -31.77
CA THR E 68 2.57 22.95 -30.72
C THR E 68 2.04 21.63 -31.20
N ILE E 69 2.88 20.62 -31.22
CA ILE E 69 2.45 19.29 -31.61
C ILE E 69 2.16 18.53 -30.33
N SER E 70 1.10 17.73 -30.36
CA SER E 70 0.81 16.90 -29.20
C SER E 70 0.02 15.70 -29.69
N ARG E 71 -0.31 14.82 -28.76
CA ARG E 71 -1.16 13.69 -29.11
C ARG E 71 -2.04 13.34 -27.93
N ASP E 72 -3.13 12.66 -28.24
CA ASP E 72 -3.95 11.98 -27.24
C ASP E 72 -3.78 10.48 -27.50
N ASN E 73 -3.02 9.82 -26.61
CA ASN E 73 -2.73 8.39 -26.75
C ASN E 73 -4.01 7.57 -26.76
N SER E 74 -4.93 7.87 -25.85
CA SER E 74 -6.14 7.03 -25.75
C SER E 74 -7.00 7.18 -26.99
N LYS E 75 -7.06 8.39 -27.53
CA LYS E 75 -7.80 8.63 -28.76
C LYS E 75 -7.02 8.23 -29.99
N ASN E 76 -5.75 7.87 -29.85
CA ASN E 76 -4.91 7.54 -31.00
C ASN E 76 -4.93 8.69 -32.01
N THR E 77 -4.83 9.94 -31.51
CA THR E 77 -4.96 11.13 -32.36
C THR E 77 -3.79 12.10 -32.16
N LEU E 78 -3.34 12.70 -33.27
CA LEU E 78 -2.23 13.65 -33.30
C LEU E 78 -2.81 15.04 -33.53
N TYR E 79 -2.22 16.06 -32.92
CA TYR E 79 -2.73 17.40 -33.00
C TYR E 79 -1.62 18.38 -33.32
N LEU E 80 -2.02 19.51 -33.93
CA LEU E 80 -1.15 20.66 -34.16
C LEU E 80 -1.91 21.93 -33.77
N GLN E 81 -1.52 22.57 -32.68
CA GLN E 81 -2.10 23.86 -32.33
C GLN E 81 -1.28 24.98 -33.00
N MET E 82 -1.96 25.93 -33.63
CA MET E 82 -1.32 27.04 -34.35
C MET E 82 -1.87 28.34 -33.81
N ASN E 83 -0.95 29.28 -33.52
CA ASN E 83 -1.25 30.61 -33.01
C ASN E 83 -0.47 31.63 -33.82
N SER E 84 -0.91 32.89 -33.80
CA SER E 84 -0.20 33.95 -34.53
C SER E 84 0.08 33.55 -35.96
N LEU E 85 -0.95 33.07 -36.64
CA LEU E 85 -0.81 32.60 -38.00
C LEU E 85 -0.51 33.77 -38.93
N ARG E 86 0.31 33.50 -39.94
CA ARG E 86 0.74 34.46 -40.92
C ARG E 86 0.36 33.97 -42.31
N ALA E 87 0.31 34.90 -43.27
CA ALA E 87 -0.04 34.52 -44.64
C ALA E 87 0.87 33.43 -45.17
N GLU E 88 2.13 33.45 -44.76
CA GLU E 88 3.14 32.46 -45.14
C GLU E 88 2.90 31.08 -44.56
N ASP E 89 1.97 30.94 -43.61
CA ASP E 89 1.62 29.63 -43.08
C ASP E 89 0.60 28.91 -43.97
N THR E 90 0.10 29.60 -44.99
CA THR E 90 -0.86 29.04 -45.95
C THR E 90 -0.28 27.82 -46.65
N ALA E 91 -0.99 26.68 -46.56
CA ALA E 91 -0.40 25.43 -47.05
C ALA E 91 -1.41 24.30 -46.85
N VAL E 92 -1.21 23.22 -47.58
CA VAL E 92 -1.81 21.93 -47.23
C VAL E 92 -0.95 21.29 -46.13
N TYR E 93 -1.59 20.95 -45.01
CA TYR E 93 -0.92 20.33 -43.86
C TYR E 93 -1.22 18.85 -43.86
N TYR E 94 -0.17 18.02 -43.90
CA TYR E 94 -0.23 16.57 -43.81
C TYR E 94 0.27 16.11 -42.43
N CYS E 95 -0.37 15.09 -41.87
CA CYS E 95 0.25 14.34 -40.79
C CYS E 95 0.86 13.09 -41.41
N ALA E 96 1.93 12.61 -40.81
CA ALA E 96 2.66 11.51 -41.41
C ALA E 96 3.26 10.66 -40.31
N ARG E 97 3.26 9.33 -40.50
CA ARG E 97 4.05 8.45 -39.64
C ARG E 97 5.52 8.55 -40.06
N ASP E 98 6.41 8.89 -39.11
CA ASP E 98 7.84 8.96 -39.35
C ASP E 98 8.52 7.69 -38.83
N LEU E 99 9.25 6.99 -39.69
CA LEU E 99 9.95 5.79 -39.28
C LEU E 99 11.22 6.10 -38.51
N GLY E 100 11.66 7.35 -38.51
CA GLY E 100 12.93 7.77 -37.97
C GLY E 100 13.73 8.50 -39.02
N THR E 101 14.28 9.65 -38.66
CA THR E 101 15.13 10.47 -39.52
C THR E 101 14.30 11.28 -40.51
N GLY E 102 12.97 11.29 -40.36
CA GLY E 102 12.11 12.04 -41.25
C GLY E 102 11.66 11.24 -42.45
N LEU E 103 11.53 9.92 -42.29
CA LEU E 103 11.16 9.00 -43.35
C LEU E 103 9.67 8.72 -43.25
N PHE E 104 8.89 9.28 -44.17
CA PHE E 104 7.44 9.33 -44.06
C PHE E 104 6.81 8.25 -44.93
N ASP E 105 6.43 7.13 -44.30
CA ASP E 105 5.87 6.05 -45.08
C ASP E 105 4.34 6.06 -45.15
N TYR E 106 3.64 6.66 -44.19
CA TYR E 106 2.20 6.81 -44.32
C TYR E 106 1.84 8.27 -44.14
N TRP E 107 0.86 8.73 -44.93
CA TRP E 107 0.46 10.13 -44.93
C TRP E 107 -1.06 10.27 -44.82
N GLY E 108 -1.50 11.37 -44.19
CA GLY E 108 -2.89 11.76 -44.23
C GLY E 108 -3.26 12.32 -45.61
N GLN E 109 -4.56 12.60 -45.79
CA GLN E 109 -4.99 13.14 -47.08
C GLN E 109 -4.64 14.61 -47.24
N GLY E 110 -4.32 15.31 -46.16
CA GLY E 110 -4.00 16.74 -46.10
C GLY E 110 -5.21 17.60 -45.84
N THR E 111 -4.99 18.70 -45.13
CA THR E 111 -6.05 19.68 -44.89
C THR E 111 -5.51 21.07 -45.22
N LEU E 112 -6.28 21.85 -45.98
CA LEU E 112 -5.79 23.16 -46.41
C LEU E 112 -6.01 24.19 -45.31
N VAL E 113 -4.96 24.95 -45.00
CA VAL E 113 -5.06 26.12 -44.14
C VAL E 113 -4.75 27.36 -44.98
N THR E 114 -5.70 28.28 -45.07
CA THR E 114 -5.48 29.54 -45.77
C THR E 114 -5.55 30.70 -44.80
N VAL E 115 -4.48 31.49 -44.78
CA VAL E 115 -4.37 32.63 -43.90
C VAL E 115 -4.36 33.90 -44.76
N SER E 116 -5.36 34.76 -44.57
CA SER E 116 -5.51 35.93 -45.41
C SER E 116 -6.42 36.96 -44.74
N SER E 117 -6.09 38.24 -44.89
CA SER E 117 -6.96 39.32 -44.47
C SER E 117 -8.02 39.66 -45.52
N ALA E 118 -7.86 39.16 -46.74
CA ALA E 118 -8.80 39.46 -47.80
C ALA E 118 -10.21 39.10 -47.38
N SER E 119 -11.14 39.98 -47.70
CA SER E 119 -12.54 39.75 -47.41
C SER E 119 -13.17 38.85 -48.48
N THR E 120 -14.19 38.13 -48.07
CA THR E 120 -14.89 37.23 -48.99
C THR E 120 -15.70 38.06 -49.96
N LYS E 121 -15.59 37.73 -51.25
CA LYS E 121 -16.08 38.59 -52.31
C LYS E 121 -16.27 37.75 -53.56
N GLY E 122 -17.41 37.90 -54.21
CA GLY E 122 -17.72 37.14 -55.40
C GLY E 122 -17.14 37.82 -56.63
N PRO E 123 -16.99 37.06 -57.70
CA PRO E 123 -16.23 37.54 -58.85
C PRO E 123 -17.03 38.46 -59.76
N SER E 124 -16.29 39.33 -60.44
CA SER E 124 -16.76 40.03 -61.62
C SER E 124 -16.44 39.18 -62.84
N VAL E 125 -17.42 38.97 -63.71
CA VAL E 125 -17.25 38.10 -64.87
C VAL E 125 -17.28 38.95 -66.13
N PHE E 126 -16.19 38.97 -66.88
CA PHE E 126 -16.16 39.75 -68.09
C PHE E 126 -16.03 38.87 -69.32
N PRO E 127 -16.71 39.22 -70.42
CA PRO E 127 -16.57 38.42 -71.65
C PRO E 127 -15.21 38.60 -72.30
N LEU E 128 -14.72 37.52 -72.90
CA LEU E 128 -13.58 37.56 -73.80
C LEU E 128 -14.20 37.26 -75.15
N ALA E 129 -14.61 38.33 -75.85
CA ALA E 129 -15.40 38.21 -77.06
C ALA E 129 -14.56 37.59 -78.19
N PRO E 130 -15.16 36.75 -79.03
CA PRO E 130 -14.41 36.19 -80.14
C PRO E 130 -14.07 37.31 -81.13
N SER E 131 -12.88 37.21 -81.71
CA SER E 131 -12.39 38.25 -82.61
C SER E 131 -13.27 38.36 -83.85
N SER E 132 -13.56 39.61 -84.26
CA SER E 132 -14.20 39.85 -85.56
C SER E 132 -13.43 39.22 -86.72
N LYS E 133 -12.13 38.94 -86.55
CA LYS E 133 -11.24 38.50 -87.61
C LYS E 133 -11.03 37.01 -87.62
N SER E 134 -11.78 36.26 -86.80
CA SER E 134 -11.65 34.81 -86.76
C SER E 134 -11.76 34.25 -88.17
N THR E 135 -10.92 33.25 -88.48
CA THR E 135 -10.84 32.70 -89.83
C THR E 135 -12.20 32.17 -90.25
N SER E 136 -12.73 32.66 -91.36
CA SER E 136 -13.94 32.07 -91.91
C SER E 136 -13.70 30.59 -92.18
N GLY E 137 -14.68 29.75 -91.80
CA GLY E 137 -14.53 28.31 -91.83
C GLY E 137 -13.50 27.72 -90.87
N GLY E 138 -12.87 28.53 -90.01
CA GLY E 138 -11.82 28.10 -89.11
C GLY E 138 -12.31 27.92 -87.69
N THR E 139 -11.39 28.16 -86.74
CA THR E 139 -11.60 28.03 -85.30
C THR E 139 -11.56 29.41 -84.67
N ALA E 140 -12.51 29.72 -83.81
CA ALA E 140 -12.51 30.96 -83.05
C ALA E 140 -12.31 30.64 -81.57
N ALA E 141 -11.81 31.60 -80.81
CA ALA E 141 -11.70 31.41 -79.36
C ALA E 141 -12.51 32.48 -78.66
N LEU E 142 -13.17 32.09 -77.57
CA LEU E 142 -13.89 33.05 -76.73
C LEU E 142 -13.77 32.57 -75.29
N GLY E 143 -14.21 33.41 -74.36
CA GLY E 143 -14.01 33.01 -72.98
C GLY E 143 -14.63 33.96 -71.99
N CYS E 144 -14.33 33.73 -70.73
CA CYS E 144 -14.78 34.56 -69.62
C CYS E 144 -13.59 34.80 -68.73
N LEU E 145 -13.44 36.04 -68.28
CA LEU E 145 -12.47 36.41 -67.27
C LEU E 145 -13.20 36.58 -65.93
N VAL E 146 -12.86 35.77 -64.96
CA VAL E 146 -13.51 35.73 -63.67
C VAL E 146 -12.55 36.37 -62.68
N LYS E 147 -12.79 37.61 -62.33
CA LYS E 147 -11.79 38.46 -61.69
C LYS E 147 -12.21 38.90 -60.29
N ASP E 148 -11.24 39.01 -59.40
CA ASP E 148 -11.36 39.67 -58.09
C ASP E 148 -12.33 38.93 -57.16
N TYR E 149 -12.02 37.68 -56.86
CA TYR E 149 -12.86 36.92 -55.94
C TYR E 149 -12.00 36.35 -54.82
N PHE E 150 -12.67 35.97 -53.74
CA PHE E 150 -11.92 35.36 -52.64
C PHE E 150 -12.92 34.67 -51.73
N PRO E 151 -12.59 33.48 -51.23
CA PRO E 151 -11.39 32.71 -51.55
C PRO E 151 -11.61 31.73 -52.70
N GLU E 152 -10.62 30.88 -52.98
CA GLU E 152 -10.85 29.71 -53.81
C GLU E 152 -11.94 28.82 -53.18
N PRO E 153 -12.67 28.04 -54.00
CA PRO E 153 -12.63 27.93 -55.47
C PRO E 153 -13.83 28.61 -56.17
N VAL E 154 -13.70 28.82 -57.47
CA VAL E 154 -14.85 29.10 -58.30
C VAL E 154 -15.05 27.89 -59.21
N THR E 155 -16.28 27.65 -59.64
CA THR E 155 -16.51 26.64 -60.67
C THR E 155 -17.06 27.33 -61.92
N VAL E 156 -16.66 26.85 -63.09
CA VAL E 156 -17.01 27.43 -64.37
C VAL E 156 -17.44 26.30 -65.30
N SER E 157 -18.60 26.47 -65.94
CA SER E 157 -19.01 25.59 -67.01
C SER E 157 -19.45 26.47 -68.18
N TRP E 158 -19.63 25.83 -69.34
CA TRP E 158 -20.14 26.52 -70.52
C TRP E 158 -21.47 25.91 -70.90
N ASN E 159 -22.47 26.77 -71.18
CA ASN E 159 -23.81 26.33 -71.62
C ASN E 159 -24.35 25.26 -70.66
N SER E 160 -24.17 25.49 -69.36
CA SER E 160 -24.62 24.61 -68.26
C SER E 160 -24.09 23.17 -68.40
N GLY E 161 -22.89 23.01 -68.99
CA GLY E 161 -22.29 21.69 -69.17
C GLY E 161 -22.59 21.01 -70.48
N ALA E 162 -23.45 21.60 -71.32
CA ALA E 162 -23.67 21.03 -72.65
C ALA E 162 -22.50 21.30 -73.59
N LEU E 163 -21.58 22.18 -73.22
CA LEU E 163 -20.38 22.48 -74.00
C LEU E 163 -19.16 22.16 -73.13
N THR E 164 -18.39 21.14 -73.51
CA THR E 164 -17.23 20.75 -72.71
C THR E 164 -16.01 20.59 -73.62
N SER E 165 -16.26 20.18 -74.84
CA SER E 165 -15.19 19.98 -75.81
C SER E 165 -14.47 21.30 -76.09
N GLY E 166 -13.15 21.29 -75.96
CA GLY E 166 -12.37 22.47 -76.28
C GLY E 166 -12.33 23.51 -75.19
N VAL E 167 -12.82 23.19 -74.00
CA VAL E 167 -12.81 24.12 -72.88
C VAL E 167 -11.47 23.98 -72.15
N HIS E 168 -10.89 25.12 -71.74
CA HIS E 168 -9.77 25.16 -70.81
C HIS E 168 -10.13 26.13 -69.70
N THR E 169 -10.28 25.64 -68.49
CA THR E 169 -10.40 26.54 -67.36
C THR E 169 -9.05 26.56 -66.69
N PHE E 170 -8.44 27.77 -66.57
CA PHE E 170 -7.06 27.88 -66.10
C PHE E 170 -6.98 27.90 -64.57
N PRO E 171 -5.84 27.53 -64.01
CA PRO E 171 -5.67 27.70 -62.55
C PRO E 171 -5.74 29.19 -62.22
N ALA E 172 -6.42 29.50 -61.13
CA ALA E 172 -6.50 30.89 -60.71
C ALA E 172 -5.11 31.38 -60.32
N VAL E 173 -4.91 32.69 -60.47
CA VAL E 173 -3.71 33.38 -59.99
C VAL E 173 -4.12 34.27 -58.83
N LEU E 174 -3.29 34.31 -57.79
CA LEU E 174 -3.49 35.24 -56.70
C LEU E 174 -2.92 36.60 -57.09
N GLN E 175 -3.75 37.63 -57.10
CA GLN E 175 -3.29 38.98 -57.44
C GLN E 175 -2.70 39.67 -56.21
N SER E 176 -1.98 40.76 -56.44
CA SER E 176 -1.36 41.48 -55.34
C SER E 176 -2.39 42.04 -54.38
N SER E 177 -3.63 42.25 -54.82
CA SER E 177 -4.68 42.68 -53.91
C SER E 177 -5.10 41.61 -52.92
N GLY E 178 -4.61 40.39 -53.06
CA GLY E 178 -5.09 39.29 -52.25
C GLY E 178 -6.32 38.60 -52.81
N LEU E 179 -6.79 39.01 -53.97
CA LEU E 179 -7.93 38.39 -54.61
C LEU E 179 -7.44 37.53 -55.76
N TYR E 180 -8.27 36.58 -56.14
CA TYR E 180 -7.93 35.66 -57.22
C TYR E 180 -8.58 36.12 -58.53
N SER E 181 -8.00 35.67 -59.63
CA SER E 181 -8.56 35.90 -60.94
C SER E 181 -8.21 34.69 -61.79
N LEU E 182 -9.12 34.31 -62.67
CA LEU E 182 -8.84 33.23 -63.62
C LEU E 182 -9.62 33.50 -64.90
N SER E 183 -9.27 32.75 -65.94
CA SER E 183 -10.01 32.82 -67.18
C SER E 183 -10.36 31.41 -67.62
N SER E 184 -11.47 31.31 -68.32
CA SER E 184 -11.89 30.05 -68.89
C SER E 184 -12.15 30.35 -70.35
N VAL E 185 -11.62 29.52 -71.24
CA VAL E 185 -11.78 29.76 -72.68
C VAL E 185 -12.32 28.49 -73.35
N VAL E 186 -12.85 28.68 -74.55
CA VAL E 186 -13.26 27.58 -75.40
C VAL E 186 -13.04 27.98 -76.87
N THR E 187 -12.59 27.00 -77.66
CA THR E 187 -12.46 27.14 -79.11
C THR E 187 -13.65 26.46 -79.78
N VAL E 188 -14.23 27.15 -80.76
CA VAL E 188 -15.47 26.70 -81.42
C VAL E 188 -15.36 27.03 -82.91
N PRO E 189 -16.22 26.45 -83.74
CA PRO E 189 -16.16 26.83 -85.17
C PRO E 189 -16.50 28.29 -85.33
N SER E 190 -15.67 29.01 -86.10
CA SER E 190 -16.02 30.36 -86.56
C SER E 190 -17.42 30.40 -87.15
N SER E 191 -17.80 29.36 -87.91
CA SER E 191 -19.11 29.31 -88.55
C SER E 191 -20.26 29.32 -87.54
N SER E 192 -20.02 28.91 -86.29
CA SER E 192 -21.08 28.91 -85.28
C SER E 192 -21.34 30.29 -84.70
N LEU E 193 -20.41 31.24 -84.83
CA LEU E 193 -20.57 32.50 -84.12
C LEU E 193 -21.82 33.20 -84.63
N GLY E 194 -22.55 33.86 -83.76
CA GLY E 194 -23.69 34.51 -84.44
C GLY E 194 -24.82 33.63 -85.00
N THR E 195 -24.78 32.30 -84.92
CA THR E 195 -26.04 31.63 -84.62
C THR E 195 -26.07 31.03 -83.22
N GLN E 196 -24.94 30.59 -82.70
CA GLN E 196 -24.91 29.87 -81.44
C GLN E 196 -24.70 30.83 -80.28
N THR E 197 -25.42 30.55 -79.18
CA THR E 197 -25.30 31.28 -77.94
C THR E 197 -24.27 30.56 -77.04
N TYR E 198 -23.31 31.33 -76.52
CA TYR E 198 -22.29 30.81 -75.61
C TYR E 198 -22.36 31.57 -74.30
N ILE E 199 -22.56 30.84 -73.20
CA ILE E 199 -22.78 31.38 -71.86
C ILE E 199 -21.81 30.68 -70.90
N CYS E 200 -21.03 31.46 -70.15
CA CYS E 200 -20.21 30.83 -69.11
C CYS E 200 -20.93 30.96 -67.76
N ASN E 201 -21.09 29.83 -67.06
CA ASN E 201 -21.74 29.80 -65.76
C ASN E 201 -20.66 29.70 -64.68
N VAL E 202 -20.60 30.74 -63.87
CA VAL E 202 -19.60 30.90 -62.83
C VAL E 202 -20.32 30.81 -61.49
N ASN E 203 -19.89 29.89 -60.63
CA ASN E 203 -20.47 29.74 -59.31
C ASN E 203 -19.38 29.92 -58.25
N HIS E 204 -19.66 30.75 -57.25
CA HIS E 204 -18.73 31.01 -56.15
C HIS E 204 -19.54 30.79 -54.88
N LYS E 205 -19.43 29.58 -54.36
CA LYS E 205 -20.18 29.19 -53.17
C LYS E 205 -19.76 29.97 -51.92
N PRO E 206 -18.48 30.36 -51.72
CA PRO E 206 -18.20 31.14 -50.50
C PRO E 206 -19.02 32.40 -50.39
N SER E 207 -19.19 33.16 -51.46
CA SER E 207 -20.20 34.20 -51.44
C SER E 207 -21.46 33.53 -51.96
N ASN E 208 -22.55 34.21 -52.09
CA ASN E 208 -23.66 33.45 -52.66
C ASN E 208 -23.80 33.79 -54.15
N THR E 209 -22.70 33.59 -54.89
CA THR E 209 -22.57 34.26 -56.18
C THR E 209 -22.74 33.25 -57.31
N LYS E 210 -23.73 33.48 -58.16
CA LYS E 210 -23.89 32.71 -59.40
C LYS E 210 -24.10 33.73 -60.52
N VAL E 211 -23.31 33.60 -61.58
CA VAL E 211 -23.33 34.54 -62.70
C VAL E 211 -23.37 33.74 -63.99
N ASP E 212 -24.30 34.08 -64.92
CA ASP E 212 -24.37 33.47 -66.23
C ASP E 212 -24.05 34.57 -67.24
N LYS E 213 -22.83 34.56 -67.79
CA LYS E 213 -22.39 35.63 -68.72
C LYS E 213 -22.50 35.14 -70.15
N LYS E 214 -23.43 35.72 -70.92
CA LYS E 214 -23.43 35.52 -72.37
C LYS E 214 -22.22 36.19 -73.01
N VAL E 215 -21.48 35.44 -73.84
CA VAL E 215 -20.29 35.94 -74.53
C VAL E 215 -20.63 35.98 -76.04
N GLU E 216 -20.70 37.19 -76.62
CA GLU E 216 -21.10 37.37 -78.00
C GLU E 216 -20.10 38.21 -78.79
N PRO E 217 -20.06 38.04 -80.12
CA PRO E 217 -19.17 38.88 -80.95
C PRO E 217 -19.55 40.34 -80.77
N LYS E 218 -18.54 41.20 -80.77
CA LYS E 218 -18.80 42.59 -80.42
C LYS E 218 -19.58 43.28 -81.54
N SER E 219 -20.37 44.29 -81.13
CA SER E 219 -21.01 45.17 -82.10
C SER E 219 -19.95 45.95 -82.85
N CYS E 220 -20.06 45.95 -84.19
CA CYS E 220 -18.97 46.45 -85.02
C CYS E 220 -19.46 46.93 -86.39
N ASP F 1 23.35 24.90 -43.71
CA ASP F 1 22.88 23.51 -43.81
C ASP F 1 23.26 22.85 -45.15
N ILE F 2 22.41 21.94 -45.61
CA ILE F 2 22.62 21.18 -46.84
C ILE F 2 21.50 21.53 -47.81
N GLN F 3 21.88 21.97 -49.01
CA GLN F 3 20.96 22.24 -50.11
C GLN F 3 20.92 21.02 -51.05
N LEU F 4 19.75 20.79 -51.64
CA LEU F 4 19.57 19.69 -52.60
C LEU F 4 19.13 20.27 -53.94
N THR F 5 19.75 19.79 -55.02
CA THR F 5 19.39 20.14 -56.39
C THR F 5 18.91 18.89 -57.12
N GLN F 6 18.02 19.09 -58.10
CA GLN F 6 17.52 17.97 -58.89
C GLN F 6 17.64 18.30 -60.36
N SER F 7 17.93 17.28 -61.16
CA SER F 7 17.96 17.47 -62.61
C SER F 7 17.47 16.21 -63.30
N PRO F 8 16.73 16.36 -64.41
CA PRO F 8 16.32 17.69 -64.89
C PRO F 8 15.14 18.25 -64.08
N SER F 9 14.80 19.55 -64.21
CA SER F 9 13.57 20.02 -63.60
C SER F 9 12.34 19.42 -64.28
N PHE F 10 12.43 19.17 -65.58
CA PHE F 10 11.33 18.68 -66.40
C PHE F 10 11.87 17.61 -67.31
N LEU F 11 11.11 16.53 -67.44
CA LEU F 11 11.48 15.43 -68.31
C LEU F 11 10.22 14.96 -69.02
N SER F 12 10.30 14.84 -70.33
CA SER F 12 9.25 14.19 -71.10
C SER F 12 9.71 12.81 -71.53
N ALA F 13 8.81 11.84 -71.42
CA ALA F 13 9.19 10.46 -71.65
C ALA F 13 7.96 9.71 -72.11
N SER F 14 8.18 8.54 -72.69
CA SER F 14 7.10 7.70 -73.19
C SER F 14 7.00 6.44 -72.36
N VAL F 15 5.81 5.83 -72.39
CA VAL F 15 5.59 4.57 -71.71
C VAL F 15 6.56 3.55 -72.27
N GLY F 16 7.30 2.88 -71.38
CA GLY F 16 8.33 1.95 -71.76
C GLY F 16 9.74 2.50 -71.72
N ASP F 17 9.90 3.81 -71.53
CA ASP F 17 11.24 4.38 -71.45
C ASP F 17 11.94 3.95 -70.17
N ARG F 18 13.27 3.88 -70.23
CA ARG F 18 14.07 3.91 -69.04
C ARG F 18 14.38 5.36 -68.72
N VAL F 19 14.16 5.75 -67.46
CA VAL F 19 14.15 7.13 -67.03
C VAL F 19 15.05 7.25 -65.80
N THR F 20 15.93 8.24 -65.80
CA THR F 20 16.85 8.39 -64.69
C THR F 20 16.93 9.86 -64.31
N ILE F 21 16.62 10.15 -63.04
CA ILE F 21 16.64 11.51 -62.53
C ILE F 21 17.61 11.58 -61.37
N THR F 22 18.26 12.73 -61.22
CA THR F 22 19.39 12.84 -60.32
C THR F 22 19.15 13.92 -59.27
N CYS F 23 19.76 13.69 -58.12
CA CYS F 23 19.74 14.58 -56.96
C CYS F 23 21.18 14.79 -56.53
N ARG F 24 21.58 16.05 -56.30
CA ARG F 24 22.91 16.37 -55.81
C ARG F 24 22.79 17.10 -54.49
N ALA F 25 23.64 16.74 -53.53
CA ALA F 25 23.68 17.43 -52.25
C ALA F 25 24.87 18.41 -52.22
N SER F 26 24.68 19.51 -51.48
CA SER F 26 25.74 20.49 -51.32
C SER F 26 26.93 19.92 -50.57
N GLN F 27 26.75 18.83 -49.84
CA GLN F 27 27.84 18.16 -49.16
C GLN F 27 27.43 16.70 -48.97
N GLY F 28 28.38 15.87 -48.52
CA GLY F 28 28.11 14.45 -48.40
C GLY F 28 27.09 14.15 -47.33
N ILE F 29 26.23 13.16 -47.61
CA ILE F 29 25.16 12.71 -46.71
C ILE F 29 25.12 11.19 -46.77
N SER F 30 25.92 10.66 -47.67
CA SER F 30 26.49 9.31 -47.76
C SER F 30 25.55 8.13 -48.01
N SER F 31 24.36 8.09 -47.44
CA SER F 31 23.35 7.15 -47.89
C SER F 31 21.95 7.61 -47.45
N TYR F 32 21.88 8.81 -46.87
CA TYR F 32 20.71 9.25 -46.12
C TYR F 32 19.79 10.04 -47.04
N LEU F 33 19.17 9.30 -47.94
CA LEU F 33 18.35 9.89 -48.98
C LEU F 33 17.11 9.04 -49.19
N ALA F 34 16.01 9.73 -49.46
CA ALA F 34 14.76 9.08 -49.80
C ALA F 34 14.22 9.72 -51.08
N TRP F 35 13.38 8.96 -51.77
CA TRP F 35 12.72 9.42 -52.98
C TRP F 35 11.22 9.20 -52.80
N TYR F 36 10.47 10.25 -53.12
CA TYR F 36 9.01 10.25 -53.08
C TYR F 36 8.44 10.61 -54.44
N GLN F 37 7.24 10.09 -54.70
CA GLN F 37 6.41 10.42 -55.86
C GLN F 37 5.20 11.22 -55.40
N GLN F 38 4.83 12.26 -56.15
CA GLN F 38 3.62 13.01 -55.82
C GLN F 38 2.87 13.39 -57.09
N LYS F 39 1.57 13.16 -57.05
CA LYS F 39 0.65 13.53 -58.10
C LYS F 39 -0.24 14.65 -57.60
N PRO F 40 -0.82 15.44 -58.51
CA PRO F 40 -1.57 16.63 -58.10
C PRO F 40 -2.76 16.27 -57.21
N GLY F 41 -2.93 17.05 -56.14
CA GLY F 41 -4.02 16.84 -55.22
C GLY F 41 -3.81 15.73 -54.20
N LYS F 42 -2.68 15.01 -54.28
CA LYS F 42 -2.42 13.83 -53.45
C LYS F 42 -1.18 14.00 -52.58
N ALA F 43 -1.16 13.29 -51.46
CA ALA F 43 0.00 13.25 -50.58
C ALA F 43 1.18 12.58 -51.29
N PRO F 44 2.41 12.92 -50.91
CA PRO F 44 3.57 12.21 -51.48
C PRO F 44 3.52 10.73 -51.11
N LYS F 45 4.23 9.92 -51.90
CA LYS F 45 4.32 8.47 -51.72
C LYS F 45 5.79 8.07 -51.67
N LEU F 46 6.19 7.36 -50.61
CA LEU F 46 7.57 6.96 -50.46
C LEU F 46 7.94 5.83 -51.42
N LEU F 47 9.05 5.99 -52.12
CA LEU F 47 9.54 5.00 -53.09
C LEU F 47 10.83 4.33 -52.64
N ILE F 48 11.85 5.12 -52.30
CA ILE F 48 13.18 4.59 -52.03
C ILE F 48 13.68 5.23 -50.73
N TYR F 49 14.29 4.44 -49.85
CA TYR F 49 14.96 5.01 -48.69
C TYR F 49 16.37 4.42 -48.57
N ALA F 50 17.21 5.08 -47.75
CA ALA F 50 18.61 4.72 -47.58
C ALA F 50 19.36 4.76 -48.91
N ALA F 51 18.81 5.55 -49.84
CA ALA F 51 19.28 5.84 -51.19
C ALA F 51 19.13 4.66 -52.15
N SER F 52 18.92 3.45 -51.62
CA SER F 52 18.97 2.25 -52.45
C SER F 52 17.89 1.22 -52.17
N THR F 53 17.10 1.33 -51.10
CA THR F 53 16.19 0.28 -50.68
C THR F 53 14.74 0.55 -51.11
N LEU F 54 14.15 -0.40 -51.83
CA LEU F 54 12.80 -0.26 -52.33
C LEU F 54 11.79 -0.39 -51.18
N GLN F 55 10.98 0.65 -51.00
CA GLN F 55 9.89 0.57 -50.05
C GLN F 55 8.92 -0.55 -50.48
N SER F 56 8.27 -1.16 -49.49
CA SER F 56 7.39 -2.30 -49.74
C SER F 56 6.09 -1.86 -50.42
N GLY F 57 5.61 -2.70 -51.35
CA GLY F 57 4.48 -2.39 -52.20
C GLY F 57 4.83 -1.59 -53.45
N VAL F 58 6.03 -1.02 -53.54
CA VAL F 58 6.42 -0.15 -54.64
C VAL F 58 6.97 -1.01 -55.78
N PRO F 59 6.46 -0.86 -57.00
CA PRO F 59 6.83 -1.80 -58.08
C PRO F 59 8.33 -1.87 -58.30
N SER F 60 8.75 -3.01 -58.86
CA SER F 60 10.17 -3.35 -59.00
C SER F 60 10.92 -2.46 -60.01
N ARG F 61 10.21 -1.81 -60.93
CA ARG F 61 10.87 -0.98 -61.93
C ARG F 61 11.56 0.23 -61.33
N PHE F 62 11.26 0.59 -60.09
CA PHE F 62 11.94 1.70 -59.44
C PHE F 62 13.20 1.17 -58.79
N SER F 63 14.29 1.90 -58.93
CA SER F 63 15.50 1.58 -58.18
C SER F 63 16.22 2.88 -57.88
N GLY F 64 17.16 2.82 -56.94
CA GLY F 64 17.99 3.99 -56.64
C GLY F 64 19.43 3.59 -56.41
N SER F 65 20.32 4.53 -56.66
CA SER F 65 21.72 4.29 -56.32
C SER F 65 22.40 5.63 -56.00
N GLY F 66 23.65 5.53 -55.58
CA GLY F 66 24.47 6.69 -55.34
C GLY F 66 24.85 6.82 -53.88
N SER F 67 25.70 7.82 -53.63
CA SER F 67 26.27 7.99 -52.30
C SER F 67 26.79 9.41 -52.15
N GLY F 68 27.06 9.78 -50.91
CA GLY F 68 27.85 10.97 -50.74
C GLY F 68 27.12 12.19 -51.23
N THR F 69 27.46 12.58 -52.45
CA THR F 69 26.98 13.81 -53.06
C THR F 69 26.04 13.61 -54.25
N GLU F 70 25.92 12.40 -54.81
CA GLU F 70 25.18 12.25 -56.06
C GLU F 70 24.35 10.98 -56.04
N PHE F 71 23.05 11.13 -56.35
CA PHE F 71 22.07 10.06 -56.18
C PHE F 71 21.15 10.02 -57.39
N THR F 72 20.73 8.82 -57.77
CA THR F 72 19.85 8.66 -58.92
C THR F 72 18.68 7.76 -58.55
N LEU F 73 17.54 8.07 -59.14
CA LEU F 73 16.36 7.22 -59.13
C LEU F 73 16.06 6.84 -60.58
N THR F 74 15.94 5.54 -60.83
CA THR F 74 15.76 5.00 -62.18
C THR F 74 14.45 4.24 -62.25
N ILE F 75 13.70 4.49 -63.32
CA ILE F 75 12.55 3.67 -63.66
C ILE F 75 12.94 2.90 -64.90
N SER F 76 13.07 1.58 -64.73
CA SER F 76 13.52 0.70 -65.81
C SER F 76 12.65 0.85 -67.05
N SER F 77 11.33 0.92 -66.86
CA SER F 77 10.37 0.89 -67.95
C SER F 77 9.16 1.73 -67.53
N LEU F 78 9.14 3.00 -67.93
CA LEU F 78 8.12 3.91 -67.45
C LEU F 78 6.72 3.41 -67.79
N GLN F 79 5.82 3.45 -66.81
CA GLN F 79 4.43 3.02 -66.96
C GLN F 79 3.47 4.20 -66.81
N PRO F 80 2.21 4.05 -67.27
CA PRO F 80 1.29 5.20 -67.27
C PRO F 80 1.07 5.84 -65.90
N GLU F 81 1.19 5.09 -64.82
CA GLU F 81 0.95 5.69 -63.52
C GLU F 81 2.18 6.42 -62.96
N ASP F 82 3.30 6.44 -63.67
CA ASP F 82 4.55 7.02 -63.18
C ASP F 82 4.74 8.47 -63.59
N PHE F 83 3.84 9.03 -64.41
CA PHE F 83 3.97 10.43 -64.76
C PHE F 83 3.59 11.23 -63.52
N ALA F 84 4.53 12.02 -63.02
CA ALA F 84 4.36 12.55 -61.67
C ALA F 84 5.51 13.48 -61.38
N THR F 85 5.52 14.08 -60.20
CA THR F 85 6.70 14.77 -59.71
C THR F 85 7.41 13.88 -58.69
N TYR F 86 8.74 13.96 -58.70
CA TYR F 86 9.61 13.16 -57.86
C TYR F 86 10.52 14.07 -57.07
N TYR F 87 10.54 13.86 -55.75
CA TYR F 87 11.35 14.64 -54.82
C TYR F 87 12.33 13.69 -54.12
N CYS F 88 13.56 14.14 -53.94
CA CYS F 88 14.50 13.50 -53.04
C CYS F 88 14.50 14.22 -51.70
N GLN F 89 14.89 13.49 -50.66
CA GLN F 89 14.86 14.06 -49.31
C GLN F 89 16.08 13.60 -48.54
N GLN F 90 16.81 14.55 -47.97
CA GLN F 90 17.91 14.19 -47.08
C GLN F 90 17.35 13.70 -45.76
N LEU F 91 17.51 12.42 -45.47
CA LEU F 91 17.08 11.86 -44.20
C LEU F 91 17.98 12.45 -43.13
N ASP F 92 17.48 13.53 -42.52
CA ASP F 92 18.23 14.46 -41.69
C ASP F 92 17.94 14.28 -40.21
N SER F 93 16.69 13.93 -39.86
CA SER F 93 16.11 13.76 -38.51
C SER F 93 15.74 15.06 -37.82
N TYR F 94 15.70 16.21 -38.51
CA TYR F 94 15.39 17.43 -37.77
C TYR F 94 14.51 18.42 -38.52
N PRO F 95 13.47 18.92 -37.86
CA PRO F 95 12.20 19.15 -38.50
C PRO F 95 12.19 20.19 -39.59
N PRO F 96 13.09 21.18 -39.66
CA PRO F 96 13.01 22.04 -40.86
C PRO F 96 12.99 21.19 -42.13
N GLY F 97 13.87 20.19 -42.19
CA GLY F 97 13.94 19.22 -43.26
C GLY F 97 14.67 19.74 -44.49
N THR F 98 15.18 18.81 -45.29
CA THR F 98 15.81 19.17 -46.55
C THR F 98 15.19 18.33 -47.67
N PHE F 99 14.54 19.00 -48.63
CA PHE F 99 13.94 18.38 -49.80
C PHE F 99 14.48 18.98 -51.08
N GLY F 100 14.55 18.16 -52.13
CA GLY F 100 14.85 18.62 -53.47
C GLY F 100 13.71 19.45 -54.05
N PRO F 101 14.00 20.23 -55.09
CA PRO F 101 12.95 21.05 -55.74
C PRO F 101 11.97 20.26 -56.58
N GLY F 102 12.25 18.98 -56.86
CA GLY F 102 11.40 18.10 -57.63
C GLY F 102 11.79 18.01 -59.09
N THR F 103 11.44 16.88 -59.71
CA THR F 103 11.51 16.66 -61.15
C THR F 103 10.14 16.20 -61.62
N LYS F 104 9.55 16.91 -62.55
CA LYS F 104 8.25 16.51 -63.10
C LYS F 104 8.46 15.72 -64.40
N VAL F 105 7.82 14.56 -64.48
CA VAL F 105 7.85 13.69 -65.65
C VAL F 105 6.48 13.76 -66.28
N ASP F 106 6.42 14.26 -67.52
CA ASP F 106 5.21 14.34 -68.33
C ASP F 106 5.34 13.48 -69.59
N ILE F 107 4.23 13.35 -70.30
CA ILE F 107 4.13 12.48 -71.46
C ILE F 107 4.68 13.19 -72.69
N LYS F 108 5.60 12.51 -73.38
CA LYS F 108 6.14 12.98 -74.66
C LYS F 108 5.12 12.83 -75.79
N ARG F 109 5.11 13.80 -76.70
CA ARG F 109 4.40 13.66 -77.96
C ARG F 109 5.10 14.56 -78.98
N THR F 110 4.56 14.59 -80.20
CA THR F 110 5.16 15.42 -81.24
C THR F 110 4.94 16.89 -80.93
N VAL F 111 5.90 17.71 -81.38
CA VAL F 111 5.82 19.15 -81.19
C VAL F 111 4.52 19.69 -81.79
N ALA F 112 3.82 20.55 -81.05
CA ALA F 112 2.61 21.21 -81.53
C ALA F 112 2.71 22.71 -81.23
N ALA F 113 2.70 23.52 -82.29
CA ALA F 113 2.71 24.97 -82.13
C ALA F 113 1.40 25.42 -81.52
N PRO F 114 1.40 26.43 -80.66
CA PRO F 114 0.13 26.91 -80.09
C PRO F 114 -0.66 27.66 -81.15
N SER F 115 -1.98 27.70 -80.95
CA SER F 115 -2.78 28.71 -81.62
C SER F 115 -2.95 29.88 -80.65
N VAL F 116 -2.81 31.09 -81.15
CA VAL F 116 -2.65 32.25 -80.29
C VAL F 116 -3.82 33.19 -80.49
N PHE F 117 -4.34 33.72 -79.39
CA PHE F 117 -5.48 34.62 -79.45
C PHE F 117 -5.27 35.77 -78.48
N ILE F 118 -5.57 37.00 -78.90
CA ILE F 118 -5.50 38.14 -77.99
C ILE F 118 -6.90 38.69 -77.80
N PHE F 119 -7.18 39.12 -76.57
CA PHE F 119 -8.49 39.62 -76.18
C PHE F 119 -8.33 40.98 -75.53
N PRO F 120 -8.89 42.04 -76.13
CA PRO F 120 -8.91 43.36 -75.49
C PRO F 120 -9.73 43.32 -74.21
N PRO F 121 -9.61 44.34 -73.36
CA PRO F 121 -10.51 44.42 -72.22
C PRO F 121 -11.91 44.66 -72.71
N SER F 122 -12.88 44.12 -71.96
CA SER F 122 -14.28 44.36 -72.27
C SER F 122 -14.66 45.80 -71.95
N ASP F 123 -15.60 46.34 -72.74
CA ASP F 123 -16.16 47.64 -72.41
C ASP F 123 -16.65 47.68 -70.96
N GLU F 124 -17.29 46.61 -70.47
CA GLU F 124 -17.81 46.60 -69.10
C GLU F 124 -16.69 46.78 -68.06
N GLN F 125 -15.59 46.05 -68.24
CA GLN F 125 -14.51 46.16 -67.27
C GLN F 125 -13.87 47.54 -67.33
N LEU F 126 -13.60 48.02 -68.55
CA LEU F 126 -12.99 49.34 -68.72
C LEU F 126 -13.81 50.41 -68.01
N LYS F 127 -15.14 50.36 -68.20
CA LYS F 127 -16.06 51.22 -67.48
C LYS F 127 -15.94 51.08 -65.95
N SER F 128 -15.50 49.92 -65.44
CA SER F 128 -15.24 49.89 -63.99
C SER F 128 -13.89 50.48 -63.56
N GLY F 129 -12.99 50.85 -64.47
CA GLY F 129 -11.73 51.47 -64.12
C GLY F 129 -10.45 50.68 -64.38
N THR F 130 -10.55 49.40 -64.73
CA THR F 130 -9.37 48.55 -64.95
C THR F 130 -9.41 47.93 -66.34
N ALA F 131 -8.23 47.59 -66.88
CA ALA F 131 -8.11 46.95 -68.18
C ALA F 131 -7.29 45.68 -68.05
N SER F 132 -7.89 44.56 -68.36
CA SER F 132 -7.16 43.31 -68.48
C SER F 132 -7.11 42.91 -69.95
N VAL F 133 -5.89 42.72 -70.46
CA VAL F 133 -5.68 42.18 -71.81
C VAL F 133 -5.29 40.74 -71.63
N VAL F 134 -5.89 39.83 -72.39
CA VAL F 134 -5.63 38.39 -72.23
C VAL F 134 -5.00 37.85 -73.52
N CYS F 135 -3.96 37.06 -73.37
CA CYS F 135 -3.37 36.31 -74.47
C CYS F 135 -3.48 34.82 -74.18
N LEU F 136 -4.02 34.05 -75.14
CA LEU F 136 -4.26 32.63 -75.00
C LEU F 136 -3.36 31.86 -75.95
N LEU F 137 -2.66 30.87 -75.42
CA LEU F 137 -1.90 29.89 -76.21
C LEU F 137 -2.60 28.54 -76.05
N ASN F 138 -3.13 28.02 -77.15
CA ASN F 138 -4.02 26.87 -77.09
C ASN F 138 -3.30 25.65 -77.67
N ASN F 139 -3.24 24.58 -76.85
CA ASN F 139 -2.97 23.19 -77.32
C ASN F 139 -1.57 23.04 -77.93
N PHE F 140 -0.54 23.31 -77.14
CA PHE F 140 0.84 23.28 -77.61
C PHE F 140 1.64 22.21 -76.85
N TYR F 141 2.77 21.81 -77.45
CA TYR F 141 3.70 20.87 -76.83
C TYR F 141 5.07 21.09 -77.45
N PRO F 142 6.16 21.11 -76.64
CA PRO F 142 6.29 20.90 -75.18
C PRO F 142 5.78 22.10 -74.35
N ARG F 143 5.87 22.03 -73.04
CA ARG F 143 5.23 23.06 -72.21
C ARG F 143 5.94 24.41 -72.29
N GLU F 144 7.21 24.43 -72.66
CA GLU F 144 8.00 25.66 -72.58
C GLU F 144 7.55 26.66 -73.66
N ALA F 145 7.05 27.81 -73.22
CA ALA F 145 6.65 28.84 -74.17
C ALA F 145 6.96 30.18 -73.54
N LYS F 146 7.12 31.17 -74.40
CA LYS F 146 7.44 32.53 -73.97
C LYS F 146 6.39 33.48 -74.51
N VAL F 147 5.75 34.24 -73.61
CA VAL F 147 4.82 35.31 -74.01
C VAL F 147 5.43 36.67 -73.65
N GLN F 148 5.46 37.59 -74.63
CA GLN F 148 5.94 38.96 -74.45
C GLN F 148 4.83 39.92 -74.82
N TRP F 149 4.45 40.77 -73.88
CA TRP F 149 3.50 41.84 -74.15
C TRP F 149 4.25 43.05 -74.68
N LYS F 150 3.71 43.66 -75.76
CA LYS F 150 4.22 44.91 -76.29
C LYS F 150 3.06 45.89 -76.44
N VAL F 151 3.28 47.10 -75.97
CA VAL F 151 2.28 48.15 -75.99
C VAL F 151 2.92 49.29 -76.75
N ASP F 152 2.36 49.62 -77.91
CA ASP F 152 3.00 50.54 -78.88
C ASP F 152 4.46 50.17 -79.11
N ASN F 153 4.72 48.88 -79.28
CA ASN F 153 6.03 48.26 -79.52
C ASN F 153 6.97 48.32 -78.33
N ALA F 154 6.54 48.80 -77.17
CA ALA F 154 7.38 48.78 -75.98
C ALA F 154 7.12 47.50 -75.23
N LEU F 155 8.19 46.72 -75.03
CA LEU F 155 8.07 45.51 -74.25
C LEU F 155 7.69 45.84 -72.81
N GLN F 156 6.66 45.15 -72.31
CA GLN F 156 6.23 45.24 -70.93
C GLN F 156 6.84 44.07 -70.16
N SER F 157 7.35 44.35 -68.96
CA SER F 157 7.87 43.31 -68.10
C SER F 157 7.33 43.56 -66.71
N GLY F 158 6.97 42.49 -66.03
CA GLY F 158 6.51 42.54 -64.66
C GLY F 158 5.02 42.55 -64.51
N ASN F 159 4.33 43.42 -65.25
CA ASN F 159 2.90 43.64 -65.04
C ASN F 159 1.98 42.56 -65.67
N SER F 160 2.47 41.35 -65.94
CA SER F 160 1.59 40.28 -66.38
C SER F 160 1.61 39.10 -65.40
N GLN F 161 0.57 38.29 -65.45
CA GLN F 161 0.59 37.01 -64.74
C GLN F 161 0.11 35.91 -65.68
N GLU F 162 0.62 34.69 -65.49
CA GLU F 162 0.44 33.55 -66.37
C GLU F 162 -0.11 32.38 -65.57
N SER F 163 -0.89 31.53 -66.23
CA SER F 163 -1.11 30.20 -65.68
C SER F 163 -1.25 29.20 -66.81
N VAL F 164 -0.96 27.94 -66.49
CA VAL F 164 -0.87 26.86 -67.45
C VAL F 164 -1.74 25.71 -66.95
N THR F 165 -2.43 25.06 -67.89
CA THR F 165 -3.21 23.87 -67.56
C THR F 165 -2.31 22.65 -67.33
N GLU F 166 -2.87 21.66 -66.65
CA GLU F 166 -2.26 20.34 -66.62
C GLU F 166 -2.29 19.71 -68.01
N GLN F 167 -1.30 18.85 -68.27
CA GLN F 167 -1.23 18.16 -69.57
C GLN F 167 -2.55 17.50 -69.90
N ASP F 168 -3.03 17.71 -71.13
CA ASP F 168 -4.38 17.28 -71.50
C ASP F 168 -4.48 15.76 -71.60
N SER F 169 -5.59 15.22 -71.12
CA SER F 169 -5.74 13.77 -71.01
C SER F 169 -5.96 13.09 -72.35
N LYS F 170 -6.46 13.82 -73.36
CA LYS F 170 -6.69 13.24 -74.68
C LYS F 170 -5.52 13.46 -75.64
N ASP F 171 -5.04 14.70 -75.79
CA ASP F 171 -4.03 14.96 -76.80
C ASP F 171 -2.66 15.31 -76.24
N SER F 172 -2.50 15.33 -74.91
CA SER F 172 -1.22 15.50 -74.25
C SER F 172 -0.59 16.88 -74.44
N THR F 173 -1.39 17.91 -74.77
CA THR F 173 -0.94 19.29 -74.94
C THR F 173 -1.13 20.12 -73.67
N TYR F 174 -0.62 21.36 -73.73
CA TYR F 174 -0.80 22.36 -72.69
C TYR F 174 -1.48 23.57 -73.30
N SER F 175 -2.19 24.32 -72.44
CA SER F 175 -2.64 25.65 -72.80
C SER F 175 -2.18 26.62 -71.73
N LEU F 176 -2.07 27.88 -72.13
CA LEU F 176 -1.52 28.91 -71.27
C LEU F 176 -2.30 30.19 -71.45
N SER F 177 -2.52 30.89 -70.35
CA SER F 177 -3.18 32.18 -70.34
C SER F 177 -2.25 33.19 -69.71
N SER F 178 -2.01 34.29 -70.41
CA SER F 178 -1.28 35.44 -69.88
C SER F 178 -2.24 36.62 -69.77
N THR F 179 -2.15 37.36 -68.67
CA THR F 179 -3.00 38.51 -68.44
C THR F 179 -2.12 39.73 -68.15
N LEU F 180 -2.30 40.77 -68.98
CA LEU F 180 -1.64 42.08 -68.83
C LEU F 180 -2.61 43.04 -68.15
N THR F 181 -2.21 43.62 -67.03
CA THR F 181 -3.14 44.41 -66.23
C THR F 181 -2.70 45.87 -66.20
N LEU F 182 -3.60 46.76 -66.58
CA LEU F 182 -3.33 48.19 -66.68
C LEU F 182 -4.49 48.97 -66.08
N SER F 183 -4.19 50.13 -65.50
CA SER F 183 -5.28 51.07 -65.19
C SER F 183 -5.90 51.52 -66.50
N LYS F 184 -7.18 51.87 -66.44
CA LYS F 184 -7.83 52.44 -67.61
C LYS F 184 -7.05 53.65 -68.16
N ALA F 185 -6.61 54.56 -67.28
CA ALA F 185 -5.91 55.74 -67.78
C ALA F 185 -4.70 55.36 -68.62
N ASP F 186 -3.85 54.48 -68.07
CA ASP F 186 -2.70 54.00 -68.81
C ASP F 186 -3.10 53.25 -70.07
N TYR F 187 -4.16 52.43 -69.99
CA TYR F 187 -4.58 51.69 -71.19
C TYR F 187 -4.94 52.66 -72.31
N GLU F 188 -5.59 53.74 -71.97
CA GLU F 188 -6.04 54.65 -73.02
C GLU F 188 -4.97 55.65 -73.44
N LYS F 189 -3.77 55.61 -72.85
CA LYS F 189 -2.70 56.40 -73.44
C LYS F 189 -1.94 55.66 -74.55
N HIS F 190 -2.39 54.48 -74.98
CA HIS F 190 -1.66 53.73 -76.01
C HIS F 190 -2.62 53.12 -77.03
N LYS F 191 -2.07 52.79 -78.20
CA LYS F 191 -2.87 52.29 -79.31
C LYS F 191 -2.71 50.80 -79.56
N VAL F 192 -1.49 50.32 -79.79
CA VAL F 192 -1.24 48.96 -80.31
C VAL F 192 -0.91 48.04 -79.15
N TYR F 193 -1.75 47.02 -78.93
CA TYR F 193 -1.53 46.00 -77.90
C TYR F 193 -1.24 44.70 -78.61
N ALA F 194 -0.09 44.08 -78.30
CA ALA F 194 0.34 42.87 -78.98
C ALA F 194 0.90 41.85 -78.00
N CYS F 195 0.68 40.59 -78.34
CA CYS F 195 1.14 39.43 -77.61
C CYS F 195 2.04 38.65 -78.55
N GLU F 196 3.34 38.55 -78.22
CA GLU F 196 4.32 37.85 -79.05
C GLU F 196 4.72 36.53 -78.40
N VAL F 197 4.60 35.45 -79.15
CA VAL F 197 4.75 34.12 -78.59
C VAL F 197 5.91 33.42 -79.28
N THR F 198 6.82 32.88 -78.46
CA THR F 198 7.95 32.06 -78.89
C THR F 198 7.72 30.63 -78.41
N HIS F 199 7.96 29.67 -79.29
CA HIS F 199 7.71 28.27 -78.99
C HIS F 199 8.46 27.41 -79.98
N GLN F 200 8.87 26.21 -79.53
CA GLN F 200 9.59 25.30 -80.40
C GLN F 200 8.84 24.99 -81.68
N GLY F 201 7.51 25.07 -81.69
CA GLY F 201 6.77 24.72 -82.87
C GLY F 201 6.61 25.83 -83.87
N LEU F 202 7.22 26.98 -83.58
CA LEU F 202 7.15 28.18 -84.40
C LEU F 202 8.56 28.51 -84.86
N SER F 203 8.80 28.51 -86.18
CA SER F 203 10.15 28.82 -86.66
C SER F 203 10.55 30.26 -86.30
N SER F 204 9.60 31.16 -86.13
CA SER F 204 9.85 32.50 -85.61
C SER F 204 8.62 32.92 -84.82
N PRO F 205 8.75 33.91 -83.93
CA PRO F 205 7.64 34.24 -83.01
C PRO F 205 6.36 34.68 -83.72
N VAL F 206 5.21 34.32 -83.15
CA VAL F 206 3.91 34.71 -83.68
C VAL F 206 3.39 35.88 -82.86
N THR F 207 2.90 36.92 -83.53
CA THR F 207 2.37 38.09 -82.85
C THR F 207 0.90 38.23 -83.18
N LYS F 208 0.08 38.38 -82.15
CA LYS F 208 -1.32 38.77 -82.33
C LYS F 208 -1.50 40.14 -81.70
N SER F 209 -2.25 41.01 -82.36
CA SER F 209 -2.38 42.38 -81.86
C SER F 209 -3.76 42.93 -82.18
N PHE F 210 -4.07 44.05 -81.52
CA PHE F 210 -5.22 44.89 -81.87
C PHE F 210 -4.87 46.35 -81.60
N ASN F 211 -5.63 47.25 -82.24
CA ASN F 211 -5.57 48.69 -81.99
C ASN F 211 -6.74 49.08 -81.10
N ARG F 212 -6.46 49.71 -79.98
CA ARG F 212 -7.52 50.07 -79.04
C ARG F 212 -8.52 50.96 -79.75
N GLY F 213 -9.80 50.64 -79.61
CA GLY F 213 -10.84 51.44 -80.23
C GLY F 213 -11.28 51.00 -81.61
N GLU F 214 -10.54 50.10 -82.25
CA GLU F 214 -10.94 49.55 -83.53
C GLU F 214 -11.51 48.15 -83.33
N CYS F 215 -12.11 47.63 -84.40
CA CYS F 215 -12.88 46.41 -84.26
C CYS F 215 -12.01 45.14 -84.22
N VAL G 2 6.24 -3.68 39.93
CA VAL G 2 4.87 -4.04 40.32
C VAL G 2 4.78 -4.36 41.80
N GLN G 3 4.04 -3.52 42.53
CA GLN G 3 3.81 -3.79 43.94
C GLN G 3 2.35 -3.54 44.26
N LEU G 4 1.83 -4.32 45.19
CA LEU G 4 0.48 -4.15 45.72
C LEU G 4 0.59 -4.06 47.23
N VAL G 5 0.15 -2.96 47.81
CA VAL G 5 0.26 -2.80 49.25
C VAL G 5 -1.12 -2.65 49.85
N GLU G 6 -1.55 -3.65 50.60
CA GLU G 6 -2.87 -3.67 51.19
C GLU G 6 -2.83 -3.10 52.58
N SER G 7 -3.96 -2.60 53.01
CA SER G 7 -4.08 -2.10 54.37
C SER G 7 -5.54 -2.13 54.78
N GLY G 8 -5.77 -1.91 56.06
CA GLY G 8 -7.10 -1.82 56.62
C GLY G 8 -7.55 -3.04 57.40
N GLY G 9 -6.78 -4.11 57.45
CA GLY G 9 -7.18 -5.25 58.24
C GLY G 9 -7.25 -4.93 59.73
N GLY G 10 -7.92 -5.80 60.47
CA GLY G 10 -7.98 -5.65 61.91
C GLY G 10 -9.02 -6.57 62.54
N LEU G 11 -9.37 -6.22 63.77
CA LEU G 11 -10.24 -7.03 64.61
C LEU G 11 -11.61 -6.38 64.68
N ILE G 12 -12.63 -7.08 64.20
CA ILE G 12 -14.00 -6.58 64.15
C ILE G 12 -14.91 -7.56 64.85
N GLN G 13 -15.88 -7.02 65.57
CA GLN G 13 -16.95 -7.82 66.14
C GLN G 13 -17.88 -8.29 65.03
N PRO G 14 -18.53 -9.45 65.18
CA PRO G 14 -19.45 -9.91 64.13
C PRO G 14 -20.56 -8.89 63.93
N GLY G 15 -20.99 -8.74 62.67
CA GLY G 15 -21.92 -7.70 62.30
C GLY G 15 -21.30 -6.34 62.03
N GLY G 16 -20.00 -6.18 62.25
CA GLY G 16 -19.34 -4.91 62.03
C GLY G 16 -18.98 -4.69 60.56
N SER G 17 -18.38 -3.54 60.30
CA SER G 17 -17.99 -3.15 58.95
C SER G 17 -16.49 -2.90 58.88
N LEU G 18 -15.94 -3.05 57.66
CA LEU G 18 -14.51 -2.86 57.46
C LEU G 18 -14.21 -2.55 56.00
N ARG G 19 -13.25 -1.67 55.76
CA ARG G 19 -12.87 -1.35 54.39
C ARG G 19 -11.40 -1.65 54.18
N LEU G 20 -11.08 -2.55 53.26
CA LEU G 20 -9.69 -2.80 52.88
C LEU G 20 -9.32 -1.97 51.67
N SER G 21 -8.04 -1.59 51.60
CA SER G 21 -7.48 -0.86 50.46
C SER G 21 -6.25 -1.57 49.91
N CYS G 22 -5.93 -1.31 48.65
CA CYS G 22 -4.78 -1.90 47.98
C CYS G 22 -4.20 -0.88 47.02
N ALA G 23 -3.06 -0.30 47.37
CA ALA G 23 -2.40 0.69 46.51
C ALA G 23 -1.50 -0.04 45.52
N ALA G 24 -1.65 0.24 44.25
CA ALA G 24 -0.91 -0.49 43.23
C ALA G 24 0.15 0.41 42.61
N SER G 25 1.25 -0.22 42.19
CA SER G 25 2.37 0.49 41.58
C SER G 25 2.92 -0.38 40.47
N GLY G 26 3.29 0.25 39.34
CA GLY G 26 3.88 -0.50 38.25
C GLY G 26 2.90 -0.92 37.17
N PHE G 27 1.63 -0.58 37.32
CA PHE G 27 0.63 -0.88 36.31
C PHE G 27 -0.58 -0.03 36.65
N THR G 28 -1.58 -0.11 35.79
CA THR G 28 -2.71 0.79 35.82
C THR G 28 -3.95 -0.03 36.15
N VAL G 29 -4.61 0.34 37.26
CA VAL G 29 -5.63 -0.54 37.83
C VAL G 29 -6.87 -0.56 36.93
N SER G 30 -7.24 0.61 36.42
CA SER G 30 -8.32 0.74 35.45
C SER G 30 -8.20 -0.30 34.32
N SER G 31 -6.97 -0.50 33.81
CA SER G 31 -6.78 -1.37 32.66
C SER G 31 -6.74 -2.85 33.03
N ASN G 32 -6.85 -3.21 34.29
CA ASN G 32 -6.69 -4.60 34.63
C ASN G 32 -7.91 -5.14 35.34
N TYR G 33 -8.07 -6.45 35.21
CA TYR G 33 -8.95 -7.18 36.10
C TYR G 33 -8.23 -7.28 37.44
N MET G 34 -8.90 -6.85 38.51
CA MET G 34 -8.33 -6.90 39.85
C MET G 34 -9.21 -7.79 40.73
N SER G 35 -8.59 -8.48 41.68
CA SER G 35 -9.31 -9.47 42.46
C SER G 35 -8.99 -9.32 43.95
N TRP G 36 -9.91 -9.79 44.77
CA TRP G 36 -9.66 -10.08 46.20
C TRP G 36 -9.81 -11.57 46.41
N VAL G 37 -8.75 -12.18 46.96
CA VAL G 37 -8.65 -13.60 47.27
C VAL G 37 -8.34 -13.74 48.75
N ARG G 38 -9.04 -14.61 49.45
CA ARG G 38 -8.82 -14.71 50.88
C ARG G 38 -8.47 -16.12 51.29
N GLN G 39 -7.85 -16.23 52.48
CA GLN G 39 -7.37 -17.51 52.95
C GLN G 39 -7.56 -17.55 54.46
N ALA G 40 -8.48 -18.41 54.92
CA ALA G 40 -8.69 -18.60 56.35
C ALA G 40 -7.49 -19.33 56.94
N PRO G 41 -7.18 -19.08 58.22
CA PRO G 41 -5.97 -19.69 58.81
C PRO G 41 -6.02 -21.21 58.70
N GLY G 42 -4.93 -21.78 58.16
CA GLY G 42 -4.83 -23.20 57.95
C GLY G 42 -5.66 -23.75 56.82
N LYS G 43 -6.35 -22.90 56.07
CA LYS G 43 -7.22 -23.32 54.99
C LYS G 43 -6.64 -22.91 53.63
N GLY G 44 -7.38 -23.21 52.57
CA GLY G 44 -6.96 -22.87 51.22
C GLY G 44 -7.50 -21.53 50.76
N LEU G 45 -7.27 -21.25 49.49
CA LEU G 45 -7.62 -19.95 48.91
C LEU G 45 -9.08 -19.90 48.48
N GLU G 46 -9.72 -18.74 48.69
CA GLU G 46 -11.08 -18.49 48.22
C GLU G 46 -11.14 -17.16 47.46
N TRP G 47 -11.37 -17.23 46.15
CA TRP G 47 -11.54 -16.04 45.32
C TRP G 47 -12.84 -15.35 45.73
N VAL G 48 -12.70 -14.18 46.36
CA VAL G 48 -13.82 -13.47 46.94
C VAL G 48 -14.54 -12.64 45.90
N SER G 49 -13.78 -11.93 45.07
CA SER G 49 -14.40 -10.93 44.21
C SER G 49 -13.46 -10.50 43.09
N VAL G 50 -14.04 -9.99 42.00
CA VAL G 50 -13.27 -9.53 40.85
C VAL G 50 -13.96 -8.32 40.24
N ILE G 51 -13.15 -7.38 39.76
CA ILE G 51 -13.61 -6.25 38.98
C ILE G 51 -12.90 -6.29 37.63
N TYR G 52 -13.69 -6.26 36.56
CA TYR G 52 -13.20 -6.19 35.19
C TYR G 52 -12.77 -4.78 34.86
N SER G 53 -11.94 -4.64 33.83
CA SER G 53 -11.45 -3.33 33.43
C SER G 53 -12.59 -2.47 32.91
N GLY G 54 -13.61 -3.09 32.30
CA GLY G 54 -14.83 -2.41 31.93
C GLY G 54 -15.68 -1.93 33.09
N GLY G 55 -15.41 -2.43 34.31
CA GLY G 55 -16.16 -2.03 35.48
C GLY G 55 -17.19 -3.03 35.96
N SER G 56 -17.40 -4.14 35.25
CA SER G 56 -18.27 -5.20 35.76
C SER G 56 -17.63 -5.89 36.95
N THR G 57 -18.44 -6.20 37.95
CA THR G 57 -17.98 -6.87 39.17
C THR G 57 -18.67 -8.22 39.36
N PHE G 58 -17.94 -9.18 39.95
CA PHE G 58 -18.51 -10.48 40.27
C PHE G 58 -18.07 -10.85 41.67
N TYR G 59 -18.98 -11.54 42.37
CA TYR G 59 -18.76 -11.91 43.76
C TYR G 59 -19.00 -13.41 43.97
N ALA G 60 -18.37 -13.95 45.01
CA ALA G 60 -18.71 -15.28 45.47
C ALA G 60 -20.00 -15.21 46.29
N ASP G 61 -20.76 -16.32 46.25
CA ASP G 61 -22.06 -16.33 46.92
C ASP G 61 -21.92 -16.10 48.42
N SER G 62 -20.87 -16.66 49.04
CA SER G 62 -20.60 -16.42 50.46
C SER G 62 -20.57 -14.94 50.86
N VAL G 63 -20.38 -14.02 49.92
CA VAL G 63 -20.23 -12.63 50.33
C VAL G 63 -21.15 -11.68 49.55
N LYS G 64 -21.83 -12.19 48.51
CA LYS G 64 -22.79 -11.37 47.77
C LYS G 64 -23.74 -10.66 48.74
N GLY G 65 -24.13 -9.44 48.39
CA GLY G 65 -24.91 -8.60 49.27
C GLY G 65 -24.16 -7.97 50.42
N ARG G 66 -22.97 -8.47 50.76
CA ARG G 66 -22.26 -7.95 51.92
C ARG G 66 -20.95 -7.27 51.56
N PHE G 67 -20.27 -7.72 50.52
CA PHE G 67 -18.99 -7.19 50.09
C PHE G 67 -19.16 -6.38 48.80
N THR G 68 -18.42 -5.27 48.66
CA THR G 68 -18.41 -4.50 47.42
C THR G 68 -16.98 -4.17 47.03
N ILE G 69 -16.59 -4.59 45.85
CA ILE G 69 -15.29 -4.21 45.28
C ILE G 69 -15.47 -2.89 44.57
N SER G 70 -14.47 -2.02 44.66
CA SER G 70 -14.49 -0.79 43.89
C SER G 70 -13.05 -0.35 43.64
N ARG G 71 -12.89 0.68 42.82
CA ARG G 71 -11.54 1.22 42.63
C ARG G 71 -11.63 2.73 42.47
N ASP G 72 -10.55 3.41 42.87
CA ASP G 72 -10.32 4.81 42.55
C ASP G 72 -9.23 4.82 41.46
N ASN G 73 -9.64 5.06 40.21
CA ASN G 73 -8.67 5.08 39.12
C ASN G 73 -7.64 6.18 39.30
N SER G 74 -8.06 7.35 39.83
CA SER G 74 -7.15 8.47 40.07
C SER G 74 -5.99 8.08 40.96
N LYS G 75 -6.28 7.60 42.17
CA LYS G 75 -5.21 7.19 43.07
C LYS G 75 -4.76 5.75 42.83
N ASN G 76 -5.18 5.13 41.74
CA ASN G 76 -4.69 3.81 41.34
C ASN G 76 -4.86 2.78 42.48
N THR G 77 -6.02 2.84 43.17
CA THR G 77 -6.25 2.03 44.38
C THR G 77 -7.50 1.16 44.25
N LEU G 78 -7.46 -0.03 44.87
CA LEU G 78 -8.56 -0.99 44.86
C LEU G 78 -9.10 -1.11 46.28
N TYR G 79 -10.40 -1.28 46.40
CA TYR G 79 -11.03 -1.32 47.70
C TYR G 79 -11.95 -2.53 47.79
N LEU G 80 -12.14 -3.00 49.04
CA LEU G 80 -13.16 -3.99 49.39
C LEU G 80 -13.91 -3.49 50.61
N GLN G 81 -15.16 -3.06 50.42
CA GLN G 81 -16.03 -2.71 51.53
C GLN G 81 -16.69 -4.01 52.02
N MET G 82 -16.61 -4.26 53.32
CA MET G 82 -17.19 -5.44 53.94
C MET G 82 -18.21 -4.99 54.97
N ASN G 83 -19.43 -5.55 54.90
CA ASN G 83 -20.48 -5.29 55.89
C ASN G 83 -21.00 -6.62 56.42
N SER G 84 -21.67 -6.57 57.57
CA SER G 84 -22.30 -7.76 58.14
C SER G 84 -21.28 -8.89 58.27
N LEU G 85 -20.15 -8.55 58.88
CA LEU G 85 -19.03 -9.47 58.98
C LEU G 85 -19.38 -10.59 59.95
N ARG G 86 -19.05 -11.81 59.56
CA ARG G 86 -19.25 -13.02 60.34
C ARG G 86 -17.91 -13.64 60.73
N ALA G 87 -17.95 -14.53 61.73
CA ALA G 87 -16.73 -15.15 62.22
C ALA G 87 -16.00 -15.91 61.13
N GLU G 88 -16.74 -16.52 60.20
CA GLU G 88 -16.19 -17.27 59.08
C GLU G 88 -15.58 -16.38 58.00
N ASP G 89 -15.73 -15.07 58.11
CA ASP G 89 -15.04 -14.18 57.17
C ASP G 89 -13.61 -13.94 57.60
N THR G 90 -13.24 -14.33 58.84
CA THR G 90 -11.87 -14.33 59.33
C THR G 90 -10.91 -14.97 58.33
N ALA G 91 -9.91 -14.21 57.89
CA ALA G 91 -8.97 -14.68 56.86
C ALA G 91 -7.92 -13.60 56.60
N VAL G 92 -6.85 -14.01 55.92
CA VAL G 92 -5.91 -13.05 55.33
C VAL G 92 -6.46 -12.69 53.94
N TYR G 93 -6.72 -11.41 53.75
CA TYR G 93 -7.28 -10.89 52.51
C TYR G 93 -6.13 -10.37 51.66
N TYR G 94 -6.03 -10.90 50.44
CA TYR G 94 -5.07 -10.50 49.41
C TYR G 94 -5.78 -9.76 48.29
N CYS G 95 -5.13 -8.72 47.77
CA CYS G 95 -5.50 -8.18 46.47
C CYS G 95 -4.55 -8.77 45.45
N ALA G 96 -5.04 -8.93 44.23
CA ALA G 96 -4.24 -9.59 43.20
C ALA G 96 -4.55 -8.99 41.83
N ARG G 97 -3.56 -8.99 40.96
CA ARG G 97 -3.78 -8.70 39.55
C ARG G 97 -4.25 -9.95 38.85
N ASP G 98 -5.44 -9.90 38.26
CA ASP G 98 -5.99 -10.92 37.39
C ASP G 98 -5.64 -10.56 35.95
N LEU G 99 -5.25 -11.55 35.16
CA LEU G 99 -5.08 -11.34 33.73
C LEU G 99 -6.19 -12.07 32.96
N GLY G 100 -7.40 -12.02 33.50
CA GLY G 100 -8.51 -12.79 33.02
C GLY G 100 -8.46 -14.22 33.55
N THR G 101 -9.60 -14.91 33.43
CA THR G 101 -9.80 -16.32 33.78
C THR G 101 -9.23 -16.70 35.16
N GLY G 102 -9.12 -15.73 36.06
CA GLY G 102 -8.76 -16.02 37.44
C GLY G 102 -7.30 -16.34 37.68
N LEU G 103 -6.40 -15.75 36.90
CA LEU G 103 -4.97 -16.03 36.95
C LEU G 103 -4.28 -14.88 37.67
N PHE G 104 -3.89 -15.11 38.91
CA PHE G 104 -3.29 -14.06 39.73
C PHE G 104 -1.77 -14.19 39.67
N ASP G 105 -1.12 -13.19 39.07
CA ASP G 105 0.33 -13.23 38.90
C ASP G 105 1.06 -12.23 39.79
N TYR G 106 0.38 -11.20 40.29
CA TYR G 106 0.93 -10.32 41.30
C TYR G 106 -0.03 -10.27 42.48
N TRP G 107 0.52 -10.35 43.68
CA TRP G 107 -0.26 -10.37 44.90
C TRP G 107 0.23 -9.32 45.89
N GLY G 108 -0.69 -8.73 46.63
CA GLY G 108 -0.34 -7.92 47.78
C GLY G 108 0.26 -8.79 48.89
N GLN G 109 0.64 -8.15 50.00
CA GLN G 109 1.23 -8.95 51.06
C GLN G 109 0.21 -9.61 51.97
N GLY G 110 -1.07 -9.23 51.87
CA GLY G 110 -2.11 -9.79 52.70
C GLY G 110 -2.36 -8.96 53.94
N THR G 111 -3.62 -8.83 54.34
CA THR G 111 -3.97 -8.11 55.57
C THR G 111 -4.95 -8.98 56.32
N LEU G 112 -4.74 -9.13 57.64
CA LEU G 112 -5.54 -10.06 58.40
C LEU G 112 -6.82 -9.40 58.88
N VAL G 113 -7.94 -10.06 58.64
CA VAL G 113 -9.23 -9.65 59.16
C VAL G 113 -9.71 -10.73 60.12
N THR G 114 -9.89 -10.38 61.38
CA THR G 114 -10.41 -11.32 62.37
C THR G 114 -11.74 -10.81 62.88
N VAL G 115 -12.76 -11.66 62.78
CA VAL G 115 -14.10 -11.34 63.24
C VAL G 115 -14.39 -12.20 64.47
N SER G 116 -14.60 -11.57 65.62
CA SER G 116 -14.82 -12.29 66.86
C SER G 116 -15.51 -11.41 67.89
N SER G 117 -16.43 -12.02 68.64
CA SER G 117 -17.05 -11.39 69.79
C SER G 117 -16.19 -11.43 71.04
N ALA G 118 -15.10 -12.19 71.03
CA ALA G 118 -14.35 -12.42 72.26
C ALA G 118 -13.77 -11.11 72.75
N SER G 119 -13.74 -10.93 74.05
CA SER G 119 -13.15 -9.72 74.61
C SER G 119 -11.63 -9.87 74.73
N THR G 120 -10.94 -8.75 74.60
CA THR G 120 -9.49 -8.75 74.79
C THR G 120 -9.17 -9.13 76.23
N LYS G 121 -8.24 -10.08 76.39
CA LYS G 121 -7.99 -10.72 77.69
C LYS G 121 -6.57 -11.26 77.69
N GLY G 122 -5.81 -10.96 78.74
CA GLY G 122 -4.47 -11.46 78.87
C GLY G 122 -4.47 -12.89 79.37
N PRO G 123 -3.45 -13.64 79.00
CA PRO G 123 -3.43 -15.08 79.33
C PRO G 123 -3.19 -15.32 80.80
N SER G 124 -3.64 -16.50 81.24
CA SER G 124 -3.11 -17.14 82.45
C SER G 124 -1.90 -18.00 82.06
N VAL G 125 -0.82 -17.91 82.80
CA VAL G 125 0.40 -18.66 82.52
C VAL G 125 0.61 -19.70 83.64
N PHE G 126 0.60 -20.97 83.26
CA PHE G 126 0.75 -22.06 84.22
C PHE G 126 2.02 -22.84 83.96
N PRO G 127 2.78 -23.19 84.98
CA PRO G 127 4.00 -23.99 84.77
C PRO G 127 3.67 -25.42 84.35
N LEU G 128 4.53 -25.97 83.49
CA LEU G 128 4.57 -27.41 83.15
C LEU G 128 5.86 -27.90 83.79
N ALA G 129 5.74 -28.37 85.05
CA ALA G 129 6.91 -28.66 85.88
C ALA G 129 7.68 -29.86 85.32
N PRO G 130 9.02 -29.85 85.39
CA PRO G 130 9.77 -31.03 84.92
C PRO G 130 9.52 -32.23 85.84
N SER G 131 9.44 -33.41 85.25
CA SER G 131 9.05 -34.60 85.99
C SER G 131 10.08 -34.93 87.07
N SER G 132 9.60 -35.37 88.23
CA SER G 132 10.53 -35.82 89.26
C SER G 132 11.34 -37.03 88.82
N LYS G 133 10.86 -37.75 87.80
CA LYS G 133 11.46 -38.98 87.31
C LYS G 133 12.38 -38.75 86.13
N SER G 134 12.73 -37.49 85.84
CA SER G 134 13.56 -37.23 84.66
C SER G 134 14.84 -38.06 84.76
N THR G 135 15.25 -38.61 83.61
CA THR G 135 16.42 -39.49 83.54
C THR G 135 17.65 -38.78 84.11
N SER G 136 18.17 -39.31 85.24
CA SER G 136 19.42 -38.81 85.80
C SER G 136 20.53 -38.85 84.76
N GLY G 137 21.21 -37.70 84.57
CA GLY G 137 22.19 -37.59 83.50
C GLY G 137 21.63 -37.56 82.08
N GLY G 138 20.31 -37.51 81.91
CA GLY G 138 19.70 -37.39 80.59
C GLY G 138 19.06 -36.02 80.34
N THR G 139 17.93 -36.03 79.64
CA THR G 139 17.22 -34.83 79.21
C THR G 139 15.88 -34.75 79.92
N ALA G 140 15.54 -33.55 80.43
CA ALA G 140 14.22 -33.27 80.99
C ALA G 140 13.49 -32.25 80.13
N ALA G 141 12.17 -32.21 80.25
CA ALA G 141 11.37 -31.24 79.52
C ALA G 141 10.56 -30.44 80.52
N LEU G 142 10.43 -29.14 80.28
CA LEU G 142 9.54 -28.32 81.10
C LEU G 142 8.94 -27.26 80.19
N GLY G 143 7.97 -26.52 80.70
CA GLY G 143 7.35 -25.55 79.82
C GLY G 143 6.32 -24.69 80.53
N CYS G 144 5.59 -23.96 79.71
CA CYS G 144 4.55 -23.05 80.14
C CYS G 144 3.33 -23.25 79.26
N LEU G 145 2.18 -23.31 79.91
CA LEU G 145 0.89 -23.28 79.25
C LEU G 145 0.34 -21.85 79.33
N VAL G 146 0.16 -21.23 78.19
CA VAL G 146 -0.32 -19.86 78.06
C VAL G 146 -1.76 -19.97 77.56
N LYS G 147 -2.71 -19.81 78.46
CA LYS G 147 -4.07 -20.26 78.25
C LYS G 147 -5.05 -19.11 78.38
N ASP G 148 -6.10 -19.15 77.54
CA ASP G 148 -7.27 -18.27 77.63
C ASP G 148 -6.89 -16.81 77.38
N TYR G 149 -6.37 -16.54 76.20
CA TYR G 149 -6.07 -15.16 75.88
C TYR G 149 -6.73 -14.78 74.58
N PHE G 150 -6.79 -13.48 74.32
CA PHE G 150 -7.37 -13.01 73.06
C PHE G 150 -7.05 -11.54 72.85
N PRO G 151 -6.72 -11.13 71.61
CA PRO G 151 -6.55 -11.97 70.42
C PRO G 151 -5.09 -12.41 70.21
N GLU G 152 -4.78 -13.06 69.09
CA GLU G 152 -3.38 -13.26 68.76
C GLU G 152 -2.69 -11.90 68.58
N PRO G 153 -1.36 -11.83 68.74
CA PRO G 153 -0.50 -12.93 69.19
C PRO G 153 -0.01 -12.74 70.63
N VAL G 154 0.68 -13.76 71.13
CA VAL G 154 1.42 -13.63 72.36
C VAL G 154 2.87 -13.91 71.98
N THR G 155 3.80 -13.36 72.74
CA THR G 155 5.21 -13.65 72.53
C THR G 155 5.73 -14.35 73.79
N VAL G 156 6.56 -15.38 73.60
CA VAL G 156 7.08 -16.19 74.68
C VAL G 156 8.59 -16.28 74.50
N SER G 157 9.34 -15.98 75.56
CA SER G 157 10.76 -16.29 75.59
C SER G 157 11.07 -16.99 76.90
N TRP G 158 12.25 -17.54 76.99
CA TRP G 158 12.70 -18.20 78.20
C TRP G 158 13.91 -17.44 78.76
N ASN G 159 13.89 -17.19 80.07
CA ASN G 159 15.01 -16.52 80.74
C ASN G 159 15.41 -15.24 80.01
N SER G 160 14.40 -14.47 79.59
CA SER G 160 14.59 -13.17 78.95
C SER G 160 15.36 -13.26 77.64
N GLY G 161 15.29 -14.41 76.97
CA GLY G 161 15.93 -14.61 75.70
C GLY G 161 17.29 -15.29 75.78
N ALA G 162 17.84 -15.50 76.99
CA ALA G 162 19.13 -16.18 77.09
C ALA G 162 19.05 -17.69 76.89
N LEU G 163 17.83 -18.23 76.87
CA LEU G 163 17.61 -19.66 76.62
C LEU G 163 16.76 -19.77 75.36
N THR G 164 17.34 -20.31 74.32
CA THR G 164 16.75 -20.45 73.01
C THR G 164 16.85 -21.88 72.49
N SER G 165 17.96 -22.54 72.77
CA SER G 165 18.21 -23.85 72.20
C SER G 165 17.27 -24.87 72.85
N GLY G 166 16.55 -25.62 72.03
CA GLY G 166 15.64 -26.63 72.54
C GLY G 166 14.27 -26.12 72.85
N VAL G 167 13.99 -24.84 72.56
CA VAL G 167 12.68 -24.24 72.76
C VAL G 167 11.79 -24.58 71.58
N HIS G 168 10.58 -25.05 71.89
CA HIS G 168 9.51 -25.20 70.90
C HIS G 168 8.33 -24.43 71.43
N THR G 169 7.99 -23.32 70.79
CA THR G 169 6.76 -22.62 71.15
C THR G 169 5.74 -22.96 70.09
N PHE G 170 4.62 -23.56 70.49
CA PHE G 170 3.70 -24.16 69.53
C PHE G 170 2.71 -23.13 68.99
N PRO G 171 2.14 -23.40 67.80
CA PRO G 171 1.07 -22.53 67.31
C PRO G 171 -0.12 -22.60 68.25
N ALA G 172 -0.73 -21.45 68.49
CA ALA G 172 -1.91 -21.42 69.34
C ALA G 172 -3.04 -22.19 68.68
N VAL G 173 -3.91 -22.75 69.51
CA VAL G 173 -5.15 -23.37 69.06
C VAL G 173 -6.29 -22.51 69.59
N LEU G 174 -7.31 -22.32 68.77
CA LEU G 174 -8.50 -21.60 69.18
C LEU G 174 -9.42 -22.56 69.93
N GLN G 175 -9.77 -22.23 71.16
CA GLN G 175 -10.68 -23.10 71.90
C GLN G 175 -12.13 -22.77 71.55
N SER G 176 -13.03 -23.65 71.97
CA SER G 176 -14.45 -23.39 71.76
C SER G 176 -14.90 -22.14 72.50
N SER G 177 -14.17 -21.71 73.52
CA SER G 177 -14.50 -20.49 74.22
C SER G 177 -14.26 -19.24 73.38
N GLY G 178 -13.61 -19.36 72.23
CA GLY G 178 -13.16 -18.22 71.44
C GLY G 178 -11.84 -17.65 71.89
N LEU G 179 -11.24 -18.21 72.92
CA LEU G 179 -9.93 -17.76 73.39
C LEU G 179 -8.87 -18.70 72.83
N TYR G 180 -7.65 -18.21 72.83
CA TYR G 180 -6.54 -19.01 72.36
C TYR G 180 -5.78 -19.61 73.53
N SER G 181 -5.06 -20.69 73.23
CA SER G 181 -4.25 -21.37 74.20
C SER G 181 -3.07 -21.97 73.43
N LEU G 182 -1.89 -21.89 74.02
CA LEU G 182 -0.69 -22.48 73.43
C LEU G 182 0.23 -22.91 74.56
N SER G 183 1.22 -23.70 74.21
CA SER G 183 2.25 -24.06 75.16
C SER G 183 3.61 -23.81 74.54
N SER G 184 4.58 -23.56 75.39
CA SER G 184 5.98 -23.42 74.99
C SER G 184 6.74 -24.38 75.87
N VAL G 185 7.62 -25.17 75.27
CA VAL G 185 8.39 -26.16 76.01
C VAL G 185 9.86 -25.95 75.71
N VAL G 186 10.69 -26.47 76.62
CA VAL G 186 12.11 -26.55 76.36
C VAL G 186 12.64 -27.82 77.01
N THR G 187 13.61 -28.44 76.34
CA THR G 187 14.31 -29.59 76.89
C THR G 187 15.69 -29.13 77.32
N VAL G 188 16.07 -29.55 78.52
CA VAL G 188 17.31 -29.10 79.18
C VAL G 188 17.94 -30.32 79.85
N PRO G 189 19.23 -30.23 80.20
CA PRO G 189 19.83 -31.35 80.92
C PRO G 189 19.19 -31.55 82.29
N SER G 190 18.86 -32.82 82.60
CA SER G 190 18.31 -33.16 83.92
C SER G 190 19.22 -32.69 85.06
N SER G 191 20.53 -32.71 84.82
CA SER G 191 21.50 -32.27 85.81
C SER G 191 21.37 -30.78 86.15
N SER G 192 20.89 -29.97 85.20
CA SER G 192 20.70 -28.54 85.45
C SER G 192 19.50 -28.25 86.35
N LEU G 193 18.55 -29.17 86.46
CA LEU G 193 17.41 -28.90 87.32
C LEU G 193 17.93 -28.62 88.72
N GLY G 194 17.26 -27.75 89.45
CA GLY G 194 17.74 -27.62 90.82
C GLY G 194 19.11 -26.96 91.06
N THR G 195 19.87 -26.60 90.02
CA THR G 195 20.69 -25.39 90.15
C THR G 195 20.21 -24.24 89.28
N GLN G 196 19.74 -24.53 88.07
CA GLN G 196 19.34 -23.49 87.12
C GLN G 196 17.89 -23.06 87.33
N THR G 197 17.65 -21.77 87.17
CA THR G 197 16.32 -21.17 87.19
C THR G 197 15.80 -21.08 85.76
N TYR G 198 14.54 -21.48 85.55
CA TYR G 198 13.88 -21.42 84.23
C TYR G 198 12.63 -20.57 84.35
N ILE G 199 12.58 -19.48 83.58
CA ILE G 199 11.45 -18.56 83.63
C ILE G 199 10.91 -18.37 82.21
N CYS G 200 9.61 -18.52 82.05
CA CYS G 200 9.03 -18.18 80.76
C CYS G 200 8.43 -16.79 80.82
N ASN G 201 8.91 -15.91 79.94
CA ASN G 201 8.42 -14.55 79.78
C ASN G 201 7.33 -14.50 78.71
N VAL G 202 6.13 -14.12 79.12
CA VAL G 202 4.99 -14.05 78.23
C VAL G 202 4.56 -12.59 78.09
N ASN G 203 4.47 -12.09 76.86
CA ASN G 203 4.03 -10.73 76.57
C ASN G 203 2.80 -10.78 75.68
N HIS G 204 1.72 -10.14 76.11
CA HIS G 204 0.49 -10.03 75.34
C HIS G 204 0.24 -8.53 75.21
N LYS G 205 0.68 -7.98 74.08
CA LYS G 205 0.57 -6.55 73.78
C LYS G 205 -0.87 -6.04 73.64
N PRO G 206 -1.85 -6.83 73.11
CA PRO G 206 -3.23 -6.29 73.05
C PRO G 206 -3.76 -5.88 74.41
N SER G 207 -3.83 -6.78 75.37
CA SER G 207 -3.93 -6.30 76.74
C SER G 207 -2.58 -5.72 77.11
N ASN G 208 -2.45 -5.09 78.25
CA ASN G 208 -1.08 -4.72 78.59
C ASN G 208 -0.55 -5.74 79.58
N THR G 209 -0.30 -6.95 79.07
CA THR G 209 0.02 -8.07 79.96
C THR G 209 1.45 -8.53 79.75
N LYS G 210 2.21 -8.55 80.85
CA LYS G 210 3.57 -9.09 80.88
C LYS G 210 3.70 -9.98 82.12
N VAL G 211 3.92 -11.28 81.89
CA VAL G 211 3.98 -12.29 82.95
C VAL G 211 5.34 -12.99 82.87
N ASP G 212 5.99 -13.17 84.02
CA ASP G 212 7.25 -13.90 84.12
C ASP G 212 6.99 -15.07 85.08
N LYS G 213 6.86 -16.30 84.53
CA LYS G 213 6.50 -17.46 85.34
C LYS G 213 7.73 -18.33 85.55
N LYS G 214 8.20 -18.41 86.79
CA LYS G 214 9.21 -19.40 87.17
C LYS G 214 8.62 -20.81 87.11
N VAL G 215 9.40 -21.75 86.57
CA VAL G 215 8.99 -23.14 86.39
C VAL G 215 10.02 -23.99 87.12
N GLU G 216 9.59 -24.71 88.15
CA GLU G 216 10.52 -25.42 89.01
C GLU G 216 10.01 -26.83 89.32
N PRO G 217 10.91 -27.76 89.69
CA PRO G 217 10.46 -29.11 90.05
C PRO G 217 9.67 -29.04 91.33
N LYS G 218 8.78 -30.02 91.52
CA LYS G 218 7.85 -30.01 92.67
C LYS G 218 8.42 -30.69 93.91
N ILE H 2 -17.16 -27.92 39.58
CA ILE H 2 -16.00 -28.79 39.43
C ILE H 2 -15.21 -28.84 40.74
N GLN H 3 -14.78 -30.05 41.09
CA GLN H 3 -14.09 -30.36 42.36
C GLN H 3 -12.70 -30.90 42.06
N LEU H 4 -11.68 -30.40 42.79
CA LEU H 4 -10.30 -30.80 42.53
C LEU H 4 -9.67 -31.47 43.75
N THR H 5 -8.94 -32.56 43.50
CA THR H 5 -8.20 -33.31 44.51
C THR H 5 -6.72 -33.32 44.16
N GLN H 6 -5.88 -33.56 45.18
CA GLN H 6 -4.43 -33.51 45.00
C GLN H 6 -3.79 -34.71 45.68
N SER H 7 -2.73 -35.23 45.06
CA SER H 7 -1.98 -36.36 45.64
C SER H 7 -0.48 -36.26 45.34
N PRO H 8 0.39 -36.52 46.33
CA PRO H 8 -0.09 -36.75 47.70
C PRO H 8 -0.43 -35.42 48.37
N SER H 9 -0.87 -35.47 49.64
CA SER H 9 -1.05 -34.24 50.40
C SER H 9 0.17 -33.87 51.22
N PHE H 10 1.10 -34.81 51.40
CA PHE H 10 2.41 -34.55 51.97
C PHE H 10 3.43 -35.38 51.20
N LEU H 11 4.50 -34.73 50.77
CA LEU H 11 5.59 -35.41 50.08
C LEU H 11 6.91 -35.01 50.72
N SER H 12 7.73 -36.01 51.05
CA SER H 12 9.06 -35.81 51.59
C SER H 12 10.10 -36.09 50.52
N ALA H 13 10.98 -35.12 50.28
CA ALA H 13 11.95 -35.17 49.19
C ALA H 13 13.28 -34.66 49.71
N SER H 14 14.36 -35.11 49.08
CA SER H 14 15.69 -34.59 49.36
C SER H 14 16.11 -33.64 48.23
N VAL H 15 17.01 -32.72 48.56
CA VAL H 15 17.41 -31.72 47.58
C VAL H 15 18.08 -32.42 46.42
N GLY H 16 17.61 -32.11 45.20
CA GLY H 16 18.06 -32.79 44.01
C GLY H 16 17.24 -33.99 43.64
N ASP H 17 16.08 -34.19 44.27
CA ASP H 17 15.17 -35.24 43.91
C ASP H 17 14.33 -34.83 42.71
N ARG H 18 13.78 -35.84 42.02
CA ARG H 18 12.81 -35.64 40.95
C ARG H 18 11.43 -35.86 41.55
N VAL H 19 10.63 -34.79 41.62
CA VAL H 19 9.32 -34.84 42.26
C VAL H 19 8.21 -34.55 41.25
N THR H 20 7.14 -35.32 41.31
CA THR H 20 5.92 -35.03 40.57
C THR H 20 4.75 -35.17 41.54
N ILE H 21 3.80 -34.24 41.41
CA ILE H 21 2.60 -34.21 42.21
C ILE H 21 1.42 -34.04 41.27
N THR H 22 0.26 -34.49 41.72
CA THR H 22 -0.87 -34.74 40.83
C THR H 22 -2.10 -33.98 41.31
N CYS H 23 -2.90 -33.55 40.33
CA CYS H 23 -4.15 -32.83 40.53
C CYS H 23 -5.23 -33.46 39.66
N ARG H 24 -6.23 -34.06 40.30
CA ARG H 24 -7.33 -34.74 39.62
C ARG H 24 -8.57 -33.86 39.63
N ALA H 25 -9.17 -33.67 38.45
CA ALA H 25 -10.39 -32.91 38.31
C ALA H 25 -11.60 -33.83 38.31
N SER H 26 -12.73 -33.30 38.81
CA SER H 26 -13.98 -34.07 38.82
C SER H 26 -14.58 -34.16 37.43
N GLN H 27 -14.31 -33.19 36.57
CA GLN H 27 -14.79 -33.20 35.20
C GLN H 27 -13.65 -32.77 34.30
N GLY H 28 -13.89 -32.78 33.00
CA GLY H 28 -12.90 -32.28 32.07
C GLY H 28 -12.81 -30.78 32.17
N ILE H 29 -11.59 -30.28 32.36
CA ILE H 29 -11.32 -28.84 32.32
C ILE H 29 -10.33 -28.50 31.22
N SER H 30 -9.79 -29.52 30.56
CA SER H 30 -9.34 -29.50 29.17
C SER H 30 -8.08 -28.71 28.87
N SER H 31 -7.81 -27.61 29.58
CA SER H 31 -6.47 -27.05 29.59
C SER H 31 -6.31 -26.12 30.79
N TYR H 32 -7.38 -25.99 31.57
CA TYR H 32 -7.58 -24.80 32.39
C TYR H 32 -7.11 -25.05 33.81
N LEU H 33 -5.79 -24.96 34.01
CA LEU H 33 -5.21 -25.21 35.31
C LEU H 33 -3.98 -24.33 35.51
N ALA H 34 -3.84 -23.83 36.73
CA ALA H 34 -2.64 -23.13 37.16
C ALA H 34 -2.07 -23.83 38.40
N TRP H 35 -0.76 -23.69 38.55
CA TRP H 35 0.01 -24.17 39.69
C TRP H 35 0.62 -22.96 40.39
N TYR H 36 0.43 -22.90 41.70
CA TYR H 36 1.00 -21.86 42.55
C TYR H 36 1.85 -22.47 43.65
N GLN H 37 2.84 -21.69 44.09
CA GLN H 37 3.66 -22.01 45.25
C GLN H 37 3.33 -21.06 46.40
N GLN H 38 3.25 -21.59 47.61
CA GLN H 38 3.02 -20.77 48.79
C GLN H 38 3.88 -21.28 49.94
N LYS H 39 4.54 -20.36 50.61
CA LYS H 39 5.32 -20.56 51.81
C LYS H 39 4.60 -19.91 52.98
N PRO H 40 4.91 -20.32 54.21
CA PRO H 40 4.17 -19.80 55.37
C PRO H 40 4.31 -18.29 55.51
N GLY H 41 3.17 -17.64 55.78
CA GLY H 41 3.12 -16.21 56.00
C GLY H 41 3.24 -15.35 54.77
N LYS H 42 3.42 -15.93 53.58
CA LYS H 42 3.62 -15.21 52.33
C LYS H 42 2.46 -15.44 51.35
N ALA H 43 2.31 -14.51 50.41
CA ALA H 43 1.31 -14.67 49.35
C ALA H 43 1.70 -15.79 48.40
N PRO H 44 0.71 -16.47 47.79
CA PRO H 44 1.04 -17.45 46.74
C PRO H 44 1.83 -16.80 45.61
N LYS H 45 2.62 -17.62 44.89
CA LYS H 45 3.33 -17.18 43.69
C LYS H 45 2.97 -18.10 42.52
N LEU H 46 2.85 -17.49 41.34
CA LEU H 46 2.33 -18.19 40.16
C LEU H 46 3.42 -19.03 39.51
N LEU H 47 3.17 -20.33 39.35
CA LEU H 47 4.16 -21.21 38.75
C LEU H 47 3.82 -21.61 37.30
N ILE H 48 2.63 -22.16 37.09
CA ILE H 48 2.27 -22.75 35.80
C ILE H 48 0.85 -22.31 35.43
N TYR H 49 0.60 -22.10 34.15
CA TYR H 49 -0.74 -21.78 33.68
C TYR H 49 -1.01 -22.46 32.34
N ALA H 50 -2.30 -22.53 32.00
CA ALA H 50 -2.79 -23.33 30.87
C ALA H 50 -2.32 -24.77 30.98
N ALA H 51 -2.01 -25.19 32.20
CA ALA H 51 -1.57 -26.53 32.61
C ALA H 51 -0.15 -26.83 32.12
N SER H 52 0.39 -25.97 31.25
CA SER H 52 1.66 -26.28 30.59
C SER H 52 2.63 -25.12 30.49
N THR H 53 2.21 -23.88 30.70
CA THR H 53 3.07 -22.72 30.47
C THR H 53 3.79 -22.30 31.74
N LEU H 54 5.05 -21.95 31.59
CA LEU H 54 5.86 -21.46 32.70
C LEU H 54 5.93 -19.95 32.63
N GLN H 55 5.38 -19.28 33.65
CA GLN H 55 5.38 -17.81 33.69
C GLN H 55 6.81 -17.29 33.85
N SER H 56 6.94 -15.98 33.89
CA SER H 56 8.25 -15.38 33.76
C SER H 56 8.97 -15.35 35.10
N GLY H 57 10.28 -15.62 35.06
CA GLY H 57 11.13 -15.60 36.24
C GLY H 57 11.10 -16.87 37.05
N VAL H 58 10.46 -17.91 36.56
CA VAL H 58 10.24 -19.14 37.32
C VAL H 58 11.23 -20.19 36.82
N PRO H 59 11.97 -20.86 37.70
CA PRO H 59 13.10 -21.68 37.25
C PRO H 59 12.68 -22.85 36.39
N SER H 60 13.58 -23.21 35.48
CA SER H 60 13.29 -24.18 34.44
C SER H 60 12.89 -25.56 34.99
N ARG H 61 13.18 -25.85 36.26
CA ARG H 61 12.89 -27.17 36.79
C ARG H 61 11.38 -27.41 36.97
N PHE H 62 10.57 -26.35 37.02
CA PHE H 62 9.13 -26.54 37.12
C PHE H 62 8.54 -26.81 35.73
N SER H 63 7.70 -27.84 35.64
CA SER H 63 7.00 -28.11 34.38
C SER H 63 5.64 -28.72 34.68
N GLY H 64 4.70 -28.50 33.77
CA GLY H 64 3.34 -28.98 33.93
C GLY H 64 2.86 -29.78 32.74
N SER H 65 2.01 -30.76 33.05
CA SER H 65 1.51 -31.68 32.03
C SER H 65 0.08 -32.11 32.41
N GLY H 66 -0.64 -32.67 31.43
CA GLY H 66 -1.95 -33.25 31.64
C GLY H 66 -3.05 -32.44 30.95
N SER H 67 -4.26 -32.94 31.09
CA SER H 67 -5.46 -32.27 30.59
C SER H 67 -6.68 -33.05 31.07
N GLY H 68 -7.86 -32.51 30.75
CA GLY H 68 -9.07 -33.26 31.06
C GLY H 68 -9.24 -33.55 32.54
N THR H 69 -8.96 -34.79 32.93
CA THR H 69 -9.15 -35.24 34.31
C THR H 69 -7.86 -35.33 35.13
N GLU H 70 -6.67 -35.29 34.52
CA GLU H 70 -5.46 -35.49 35.31
C GLU H 70 -4.35 -34.54 34.92
N PHE H 71 -3.66 -33.99 35.94
CA PHE H 71 -2.60 -33.01 35.75
C PHE H 71 -1.43 -33.27 36.69
N THR H 72 -0.23 -32.96 36.22
CA THR H 72 0.99 -33.20 36.97
C THR H 72 1.85 -31.94 36.97
N LEU H 73 2.50 -31.71 38.11
CA LEU H 73 3.58 -30.73 38.24
C LEU H 73 4.84 -31.48 38.65
N THR H 74 5.91 -31.29 37.90
CA THR H 74 7.19 -31.95 38.14
C THR H 74 8.27 -30.90 38.36
N ILE H 75 9.10 -31.15 39.36
CA ILE H 75 10.34 -30.41 39.57
C ILE H 75 11.49 -31.39 39.36
N SER H 76 12.39 -31.03 38.44
CA SER H 76 13.43 -31.94 37.97
C SER H 76 14.34 -32.35 39.12
N SER H 77 14.91 -31.37 39.79
CA SER H 77 15.90 -31.56 40.85
C SER H 77 15.59 -30.47 41.88
N LEU H 78 14.85 -30.84 42.91
CA LEU H 78 14.31 -29.86 43.83
C LEU H 78 15.43 -29.12 44.56
N GLN H 79 15.18 -27.84 44.85
CA GLN H 79 16.14 -26.94 45.46
C GLN H 79 15.64 -26.43 46.81
N PRO H 80 16.54 -25.88 47.65
CA PRO H 80 16.11 -25.50 49.02
C PRO H 80 14.94 -24.54 49.09
N GLU H 81 14.73 -23.69 48.07
CA GLU H 81 13.66 -22.71 48.12
C GLU H 81 12.31 -23.25 47.64
N ASP H 82 12.25 -24.49 47.17
CA ASP H 82 11.02 -25.11 46.67
C ASP H 82 10.32 -25.98 47.71
N PHE H 83 10.85 -26.06 48.91
CA PHE H 83 10.10 -26.70 49.98
C PHE H 83 8.97 -25.77 50.35
N ALA H 84 7.73 -26.24 50.21
CA ALA H 84 6.60 -25.31 50.15
C ALA H 84 5.30 -26.06 49.95
N THR H 85 4.19 -25.34 49.86
CA THR H 85 2.91 -25.94 49.49
C THR H 85 2.62 -25.57 48.05
N TYR H 86 2.06 -26.53 47.30
CA TYR H 86 1.71 -26.33 45.90
C TYR H 86 0.21 -26.55 45.73
N TYR H 87 -0.41 -25.62 45.00
CA TYR H 87 -1.85 -25.56 44.81
C TYR H 87 -2.15 -25.57 43.31
N CYS H 88 -3.08 -26.42 42.86
CA CYS H 88 -3.63 -26.27 41.52
C CYS H 88 -4.95 -25.50 41.57
N GLN H 89 -5.23 -24.76 40.50
CA GLN H 89 -6.38 -23.88 40.44
C GLN H 89 -7.07 -23.94 39.09
N GLN H 90 -8.38 -24.15 39.13
CA GLN H 90 -9.22 -24.28 37.94
C GLN H 90 -9.52 -22.89 37.37
N LEU H 91 -9.01 -22.62 36.17
CA LEU H 91 -9.22 -21.34 35.51
C LEU H 91 -10.59 -21.29 34.83
N ASP H 92 -11.47 -20.37 35.26
CA ASP H 92 -12.77 -20.18 34.59
C ASP H 92 -13.18 -18.73 34.38
N SER H 93 -12.61 -17.77 35.14
CA SER H 93 -12.92 -16.33 35.23
C SER H 93 -14.05 -15.95 36.18
N TYR H 94 -14.64 -16.88 36.96
CA TYR H 94 -15.74 -16.44 37.81
C TYR H 94 -15.54 -16.86 39.27
N PRO H 95 -15.86 -15.96 40.20
CA PRO H 95 -15.06 -15.82 41.44
C PRO H 95 -14.95 -17.09 42.26
N PRO H 96 -16.07 -17.65 42.84
CA PRO H 96 -15.91 -18.47 44.06
C PRO H 96 -14.65 -19.31 44.03
N GLY H 97 -14.32 -19.83 42.85
CA GLY H 97 -13.06 -20.43 42.47
C GLY H 97 -12.97 -21.89 42.89
N THR H 98 -12.13 -22.63 42.19
CA THR H 98 -11.83 -24.00 42.58
C THR H 98 -10.33 -24.16 42.71
N PHE H 99 -9.88 -24.49 43.91
CA PHE H 99 -8.47 -24.74 44.20
C PHE H 99 -8.30 -26.15 44.73
N GLY H 100 -7.11 -26.71 44.50
CA GLY H 100 -6.75 -27.98 45.11
C GLY H 100 -6.65 -27.86 46.62
N PRO H 101 -6.69 -29.01 47.31
CA PRO H 101 -6.45 -29.00 48.77
C PRO H 101 -5.01 -28.69 49.14
N GLY H 102 -4.11 -28.60 48.16
CA GLY H 102 -2.70 -28.35 48.39
C GLY H 102 -1.90 -29.62 48.64
N THR H 103 -0.61 -29.55 48.34
CA THR H 103 0.31 -30.62 48.67
C THR H 103 1.62 -30.01 49.19
N LYS H 104 2.02 -30.40 50.40
CA LYS H 104 3.18 -29.79 51.04
C LYS H 104 4.40 -30.70 50.84
N VAL H 105 5.49 -30.12 50.32
CA VAL H 105 6.77 -30.81 50.18
C VAL H 105 7.72 -30.32 51.27
N ASP H 106 8.16 -31.24 52.10
CA ASP H 106 9.09 -31.02 53.20
C ASP H 106 10.36 -31.85 53.00
N ILE H 107 11.35 -31.54 53.82
CA ILE H 107 12.68 -32.15 53.74
C ILE H 107 12.64 -33.58 54.27
N LYS H 108 13.14 -34.52 53.48
CA LYS H 108 13.33 -35.87 53.97
C LYS H 108 14.55 -35.90 54.89
N ARG H 109 14.50 -36.78 55.88
CA ARG H 109 15.65 -37.09 56.71
C ARG H 109 15.42 -38.47 57.30
N THR H 110 16.43 -38.94 58.02
CA THR H 110 16.33 -40.25 58.67
C THR H 110 15.21 -40.26 59.69
N VAL H 111 14.60 -41.43 59.87
CA VAL H 111 13.47 -41.58 60.78
C VAL H 111 13.92 -41.37 62.22
N ALA H 112 13.18 -40.55 62.97
CA ALA H 112 13.49 -40.26 64.38
C ALA H 112 12.24 -40.44 65.23
N ALA H 113 12.33 -41.31 66.24
CA ALA H 113 11.24 -41.50 67.17
C ALA H 113 11.07 -40.27 68.05
N PRO H 114 9.84 -39.96 68.45
CA PRO H 114 9.64 -38.87 69.41
C PRO H 114 10.18 -39.21 70.78
N SER H 115 10.62 -38.18 71.50
CA SER H 115 10.74 -38.34 72.94
C SER H 115 9.46 -37.78 73.54
N VAL H 116 8.86 -38.51 74.49
CA VAL H 116 7.50 -38.24 74.93
C VAL H 116 7.49 -37.79 76.38
N PHE H 117 6.70 -36.77 76.65
CA PHE H 117 6.62 -36.21 77.98
C PHE H 117 5.17 -35.95 78.31
N ILE H 118 4.73 -36.36 79.49
CA ILE H 118 3.39 -36.03 79.94
C ILE H 118 3.48 -35.05 81.12
N PHE H 119 2.55 -34.10 81.15
CA PHE H 119 2.52 -33.06 82.18
C PHE H 119 1.13 -33.02 82.80
N PRO H 120 1.00 -33.24 84.11
CA PRO H 120 -0.28 -33.10 84.78
C PRO H 120 -0.71 -31.63 84.82
N PRO H 121 -1.99 -31.37 85.05
CA PRO H 121 -2.39 -30.01 85.38
C PRO H 121 -1.62 -29.46 86.58
N SER H 122 -1.21 -28.21 86.47
CA SER H 122 -0.55 -27.55 87.58
C SER H 122 -1.51 -27.31 88.74
N ASP H 123 -0.96 -27.24 89.95
CA ASP H 123 -1.75 -26.86 91.11
C ASP H 123 -2.43 -25.52 90.90
N GLU H 124 -1.70 -24.55 90.33
CA GLU H 124 -2.26 -23.21 90.10
C GLU H 124 -3.50 -23.26 89.19
N GLN H 125 -3.43 -24.03 88.11
CA GLN H 125 -4.58 -24.08 87.20
C GLN H 125 -5.75 -24.82 87.85
N LEU H 126 -5.48 -25.91 88.58
CA LEU H 126 -6.56 -26.64 89.24
C LEU H 126 -7.27 -25.75 90.25
N LYS H 127 -6.51 -24.96 91.01
CA LYS H 127 -7.08 -23.96 91.91
C LYS H 127 -7.98 -22.97 91.17
N SER H 128 -7.61 -22.58 89.95
CA SER H 128 -8.49 -21.67 89.19
C SER H 128 -9.73 -22.36 88.61
N GLY H 129 -9.83 -23.69 88.63
CA GLY H 129 -11.06 -24.36 88.25
C GLY H 129 -11.04 -25.22 87.00
N THR H 130 -9.89 -25.37 86.32
CA THR H 130 -9.84 -26.24 85.14
C THR H 130 -8.64 -27.16 85.22
N ALA H 131 -8.60 -28.15 84.32
CA ALA H 131 -7.49 -29.09 84.21
C ALA H 131 -7.09 -29.29 82.75
N SER H 132 -5.84 -28.98 82.43
CA SER H 132 -5.27 -29.34 81.14
C SER H 132 -4.15 -30.34 81.37
N VAL H 133 -4.17 -31.44 80.62
CA VAL H 133 -3.06 -32.41 80.61
C VAL H 133 -2.34 -32.26 79.29
N VAL H 134 -1.00 -32.16 79.34
CA VAL H 134 -0.22 -31.89 78.14
C VAL H 134 0.68 -33.08 77.83
N CYS H 135 0.67 -33.50 76.57
CA CYS H 135 1.60 -34.49 76.06
C CYS H 135 2.46 -33.86 74.97
N LEU H 136 3.77 -34.00 75.13
CA LEU H 136 4.75 -33.44 74.19
C LEU H 136 5.46 -34.57 73.47
N LEU H 137 5.47 -34.49 72.15
CA LEU H 137 6.29 -35.32 71.26
C LEU H 137 7.41 -34.45 70.71
N ASN H 138 8.64 -34.76 71.05
CA ASN H 138 9.77 -33.87 70.79
C ASN H 138 10.66 -34.50 69.72
N ASN H 139 10.90 -33.70 68.66
CA ASN H 139 11.92 -33.86 67.61
C ASN H 139 11.81 -35.23 66.92
N PHE H 140 10.71 -35.39 66.15
CA PHE H 140 10.45 -36.63 65.43
C PHE H 140 10.37 -36.38 63.92
N TYR H 141 10.46 -37.47 63.16
CA TYR H 141 10.33 -37.46 61.72
C TYR H 141 10.02 -38.88 61.28
N PRO H 142 9.03 -39.08 60.39
CA PRO H 142 8.27 -38.03 59.69
C PRO H 142 7.15 -37.41 60.54
N ARG H 143 6.40 -36.51 59.91
CA ARG H 143 5.44 -35.69 60.62
C ARG H 143 4.28 -36.54 61.17
N GLU H 144 3.91 -37.61 60.49
CA GLU H 144 2.75 -38.39 60.89
C GLU H 144 3.00 -39.06 62.24
N ALA H 145 2.22 -38.70 63.23
CA ALA H 145 2.26 -39.39 64.52
C ALA H 145 0.84 -39.39 65.06
N LYS H 146 0.58 -40.31 65.99
CA LYS H 146 -0.74 -40.45 66.56
C LYS H 146 -0.65 -40.40 68.07
N VAL H 147 -1.42 -39.50 68.69
CA VAL H 147 -1.49 -39.41 70.14
C VAL H 147 -2.84 -39.92 70.57
N GLN H 148 -2.86 -40.75 71.62
CA GLN H 148 -4.11 -41.25 72.18
C GLN H 148 -4.08 -41.02 73.67
N TRP H 149 -5.06 -40.30 74.18
CA TRP H 149 -5.22 -40.14 75.61
C TRP H 149 -6.03 -41.30 76.18
N LYS H 150 -5.55 -41.84 77.31
CA LYS H 150 -6.29 -42.84 78.07
C LYS H 150 -6.40 -42.36 79.50
N VAL H 151 -7.62 -42.31 80.01
CA VAL H 151 -7.89 -42.00 81.42
C VAL H 151 -8.46 -43.27 82.05
N ASP H 152 -7.78 -43.76 83.09
CA ASP H 152 -8.09 -45.07 83.71
C ASP H 152 -8.34 -46.14 82.66
N ASN H 153 -7.44 -46.20 81.68
CA ASN H 153 -7.40 -47.12 80.55
C ASN H 153 -8.54 -46.93 79.56
N ALA H 154 -9.47 -46.01 79.80
CA ALA H 154 -10.49 -45.70 78.81
C ALA H 154 -9.95 -44.67 77.84
N LEU H 155 -10.03 -44.97 76.55
CA LEU H 155 -9.60 -44.01 75.55
C LEU H 155 -10.57 -42.83 75.47
N GLN H 156 -9.98 -41.62 75.38
CA GLN H 156 -10.71 -40.36 75.24
C GLN H 156 -10.68 -39.90 73.79
N SER H 157 -11.81 -39.36 73.33
CA SER H 157 -11.94 -38.93 71.95
C SER H 157 -12.78 -37.66 71.93
N GLY H 158 -12.31 -36.63 71.23
CA GLY H 158 -13.08 -35.44 71.03
C GLY H 158 -12.73 -34.30 71.95
N ASN H 159 -12.14 -34.59 73.13
CA ASN H 159 -11.79 -33.54 74.08
C ASN H 159 -10.29 -33.21 74.11
N SER H 160 -9.55 -33.46 73.05
CA SER H 160 -8.18 -32.96 72.99
C SER H 160 -7.94 -32.09 71.76
N GLN H 161 -6.90 -31.27 71.83
CA GLN H 161 -6.47 -30.50 70.65
C GLN H 161 -4.96 -30.62 70.51
N GLU H 162 -4.49 -30.61 69.26
CA GLU H 162 -3.09 -30.80 68.88
C GLU H 162 -2.58 -29.58 68.12
N SER H 163 -1.29 -29.31 68.26
CA SER H 163 -0.65 -28.43 67.29
C SER H 163 0.79 -28.88 67.11
N VAL H 164 1.34 -28.58 65.94
CA VAL H 164 2.62 -29.09 65.48
C VAL H 164 3.49 -27.94 65.02
N THR H 165 4.77 -28.01 65.34
CA THR H 165 5.71 -27.00 64.87
C THR H 165 6.00 -27.16 63.36
N GLU H 166 6.49 -26.08 62.76
CA GLU H 166 7.07 -26.18 61.44
C GLU H 166 8.35 -27.01 61.52
N GLN H 167 8.72 -27.62 60.39
CA GLN H 167 9.91 -28.44 60.34
C GLN H 167 11.11 -27.62 60.81
N ASP H 168 11.94 -28.23 61.66
CA ASP H 168 12.97 -27.48 62.37
C ASP H 168 14.10 -27.10 61.42
N SER H 169 14.49 -25.83 61.47
CA SER H 169 15.56 -25.27 60.64
C SER H 169 16.84 -26.09 60.67
N LYS H 170 17.19 -26.63 61.84
CA LYS H 170 18.49 -27.26 62.03
C LYS H 170 18.46 -28.78 61.82
N ASP H 171 17.59 -29.51 62.50
CA ASP H 171 17.59 -30.97 62.37
C ASP H 171 16.39 -31.49 61.57
N SER H 172 15.53 -30.60 61.08
CA SER H 172 14.42 -30.96 60.18
C SER H 172 13.46 -32.01 60.79
N THR H 173 13.28 -31.97 62.12
CA THR H 173 12.30 -32.76 62.85
C THR H 173 11.02 -31.96 63.08
N TYR H 174 10.03 -32.62 63.70
CA TYR H 174 8.81 -31.99 64.15
C TYR H 174 8.63 -32.20 65.64
N SER H 175 7.97 -31.24 66.27
CA SER H 175 7.45 -31.47 67.61
C SER H 175 5.94 -31.25 67.65
N LEU H 176 5.29 -31.87 68.62
CA LEU H 176 3.85 -31.85 68.69
C LEU H 176 3.41 -31.72 70.13
N SER H 177 2.41 -30.88 70.35
CA SER H 177 1.79 -30.72 71.66
C SER H 177 0.33 -31.13 71.52
N SER H 178 -0.13 -32.01 72.39
CA SER H 178 -1.54 -32.32 72.47
C SER H 178 -1.99 -32.04 73.90
N THR H 179 -3.17 -31.45 74.02
CA THR H 179 -3.74 -31.01 75.27
C THR H 179 -5.09 -31.68 75.46
N LEU H 180 -5.26 -32.33 76.61
CA LEU H 180 -6.51 -32.94 77.02
C LEU H 180 -7.19 -32.03 78.03
N THR H 181 -8.42 -31.62 77.73
CA THR H 181 -9.11 -30.64 78.57
C THR H 181 -10.18 -31.35 79.38
N LEU H 182 -10.18 -31.10 80.69
CA LEU H 182 -11.13 -31.67 81.63
C LEU H 182 -11.55 -30.60 82.62
N SER H 183 -12.80 -30.67 83.04
CA SER H 183 -13.18 -29.95 84.23
C SER H 183 -12.42 -30.53 85.41
N LYS H 184 -12.12 -29.68 86.38
CA LYS H 184 -11.51 -30.17 87.61
C LYS H 184 -12.33 -31.33 88.20
N ALA H 185 -13.67 -31.21 88.22
CA ALA H 185 -14.49 -32.28 88.76
C ALA H 185 -14.15 -33.63 88.13
N ASP H 186 -14.18 -33.68 86.80
CA ASP H 186 -13.89 -34.94 86.12
C ASP H 186 -12.45 -35.39 86.32
N TYR H 187 -11.51 -34.45 86.31
CA TYR H 187 -10.11 -34.81 86.53
C TYR H 187 -9.93 -35.50 87.87
N GLU H 188 -10.58 -34.99 88.90
CA GLU H 188 -10.42 -35.55 90.23
C GLU H 188 -11.28 -36.79 90.47
N LYS H 189 -12.08 -37.18 89.49
CA LYS H 189 -12.72 -38.49 89.59
C LYS H 189 -11.87 -39.64 89.09
N HIS H 190 -10.71 -39.40 88.46
CA HIS H 190 -9.94 -40.50 87.90
C HIS H 190 -8.51 -40.47 88.43
N LYS H 191 -7.80 -41.58 88.23
CA LYS H 191 -6.47 -41.72 88.80
C LYS H 191 -5.36 -41.78 87.75
N VAL H 192 -5.51 -42.61 86.73
CA VAL H 192 -4.42 -42.91 85.81
C VAL H 192 -4.61 -42.12 84.52
N TYR H 193 -3.68 -41.19 84.25
CA TYR H 193 -3.71 -40.39 83.03
C TYR H 193 -2.53 -40.77 82.16
N ALA H 194 -2.78 -41.10 80.90
CA ALA H 194 -1.72 -41.65 80.08
C ALA H 194 -1.83 -41.15 78.66
N CYS H 195 -0.69 -40.90 78.07
CA CYS H 195 -0.56 -40.49 76.69
C CYS H 195 0.17 -41.59 75.95
N GLU H 196 -0.48 -42.17 74.94
CA GLU H 196 0.11 -43.24 74.16
C GLU H 196 0.41 -42.77 72.74
N VAL H 197 1.63 -42.99 72.28
CA VAL H 197 2.14 -42.39 71.06
C VAL H 197 2.53 -43.50 70.10
N THR H 198 2.03 -43.38 68.88
CA THR H 198 2.35 -44.24 67.76
C THR H 198 3.11 -43.43 66.74
N HIS H 199 4.17 -44.02 66.19
CA HIS H 199 5.03 -43.32 65.23
C HIS H 199 5.83 -44.37 64.46
N GLN H 200 6.21 -44.02 63.23
CA GLN H 200 7.04 -44.90 62.44
C GLN H 200 8.31 -45.33 63.18
N GLY H 201 8.90 -44.43 63.97
CA GLY H 201 10.14 -44.75 64.64
C GLY H 201 10.03 -45.61 65.86
N LEU H 202 8.81 -45.96 66.26
CA LEU H 202 8.54 -46.78 67.44
C LEU H 202 7.98 -48.14 67.01
N SER H 203 8.57 -49.22 67.51
CA SER H 203 8.13 -50.53 67.05
C SER H 203 6.81 -50.96 67.68
N SER H 204 6.59 -50.61 68.95
CA SER H 204 5.31 -50.67 69.63
C SER H 204 5.06 -49.31 70.27
N PRO H 205 3.81 -48.98 70.64
CA PRO H 205 3.52 -47.62 71.11
C PRO H 205 4.17 -47.30 72.45
N VAL H 206 4.51 -46.02 72.64
CA VAL H 206 5.13 -45.57 73.88
C VAL H 206 4.05 -44.90 74.72
N THR H 207 3.97 -45.28 75.99
CA THR H 207 3.01 -44.68 76.89
C THR H 207 3.74 -43.98 78.01
N LYS H 208 3.40 -42.72 78.24
CA LYS H 208 3.82 -42.03 79.45
C LYS H 208 2.58 -41.78 80.29
N SER H 209 2.72 -41.90 81.60
CA SER H 209 1.52 -41.81 82.41
C SER H 209 1.89 -41.27 83.77
N PHE H 210 0.85 -40.91 84.51
CA PHE H 210 1.02 -40.48 85.89
C PHE H 210 -0.26 -40.80 86.63
N ASN H 211 -0.14 -40.90 87.96
CA ASN H 211 -1.29 -41.08 88.83
C ASN H 211 -1.58 -39.77 89.54
N ARG H 212 -2.79 -39.27 89.37
CA ARG H 212 -3.16 -38.02 90.00
C ARG H 212 -2.88 -38.09 91.49
N GLY H 213 -2.19 -37.08 92.00
CA GLY H 213 -1.90 -36.98 93.42
C GLY H 213 -0.57 -37.53 93.87
N GLU H 214 0.10 -38.30 93.02
CA GLU H 214 1.40 -38.86 93.34
C GLU H 214 2.50 -37.95 92.81
N CYS H 215 3.75 -38.28 93.15
CA CYS H 215 4.88 -37.44 92.76
C CYS H 215 5.02 -37.28 91.24
C ACT I . -13.59 -7.87 -43.91
O ACT I . -14.17 -7.36 -44.97
OXT ACT I . -12.56 -8.61 -43.88
CH3 ACT I . -14.29 -7.55 -42.47
#